data_1XCO
#
_entry.id   1XCO
#
_cell.length_a   184.661
_cell.length_b   184.661
_cell.length_c   259.456
_cell.angle_alpha   90.00
_cell.angle_beta   90.00
_cell.angle_gamma   120.00
#
_symmetry.space_group_name_H-M   'P 64 2 2'
#
loop_
_entity.id
_entity.type
_entity.pdbx_description
1 polymer 'Phosphate acetyltransferase'
2 non-polymer 'SULFATE ION'
3 non-polymer ACETYLPHOSPHATE
4 water water
#
_entity_poly.entity_id   1
_entity_poly.type   'polypeptide(L)'
_entity_poly.pdbx_seq_one_letter_code
;GGGGGGMADLFSTVQEKVAGKDVKIVFPEGLDERILEAVSKLAGNKVLNPIVIGNENEIQAKAKELNLTLGGVKIYDPHT
YEGMEDLVQAFVERRKGKATEEQARKALLDENYFGTMLVYKGLADGLVSGAAHSTADTVRPALQIIKTKEGVKKTSGVFI
MARGEEQYVFADCAINIAPDSQDLAEIAIESANTAKMFDIEPRVAMLSFSTKGSAKSDETEKVADAVKIAKEKAPELTLD
GEFQFDAAFVPSVAEKKAPDSEIKGDANVFVFPSLEAGNIGYKIAQRLGNFEAVGPILQGLNMPVNDLSRGCNAEDVYNL
ALITAAQAL
;
_entity_poly.pdbx_strand_id   A,B,C,D,E,F
#
loop_
_chem_comp.id
_chem_comp.type
_chem_comp.name
_chem_comp.formula
SO4 non-polymer 'SULFATE ION' 'O4 S -2'
UVW non-polymer ACETYLPHOSPHATE 'C2 H5 O5 P'
#
# COMPACT_ATOMS: atom_id res chain seq x y z
N GLY A 6 21.02 12.62 17.13
CA GLY A 6 20.43 11.26 16.90
C GLY A 6 19.80 10.61 18.13
N MET A 7 19.96 9.28 18.26
CA MET A 7 19.38 8.54 19.40
C MET A 7 19.79 9.17 20.71
N ALA A 8 21.00 9.69 20.73
CA ALA A 8 21.56 10.32 21.91
C ALA A 8 20.63 11.37 22.49
N ASP A 9 20.00 12.18 21.64
CA ASP A 9 19.08 13.24 22.10
C ASP A 9 17.90 12.59 22.78
N LEU A 10 17.55 11.43 22.26
CA LEU A 10 16.42 10.69 22.79
C LEU A 10 16.64 10.23 24.23
N PHE A 11 17.90 9.94 24.58
CA PHE A 11 18.24 9.53 25.94
C PHE A 11 18.31 10.67 26.92
N SER A 12 18.85 11.81 26.47
CA SER A 12 18.96 12.98 27.35
C SER A 12 17.56 13.35 27.81
N THR A 13 16.58 13.04 26.97
CA THR A 13 15.16 13.28 27.22
C THR A 13 14.75 12.43 28.41
N VAL A 14 15.11 11.16 28.36
CA VAL A 14 14.79 10.21 29.41
C VAL A 14 15.56 10.63 30.67
N GLN A 15 16.89 10.72 30.56
CA GLN A 15 17.77 11.08 31.68
C GLN A 15 17.35 12.36 32.34
N GLU A 16 16.64 13.18 31.58
CA GLU A 16 16.13 14.44 32.08
C GLU A 16 15.08 14.19 33.14
N LYS A 17 14.19 13.22 32.87
CA LYS A 17 13.11 12.88 33.78
C LYS A 17 13.60 12.03 34.95
N VAL A 18 14.61 11.20 34.68
CA VAL A 18 15.17 10.26 35.67
C VAL A 18 16.13 10.85 36.69
N ALA A 19 17.11 11.60 36.19
CA ALA A 19 18.14 12.20 37.03
C ALA A 19 17.60 13.00 38.22
N GLY A 20 18.20 12.76 39.37
CA GLY A 20 17.79 13.48 40.57
C GLY A 20 16.73 12.81 41.43
N LYS A 21 15.77 12.12 40.82
CA LYS A 21 14.72 11.46 41.59
C LYS A 21 15.23 10.21 42.31
N ASP A 22 16.54 10.00 42.23
CA ASP A 22 17.21 8.85 42.86
C ASP A 22 16.35 7.56 43.01
N VAL A 23 16.16 6.94 41.87
CA VAL A 23 15.40 5.72 41.73
C VAL A 23 16.40 4.61 42.02
N LYS A 24 15.95 3.47 42.55
CA LYS A 24 16.91 2.40 42.80
C LYS A 24 16.75 1.40 41.68
N ILE A 25 17.86 0.94 41.11
CA ILE A 25 17.79 -0.07 40.08
C ILE A 25 18.76 -1.18 40.47
N VAL A 26 18.27 -2.42 40.48
CA VAL A 26 19.08 -3.60 40.85
C VAL A 26 19.72 -4.21 39.63
N PHE A 27 21.00 -4.53 39.75
CA PHE A 27 21.71 -5.15 38.68
C PHE A 27 22.20 -6.45 39.30
N PRO A 28 21.50 -7.55 39.05
CA PRO A 28 21.88 -8.87 39.59
C PRO A 28 23.30 -9.33 39.19
N GLU A 29 23.77 -8.97 38.00
CA GLU A 29 25.12 -9.40 37.56
C GLU A 29 26.29 -8.56 38.14
N GLY A 30 26.48 -8.70 39.44
CA GLY A 30 27.50 -7.96 40.15
C GLY A 30 28.96 -8.06 39.72
N LEU A 31 29.38 -9.19 39.15
CA LEU A 31 30.77 -9.25 38.74
C LEU A 31 31.00 -8.90 37.27
N ASP A 32 29.97 -8.44 36.58
CA ASP A 32 30.14 -8.11 35.18
C ASP A 32 30.73 -6.72 35.01
N GLU A 33 31.82 -6.63 34.23
CA GLU A 33 32.46 -5.33 34.05
C GLU A 33 31.63 -4.31 33.33
N ARG A 34 30.66 -4.78 32.55
CA ARG A 34 29.78 -3.86 31.85
C ARG A 34 28.87 -3.24 32.90
N ILE A 35 28.37 -4.08 33.80
CA ILE A 35 27.49 -3.56 34.81
C ILE A 35 28.26 -2.69 35.75
N LEU A 36 29.44 -3.15 36.17
CA LEU A 36 30.26 -2.38 37.09
C LEU A 36 30.66 -1.00 36.54
N GLU A 37 31.04 -0.93 35.25
CA GLU A 37 31.41 0.34 34.63
C GLU A 37 30.20 1.28 34.57
N ALA A 38 29.06 0.70 34.22
CA ALA A 38 27.83 1.47 34.12
C ALA A 38 27.36 1.93 35.51
N VAL A 39 27.35 0.98 36.45
CA VAL A 39 26.93 1.25 37.80
C VAL A 39 27.85 2.29 38.44
N SER A 40 29.14 2.16 38.16
CA SER A 40 30.13 3.10 38.68
C SER A 40 29.83 4.51 38.15
N LYS A 41 29.47 4.62 36.88
CA LYS A 41 29.18 5.93 36.33
C LYS A 41 27.84 6.52 36.78
N LEU A 42 26.81 5.69 36.80
CA LEU A 42 25.49 6.14 37.22
C LEU A 42 25.61 6.73 38.59
N ALA A 43 26.26 6.01 39.50
CA ALA A 43 26.44 6.50 40.87
C ALA A 43 27.35 7.73 40.84
N GLY A 44 28.32 7.72 39.94
CA GLY A 44 29.26 8.83 39.82
C GLY A 44 28.62 10.17 39.52
N ASN A 45 27.56 10.18 38.72
CA ASN A 45 26.88 11.43 38.37
C ASN A 45 25.58 11.64 39.16
N LYS A 46 25.32 10.73 40.10
CA LYS A 46 24.14 10.80 40.94
C LYS A 46 22.83 10.80 40.13
N VAL A 47 22.84 10.10 38.99
CA VAL A 47 21.68 9.97 38.09
C VAL A 47 20.59 9.18 38.79
N LEU A 48 20.99 8.01 39.27
CA LEU A 48 20.08 7.14 40.00
C LEU A 48 20.92 6.37 41.05
N ASN A 49 20.26 5.55 41.89
CA ASN A 49 20.96 4.77 42.92
C ASN A 49 21.10 3.31 42.52
N PRO A 50 22.32 2.90 42.12
CA PRO A 50 22.49 1.52 41.71
C PRO A 50 22.71 0.60 42.88
N ILE A 51 22.12 -0.57 42.79
CA ILE A 51 22.24 -1.62 43.80
C ILE A 51 22.80 -2.85 43.05
N VAL A 52 24.04 -3.22 43.32
CA VAL A 52 24.65 -4.35 42.66
C VAL A 52 24.35 -5.56 43.55
N ILE A 53 24.36 -6.77 43.01
CA ILE A 53 24.11 -7.99 43.78
C ILE A 53 25.30 -8.98 43.63
N GLY A 54 25.81 -9.51 44.72
CA GLY A 54 26.94 -10.45 44.68
C GLY A 54 27.80 -10.34 45.95
N ASN A 55 28.94 -11.02 45.99
CA ASN A 55 29.82 -10.97 47.17
C ASN A 55 30.57 -9.60 47.22
N GLU A 56 30.49 -8.89 48.36
CA GLU A 56 31.13 -7.58 48.48
C GLU A 56 32.64 -7.55 48.21
N ASN A 57 33.39 -8.44 48.85
CA ASN A 57 34.84 -8.46 48.65
C ASN A 57 35.22 -8.72 47.21
N GLU A 58 34.46 -9.62 46.58
CA GLU A 58 34.68 -9.93 45.17
C GLU A 58 34.39 -8.72 44.30
N ILE A 59 33.15 -8.24 44.37
CA ILE A 59 32.74 -7.09 43.58
C ILE A 59 33.74 -5.97 43.80
N GLN A 60 34.07 -5.73 45.07
CA GLN A 60 35.00 -4.67 45.40
C GLN A 60 36.35 -4.92 44.68
N ALA A 61 36.83 -6.16 44.69
CA ALA A 61 38.11 -6.44 44.06
C ALA A 61 38.08 -6.32 42.55
N LYS A 62 36.94 -6.66 41.97
CA LYS A 62 36.78 -6.58 40.52
C LYS A 62 36.66 -5.09 40.10
N ALA A 63 36.02 -4.27 40.94
CA ALA A 63 35.91 -2.87 40.60
C ALA A 63 37.33 -2.31 40.56
N LYS A 64 38.17 -2.80 41.47
CA LYS A 64 39.56 -2.34 41.55
C LYS A 64 40.32 -2.61 40.26
N GLU A 65 40.20 -3.80 39.71
CA GLU A 65 40.94 -4.05 38.50
C GLU A 65 40.37 -3.44 37.23
N LEU A 66 39.26 -2.71 37.34
CA LEU A 66 38.69 -2.02 36.17
C LEU A 66 38.88 -0.50 36.42
N ASN A 67 39.62 -0.16 37.48
CA ASN A 67 39.89 1.21 37.90
C ASN A 67 38.64 1.96 38.25
N LEU A 68 37.73 1.24 38.89
CA LEU A 68 36.47 1.79 39.31
C LEU A 68 36.39 1.91 40.80
N THR A 69 35.51 2.80 41.23
CA THR A 69 35.22 3.05 42.62
C THR A 69 33.76 2.71 42.73
N LEU A 70 33.32 2.17 43.85
CA LEU A 70 31.92 1.86 43.98
C LEU A 70 31.12 2.89 44.81
N GLY A 71 31.45 4.16 44.58
CA GLY A 71 30.80 5.30 45.21
C GLY A 71 29.41 5.20 45.79
N GLY A 72 28.40 5.71 45.12
CA GLY A 72 27.08 5.62 45.75
C GLY A 72 26.40 4.33 45.41
N VAL A 73 27.18 3.28 45.21
CA VAL A 73 26.66 1.94 44.84
C VAL A 73 26.43 1.01 46.02
N LYS A 74 25.25 0.44 46.15
CA LYS A 74 24.98 -0.44 47.27
C LYS A 74 25.14 -1.90 46.83
N ILE A 75 25.75 -2.72 47.69
CA ILE A 75 25.96 -4.13 47.39
C ILE A 75 25.20 -5.08 48.31
N TYR A 76 24.39 -5.96 47.73
CA TYR A 76 23.58 -6.94 48.48
C TYR A 76 24.03 -8.35 48.12
N ASP A 77 24.22 -9.19 49.14
CA ASP A 77 24.70 -10.56 48.96
C ASP A 77 23.64 -11.54 49.44
N PRO A 78 23.01 -12.29 48.52
CA PRO A 78 21.99 -13.23 48.98
C PRO A 78 22.41 -14.02 50.22
N HIS A 79 23.70 -14.36 50.31
CA HIS A 79 24.19 -15.15 51.46
C HIS A 79 24.43 -14.34 52.74
N THR A 80 24.02 -13.08 52.77
CA THR A 80 24.28 -12.23 53.92
C THR A 80 23.11 -11.31 54.23
N TYR A 81 22.30 -11.07 53.21
CA TYR A 81 21.17 -10.19 53.38
C TYR A 81 20.39 -10.52 54.64
N GLU A 82 20.17 -9.51 55.47
CA GLU A 82 19.43 -9.65 56.72
C GLU A 82 17.92 -9.88 56.55
N GLY A 83 17.33 -9.31 55.50
CA GLY A 83 15.90 -9.51 55.30
C GLY A 83 15.51 -10.74 54.48
N MET A 84 16.45 -11.66 54.32
CA MET A 84 16.24 -12.87 53.54
C MET A 84 15.10 -13.71 54.04
N GLU A 85 15.02 -13.91 55.35
CA GLU A 85 13.97 -14.77 55.86
C GLU A 85 12.63 -14.21 55.40
N ASP A 86 12.49 -12.89 55.48
CA ASP A 86 11.27 -12.24 55.07
C ASP A 86 11.03 -12.49 53.59
N LEU A 87 12.06 -12.32 52.78
CA LEU A 87 11.94 -12.54 51.35
C LEU A 87 11.51 -13.97 51.02
N VAL A 88 12.15 -14.97 51.60
CA VAL A 88 11.77 -16.36 51.32
C VAL A 88 10.27 -16.55 51.55
N GLN A 89 9.77 -16.08 52.68
CA GLN A 89 8.35 -16.27 52.92
C GLN A 89 7.46 -15.56 51.91
N ALA A 90 7.88 -14.38 51.49
CA ALA A 90 7.10 -13.59 50.52
C ALA A 90 7.03 -14.31 49.18
N PHE A 91 8.08 -15.07 48.89
CA PHE A 91 8.16 -15.80 47.66
C PHE A 91 7.21 -16.99 47.72
N VAL A 92 7.31 -17.80 48.78
CA VAL A 92 6.44 -18.98 48.87
C VAL A 92 4.98 -18.58 48.71
N GLU A 93 4.64 -17.46 49.34
CA GLU A 93 3.28 -16.94 49.30
C GLU A 93 2.91 -16.51 47.90
N ARG A 94 3.81 -15.80 47.23
CA ARG A 94 3.53 -15.33 45.89
C ARG A 94 3.48 -16.52 44.92
N ARG A 95 4.14 -17.62 45.31
CA ARG A 95 4.17 -18.83 44.50
C ARG A 95 3.03 -19.76 44.90
N LYS A 96 2.03 -19.19 45.54
CA LYS A 96 0.83 -19.90 45.98
C LYS A 96 0.96 -21.43 46.13
N GLY A 97 1.95 -21.88 46.87
CA GLY A 97 2.08 -23.32 47.06
C GLY A 97 2.94 -24.06 46.08
N LYS A 98 3.25 -23.42 44.95
CA LYS A 98 4.09 -24.04 43.93
C LYS A 98 5.52 -24.19 44.45
N ALA A 99 5.88 -23.47 45.50
CA ALA A 99 7.24 -23.59 46.04
C ALA A 99 7.29 -23.90 47.54
N THR A 100 8.16 -24.87 47.90
CA THR A 100 8.37 -25.31 49.27
C THR A 100 9.19 -24.23 49.89
N GLU A 101 9.55 -24.41 51.15
CA GLU A 101 10.36 -23.40 51.79
C GLU A 101 11.80 -23.65 51.35
N GLU A 102 12.18 -24.93 51.37
CA GLU A 102 13.53 -25.30 50.97
C GLU A 102 13.75 -24.83 49.54
N GLN A 103 12.72 -24.93 48.72
CA GLN A 103 12.84 -24.51 47.33
C GLN A 103 12.97 -23.00 47.18
N ALA A 104 12.15 -22.25 47.90
CA ALA A 104 12.20 -20.79 47.80
C ALA A 104 13.53 -20.27 48.31
N ARG A 105 14.10 -20.97 49.28
CA ARG A 105 15.38 -20.51 49.82
C ARG A 105 16.46 -20.70 48.76
N LYS A 106 16.47 -21.89 48.17
CA LYS A 106 17.42 -22.19 47.10
C LYS A 106 17.23 -21.14 46.02
N ALA A 107 15.97 -20.97 45.59
CA ALA A 107 15.64 -20.03 44.54
C ALA A 107 16.11 -18.61 44.80
N LEU A 108 15.95 -18.14 46.02
CA LEU A 108 16.36 -16.79 46.33
C LEU A 108 17.84 -16.59 46.49
N LEU A 109 18.63 -17.65 46.33
CA LEU A 109 20.07 -17.44 46.38
C LEU A 109 20.58 -17.06 44.97
N ASP A 110 19.67 -17.06 43.98
CA ASP A 110 20.00 -16.73 42.60
C ASP A 110 19.88 -15.25 42.42
N GLU A 111 20.96 -14.62 41.98
CA GLU A 111 20.98 -13.18 41.77
C GLU A 111 19.74 -12.64 41.08
N ASN A 112 19.27 -13.26 39.99
CA ASN A 112 18.09 -12.74 39.29
C ASN A 112 16.85 -12.82 40.17
N TYR A 113 16.63 -13.96 40.82
CA TYR A 113 15.48 -14.10 41.71
C TYR A 113 15.58 -13.14 42.91
N PHE A 114 16.77 -13.06 43.50
CA PHE A 114 16.99 -12.20 44.64
C PHE A 114 16.74 -10.77 44.25
N GLY A 115 17.34 -10.32 43.16
CA GLY A 115 17.06 -8.95 42.73
C GLY A 115 15.58 -8.71 42.41
N THR A 116 14.88 -9.74 41.92
CA THR A 116 13.46 -9.56 41.59
C THR A 116 12.62 -9.45 42.85
N MET A 117 12.95 -10.28 43.83
CA MET A 117 12.22 -10.21 45.10
C MET A 117 12.37 -8.79 45.66
N LEU A 118 13.56 -8.20 45.53
CA LEU A 118 13.80 -6.86 46.03
C LEU A 118 12.90 -5.88 45.33
N VAL A 119 12.88 -5.91 44.01
CA VAL A 119 12.02 -4.99 43.27
C VAL A 119 10.59 -5.15 43.73
N TYR A 120 10.17 -6.41 43.85
CA TYR A 120 8.82 -6.78 44.30
C TYR A 120 8.42 -6.29 45.70
N LYS A 121 9.36 -6.22 46.63
CA LYS A 121 9.00 -5.75 47.97
C LYS A 121 9.40 -4.30 48.18
N GLY A 122 9.42 -3.50 47.11
CA GLY A 122 9.76 -2.09 47.27
C GLY A 122 11.17 -1.69 47.69
N LEU A 123 12.04 -2.65 47.96
CA LEU A 123 13.41 -2.32 48.33
C LEU A 123 14.27 -1.81 47.16
N ALA A 124 13.68 -1.86 45.95
CA ALA A 124 14.30 -1.40 44.72
C ALA A 124 13.16 -1.04 43.80
N ASP A 125 13.43 -0.25 42.78
CA ASP A 125 12.35 0.14 41.88
C ASP A 125 12.29 -0.58 40.53
N GLY A 126 13.41 -1.11 40.06
CA GLY A 126 13.43 -1.80 38.78
C GLY A 126 14.66 -2.64 38.74
N LEU A 127 14.66 -3.64 37.89
CA LEU A 127 15.78 -4.54 37.78
C LEU A 127 16.30 -4.46 36.35
N VAL A 128 17.57 -4.77 36.17
CA VAL A 128 18.19 -4.73 34.85
C VAL A 128 19.17 -5.88 34.86
N SER A 129 18.94 -6.85 34.00
CA SER A 129 19.85 -7.98 33.95
C SER A 129 19.96 -8.41 32.50
N GLY A 130 20.54 -9.59 32.25
CA GLY A 130 20.68 -10.06 30.89
C GLY A 130 22.08 -10.03 30.30
N ALA A 131 22.98 -9.22 30.84
CA ALA A 131 24.34 -9.14 30.33
C ALA A 131 25.03 -10.47 30.41
N ALA A 132 24.52 -11.38 31.22
CA ALA A 132 25.17 -12.67 31.39
C ALA A 132 24.22 -13.84 31.63
N HIS A 133 22.99 -13.69 31.16
CA HIS A 133 21.95 -14.70 31.32
C HIS A 133 21.11 -14.64 30.05
N SER A 134 20.42 -15.73 29.74
CA SER A 134 19.55 -15.72 28.57
C SER A 134 18.35 -14.85 28.90
N THR A 135 17.68 -14.34 27.87
CA THR A 135 16.53 -13.48 28.08
C THR A 135 15.45 -14.22 28.83
N ALA A 136 15.48 -15.53 28.78
CA ALA A 136 14.47 -16.32 29.49
C ALA A 136 14.65 -16.18 31.00
N ASP A 137 15.90 -16.32 31.45
CA ASP A 137 16.27 -16.22 32.86
C ASP A 137 15.94 -14.89 33.52
N THR A 138 15.78 -13.84 32.72
CA THR A 138 15.47 -12.52 33.25
C THR A 138 13.96 -12.39 33.32
N VAL A 139 13.28 -12.67 32.21
CA VAL A 139 11.82 -12.58 32.15
C VAL A 139 11.10 -13.65 33.00
N ARG A 140 11.77 -14.77 33.30
CA ARG A 140 11.15 -15.82 34.09
C ARG A 140 10.67 -15.34 35.47
N PRO A 141 11.61 -15.05 36.38
CA PRO A 141 11.22 -14.59 37.72
C PRO A 141 10.39 -13.34 37.62
N ALA A 142 10.70 -12.51 36.63
CA ALA A 142 9.94 -11.30 36.45
C ALA A 142 8.47 -11.67 36.29
N LEU A 143 8.19 -12.85 35.74
CA LEU A 143 6.82 -13.26 35.57
C LEU A 143 6.27 -14.13 36.70
N GLN A 144 7.12 -14.89 37.39
CA GLN A 144 6.60 -15.70 38.49
C GLN A 144 6.33 -14.77 39.68
N ILE A 145 7.27 -13.87 39.95
CA ILE A 145 7.20 -12.94 41.07
C ILE A 145 6.49 -11.61 40.81
N ILE A 146 7.14 -10.68 40.11
CA ILE A 146 6.48 -9.40 39.78
C ILE A 146 5.53 -9.95 38.75
N LYS A 147 4.42 -9.30 38.45
CA LYS A 147 3.64 -9.91 37.39
C LYS A 147 3.19 -8.82 36.45
N THR A 148 2.25 -9.12 35.55
CA THR A 148 1.77 -8.08 34.61
C THR A 148 0.76 -7.14 35.24
N LYS A 149 0.78 -5.88 34.80
CA LYS A 149 -0.16 -4.87 35.31
C LYS A 149 -1.61 -5.24 35.12
N GLU A 150 -2.47 -4.29 35.45
CA GLU A 150 -3.92 -4.41 35.38
C GLU A 150 -4.51 -5.34 34.32
N GLY A 151 -4.85 -4.79 33.16
CA GLY A 151 -5.46 -5.61 32.11
C GLY A 151 -4.53 -6.18 31.04
N VAL A 152 -3.29 -6.43 31.43
CA VAL A 152 -2.30 -6.97 30.51
C VAL A 152 -2.09 -8.41 30.88
N LYS A 153 -1.97 -9.26 29.88
CA LYS A 153 -1.76 -10.67 30.14
C LYS A 153 -0.37 -11.13 29.83
N LYS A 154 0.35 -10.40 28.97
CA LYS A 154 1.71 -10.79 28.63
C LYS A 154 2.62 -9.59 28.45
N THR A 155 3.92 -9.86 28.30
CA THR A 155 4.88 -8.79 28.08
C THR A 155 5.22 -8.87 26.64
N SER A 156 5.84 -7.81 26.18
CA SER A 156 6.26 -7.72 24.80
C SER A 156 7.46 -6.81 24.80
N GLY A 157 8.37 -7.04 23.85
CA GLY A 157 9.57 -6.23 23.78
C GLY A 157 9.55 -5.23 22.63
N VAL A 158 9.51 -3.94 22.96
CA VAL A 158 9.51 -2.87 21.95
C VAL A 158 10.93 -2.41 21.68
N PHE A 159 11.15 -1.72 20.57
CA PHE A 159 12.47 -1.19 20.24
C PHE A 159 12.33 0.24 19.82
N ILE A 160 13.03 1.14 20.45
CA ILE A 160 12.92 2.50 19.99
C ILE A 160 13.88 2.57 18.80
N MET A 161 13.40 3.07 17.66
CA MET A 161 14.20 3.18 16.46
C MET A 161 14.44 4.66 16.18
N ALA A 162 15.63 5.02 15.70
CA ALA A 162 15.89 6.42 15.45
C ALA A 162 17.02 6.68 14.50
N ARG A 163 16.79 7.60 13.58
CA ARG A 163 17.77 7.99 12.59
C ARG A 163 17.60 9.50 12.49
N GLY A 164 18.62 10.23 12.92
CA GLY A 164 18.54 11.66 12.88
C GLY A 164 17.32 12.14 13.63
N GLU A 165 16.37 12.70 12.88
CA GLU A 165 15.12 13.24 13.41
C GLU A 165 13.99 12.20 13.52
N GLU A 166 14.10 11.09 12.80
CA GLU A 166 13.09 10.02 12.81
C GLU A 166 13.12 9.13 14.06
N GLN A 167 11.96 8.93 14.67
CA GLN A 167 11.86 8.11 15.85
C GLN A 167 10.62 7.24 15.78
N TYR A 168 10.80 5.93 15.90
CA TYR A 168 9.68 5.01 15.85
C TYR A 168 9.79 3.94 16.91
N VAL A 169 8.72 3.20 17.12
CA VAL A 169 8.69 2.14 18.11
C VAL A 169 8.34 0.88 17.36
N PHE A 170 9.01 -0.23 17.62
CA PHE A 170 8.69 -1.46 16.88
C PHE A 170 8.14 -2.51 17.83
N ALA A 171 6.93 -2.98 17.55
CA ALA A 171 6.18 -3.92 18.39
C ALA A 171 6.52 -5.38 18.40
N ASP A 172 6.87 -5.82 19.59
CA ASP A 172 7.32 -7.15 19.93
C ASP A 172 8.12 -7.84 18.89
N CYS A 173 9.40 -7.51 18.93
CA CYS A 173 10.39 -8.07 18.06
C CYS A 173 11.35 -8.90 18.93
N ALA A 174 10.90 -9.31 20.14
CA ALA A 174 11.75 -10.06 21.05
C ALA A 174 11.16 -11.18 21.95
N ILE A 175 9.94 -10.99 22.47
CA ILE A 175 9.36 -12.00 23.38
C ILE A 175 8.35 -13.01 22.79
N ASN A 176 7.13 -12.55 22.50
CA ASN A 176 6.02 -13.37 21.98
C ASN A 176 6.24 -13.95 20.57
N ILE A 177 6.38 -15.27 20.46
CA ILE A 177 6.63 -15.88 19.17
C ILE A 177 5.47 -15.75 18.21
N ALA A 178 4.32 -16.35 18.53
CA ALA A 178 3.17 -16.27 17.61
C ALA A 178 1.90 -15.66 18.19
N PRO A 179 1.88 -14.34 18.39
CA PRO A 179 0.74 -13.63 18.95
C PRO A 179 -0.55 -13.79 18.16
N ASP A 180 -1.67 -13.78 18.90
CA ASP A 180 -3.00 -13.89 18.32
C ASP A 180 -3.68 -12.54 18.42
N SER A 181 -4.87 -12.43 17.85
CA SER A 181 -5.58 -11.16 17.87
C SER A 181 -5.57 -10.46 19.23
N GLN A 182 -5.82 -11.20 20.30
CA GLN A 182 -5.82 -10.63 21.65
C GLN A 182 -4.47 -10.04 22.02
N ASP A 183 -3.42 -10.81 21.76
CA ASP A 183 -2.07 -10.37 22.06
C ASP A 183 -1.65 -9.17 21.19
N LEU A 184 -1.90 -9.24 19.88
CA LEU A 184 -1.53 -8.13 19.03
C LEU A 184 -2.22 -6.85 19.52
N ALA A 185 -3.53 -6.94 19.76
CA ALA A 185 -4.30 -5.80 20.25
C ALA A 185 -3.61 -5.23 21.47
N GLU A 186 -3.23 -6.12 22.39
CA GLU A 186 -2.52 -5.75 23.61
C GLU A 186 -1.20 -5.04 23.27
N ILE A 187 -0.29 -5.77 22.61
CA ILE A 187 0.99 -5.22 22.19
C ILE A 187 0.83 -3.79 21.63
N ALA A 188 -0.20 -3.57 20.82
CA ALA A 188 -0.44 -2.25 20.23
C ALA A 188 -0.68 -1.20 21.32
N ILE A 189 -1.67 -1.43 22.17
CA ILE A 189 -1.97 -0.46 23.22
C ILE A 189 -0.81 -0.21 24.17
N GLU A 190 -0.16 -1.30 24.59
CA GLU A 190 0.96 -1.21 25.51
C GLU A 190 2.13 -0.48 24.88
N SER A 191 2.39 -0.75 23.60
CA SER A 191 3.49 -0.10 22.88
C SER A 191 3.22 1.39 22.74
N ALA A 192 1.96 1.75 22.60
CA ALA A 192 1.58 3.15 22.42
C ALA A 192 1.88 3.91 23.69
N ASN A 193 1.72 3.24 24.83
CA ASN A 193 2.01 3.84 26.11
C ASN A 193 3.54 4.04 26.29
N THR A 194 4.30 2.96 26.04
CA THR A 194 5.74 2.99 26.14
C THR A 194 6.23 4.13 25.25
N ALA A 195 5.65 4.28 24.07
CA ALA A 195 6.06 5.32 23.15
C ALA A 195 5.90 6.70 23.75
N LYS A 196 5.02 6.83 24.74
CA LYS A 196 4.78 8.11 25.40
C LYS A 196 6.00 8.52 26.21
N MET A 197 6.60 7.53 26.86
CA MET A 197 7.78 7.75 27.69
C MET A 197 8.86 8.53 26.95
N PHE A 198 9.10 8.19 25.69
CA PHE A 198 10.12 8.91 24.91
C PHE A 198 9.57 10.15 24.23
N ASP A 199 8.47 10.67 24.75
CA ASP A 199 7.84 11.87 24.22
C ASP A 199 7.44 11.73 22.74
N ILE A 200 6.82 10.61 22.40
CA ILE A 200 6.37 10.37 21.05
C ILE A 200 4.83 10.38 21.09
N GLU A 201 4.19 10.89 20.03
CA GLU A 201 2.73 10.91 19.99
C GLU A 201 2.25 9.68 19.22
N PRO A 202 1.68 8.70 19.94
CA PRO A 202 1.19 7.44 19.39
C PRO A 202 0.31 7.54 18.15
N ARG A 203 0.60 6.63 17.21
CA ARG A 203 -0.10 6.47 15.93
C ARG A 203 0.31 5.06 15.48
N VAL A 204 -0.43 4.09 16.00
CA VAL A 204 -0.21 2.68 15.74
C VAL A 204 -0.67 2.24 14.37
N ALA A 205 0.02 1.27 13.79
CA ALA A 205 -0.36 0.75 12.50
C ALA A 205 -0.10 -0.73 12.63
N MET A 206 -1.14 -1.54 12.71
CA MET A 206 -0.92 -2.98 12.82
C MET A 206 -0.49 -3.45 11.44
N LEU A 207 0.75 -3.89 11.30
CA LEU A 207 1.24 -4.34 10.00
C LEU A 207 0.82 -5.77 9.66
N SER A 208 0.90 -6.07 8.35
CA SER A 208 0.65 -7.40 7.73
C SER A 208 1.13 -7.35 6.27
N PHE A 209 0.76 -8.34 5.47
CA PHE A 209 1.19 -8.34 4.05
C PHE A 209 0.08 -7.86 3.08
N SER A 210 -0.88 -7.10 3.61
CA SER A 210 -1.98 -6.59 2.80
C SER A 210 -2.61 -5.41 3.53
N THR A 211 -3.15 -4.45 2.76
CA THR A 211 -3.78 -3.29 3.37
C THR A 211 -5.30 -3.42 3.32
N LYS A 212 -5.93 -3.06 4.42
CA LYS A 212 -7.37 -3.16 4.62
C LYS A 212 -8.17 -3.95 3.58
N GLY A 213 -7.91 -5.24 3.48
CA GLY A 213 -8.68 -6.02 2.54
C GLY A 213 -7.91 -6.78 1.47
N SER A 214 -6.88 -6.16 0.88
CA SER A 214 -6.04 -6.78 -0.17
C SER A 214 -6.17 -8.30 -0.25
N ALA A 215 -5.47 -9.00 0.64
CA ALA A 215 -5.51 -10.47 0.71
C ALA A 215 -6.36 -10.87 1.90
N LYS A 216 -7.08 -11.97 1.79
CA LYS A 216 -7.88 -12.41 2.92
C LYS A 216 -7.59 -13.85 3.28
N SER A 217 -6.84 -14.00 4.36
CA SER A 217 -6.45 -15.30 4.87
C SER A 217 -6.56 -15.18 6.38
N ASP A 218 -6.24 -16.25 7.09
CA ASP A 218 -6.32 -16.21 8.55
C ASP A 218 -5.41 -15.09 9.03
N GLU A 219 -4.21 -15.05 8.43
CA GLU A 219 -3.18 -14.09 8.74
C GLU A 219 -3.62 -12.64 8.72
N THR A 220 -4.40 -12.26 7.71
CA THR A 220 -4.83 -10.88 7.63
C THR A 220 -5.99 -10.67 8.59
N GLU A 221 -6.75 -11.74 8.80
CA GLU A 221 -7.89 -11.67 9.71
C GLU A 221 -7.36 -11.38 11.11
N LYS A 222 -6.40 -12.21 11.53
CA LYS A 222 -5.76 -12.07 12.83
C LYS A 222 -5.49 -10.59 13.15
N VAL A 223 -4.72 -9.95 12.29
CA VAL A 223 -4.39 -8.54 12.50
C VAL A 223 -5.64 -7.68 12.47
N ALA A 224 -6.50 -7.90 11.48
CA ALA A 224 -7.74 -7.14 11.34
C ALA A 224 -8.57 -7.22 12.62
N ASP A 225 -8.72 -8.45 13.13
CA ASP A 225 -9.46 -8.75 14.36
C ASP A 225 -8.82 -7.98 15.49
N ALA A 226 -7.51 -8.03 15.49
CA ALA A 226 -6.74 -7.34 16.50
C ALA A 226 -7.11 -5.87 16.54
N VAL A 227 -7.26 -5.26 15.37
CA VAL A 227 -7.60 -3.85 15.31
C VAL A 227 -8.93 -3.50 15.92
N LYS A 228 -9.90 -4.43 15.84
CA LYS A 228 -11.23 -4.21 16.41
C LYS A 228 -11.09 -4.23 17.92
N ILE A 229 -10.50 -5.30 18.45
CA ILE A 229 -10.28 -5.43 19.86
C ILE A 229 -9.60 -4.20 20.46
N ALA A 230 -8.53 -3.73 19.83
CA ALA A 230 -7.77 -2.57 20.29
C ALA A 230 -8.56 -1.25 20.20
N LYS A 231 -9.22 -1.01 19.07
CA LYS A 231 -10.02 0.21 18.90
C LYS A 231 -11.20 0.19 19.89
N GLU A 232 -11.64 -1.02 20.23
CA GLU A 232 -12.74 -1.25 21.17
C GLU A 232 -12.21 -0.88 22.56
N LYS A 233 -11.16 -1.57 22.99
CA LYS A 233 -10.54 -1.31 24.27
C LYS A 233 -10.05 0.12 24.40
N ALA A 234 -9.27 0.61 23.44
CA ALA A 234 -8.75 1.98 23.51
C ALA A 234 -9.23 2.82 22.34
N PRO A 235 -10.42 3.42 22.47
CA PRO A 235 -11.09 4.27 21.49
C PRO A 235 -10.37 5.54 21.04
N GLU A 236 -9.62 6.15 21.95
CA GLU A 236 -8.90 7.40 21.65
C GLU A 236 -7.53 7.16 20.99
N LEU A 237 -6.99 5.95 21.14
CA LEU A 237 -5.70 5.65 20.55
C LEU A 237 -5.85 5.68 19.04
N THR A 238 -5.03 6.50 18.38
CA THR A 238 -5.04 6.62 16.92
C THR A 238 -4.37 5.39 16.32
N LEU A 239 -5.16 4.41 15.88
CA LEU A 239 -4.56 3.20 15.31
C LEU A 239 -5.51 2.52 14.38
N ASP A 240 -5.11 2.39 13.12
CA ASP A 240 -5.95 1.72 12.16
C ASP A 240 -5.17 0.48 11.78
N GLY A 241 -5.87 -0.56 11.35
CA GLY A 241 -5.16 -1.77 11.06
C GLY A 241 -5.25 -2.61 9.80
N GLU A 242 -4.18 -3.39 9.67
CA GLU A 242 -3.91 -4.30 8.60
C GLU A 242 -3.38 -3.48 7.45
N PHE A 243 -2.21 -2.87 7.68
CA PHE A 243 -1.50 -2.05 6.71
C PHE A 243 -0.22 -2.74 6.24
N GLN A 244 0.16 -2.52 4.99
CA GLN A 244 1.41 -3.05 4.52
C GLN A 244 2.34 -1.94 4.98
N PHE A 245 3.66 -2.13 4.96
CA PHE A 245 4.52 -1.06 5.47
C PHE A 245 4.40 0.23 4.63
N ASP A 246 4.05 0.10 3.36
CA ASP A 246 3.87 1.27 2.48
C ASP A 246 2.81 2.18 3.09
N ALA A 247 1.61 1.60 3.20
CA ALA A 247 0.45 2.25 3.74
C ALA A 247 0.76 2.92 5.05
N ALA A 248 1.56 2.27 5.87
CA ALA A 248 1.88 2.82 7.17
C ALA A 248 2.96 3.86 7.10
N PHE A 249 3.84 3.77 6.12
CA PHE A 249 4.97 4.67 6.10
C PHE A 249 4.97 5.85 5.14
N VAL A 250 4.43 5.69 3.94
CA VAL A 250 4.41 6.78 2.95
C VAL A 250 3.00 7.26 2.57
N PRO A 251 2.65 8.51 2.93
CA PRO A 251 1.36 9.17 2.68
C PRO A 251 0.73 8.96 1.31
N SER A 252 1.54 9.03 0.25
CA SER A 252 1.05 8.80 -1.09
C SER A 252 0.34 7.46 -1.10
N VAL A 253 1.03 6.42 -0.65
CA VAL A 253 0.44 5.09 -0.61
C VAL A 253 -0.80 4.98 0.27
N ALA A 254 -0.85 5.80 1.31
CA ALA A 254 -1.98 5.78 2.24
C ALA A 254 -3.32 6.11 1.58
N GLU A 255 -3.40 7.24 0.89
CA GLU A 255 -4.65 7.63 0.24
C GLU A 255 -5.04 6.71 -0.91
N LYS A 256 -4.07 6.06 -1.54
CA LYS A 256 -4.38 5.15 -2.62
C LYS A 256 -4.97 3.87 -2.04
N LYS A 257 -4.15 3.12 -1.32
CA LYS A 257 -4.55 1.83 -0.73
C LYS A 257 -5.60 1.84 0.40
N ALA A 258 -5.69 2.91 1.17
CA ALA A 258 -6.68 2.92 2.25
C ALA A 258 -6.95 4.28 2.89
N PRO A 259 -7.67 5.17 2.18
CA PRO A 259 -7.96 6.47 2.77
C PRO A 259 -9.05 6.20 3.78
N ASP A 260 -9.58 7.25 4.40
CA ASP A 260 -10.64 7.08 5.39
C ASP A 260 -10.09 6.20 6.51
N SER A 261 -8.87 6.51 6.92
CA SER A 261 -8.23 5.75 7.97
C SER A 261 -7.46 6.78 8.78
N GLU A 262 -7.50 6.64 10.10
CA GLU A 262 -6.79 7.57 10.99
C GLU A 262 -5.31 7.66 10.61
N ILE A 263 -4.74 6.53 10.20
CA ILE A 263 -3.34 6.50 9.81
C ILE A 263 -3.19 6.94 8.38
N LYS A 264 -2.67 8.14 8.20
CA LYS A 264 -2.45 8.68 6.86
C LYS A 264 -0.97 8.56 6.43
N GLY A 265 -0.47 7.32 6.42
CA GLY A 265 0.91 7.09 6.06
C GLY A 265 1.83 7.86 7.01
N ASP A 266 1.42 7.97 8.27
CA ASP A 266 2.20 8.69 9.29
C ASP A 266 2.31 7.93 10.63
N ALA A 267 2.37 6.62 10.55
CA ALA A 267 2.49 5.80 11.74
C ALA A 267 3.90 5.91 12.33
N ASN A 268 3.99 5.83 13.66
CA ASN A 268 5.28 5.94 14.34
C ASN A 268 5.39 4.93 15.47
N VAL A 269 4.58 3.88 15.37
CA VAL A 269 4.52 2.80 16.33
C VAL A 269 4.02 1.68 15.48
N PHE A 270 4.89 0.79 15.05
CA PHE A 270 4.46 -0.29 14.17
C PHE A 270 4.40 -1.61 14.90
N VAL A 271 3.21 -2.21 14.92
CA VAL A 271 3.00 -3.49 15.56
C VAL A 271 3.07 -4.60 14.53
N PHE A 272 4.10 -5.44 14.64
CA PHE A 272 4.26 -6.56 13.72
C PHE A 272 3.32 -7.72 14.02
N PRO A 273 3.00 -8.52 13.00
CA PRO A 273 2.09 -9.66 13.20
C PRO A 273 2.71 -10.91 13.83
N SER A 274 4.03 -10.95 13.89
CA SER A 274 4.67 -12.12 14.46
C SER A 274 6.15 -11.89 14.74
N LEU A 275 6.73 -12.69 15.62
CA LEU A 275 8.13 -12.55 15.96
C LEU A 275 9.06 -12.73 14.77
N GLU A 276 8.72 -13.57 13.79
CA GLU A 276 9.62 -13.70 12.63
C GLU A 276 9.69 -12.37 11.87
N ALA A 277 8.53 -11.71 11.77
CA ALA A 277 8.44 -10.45 11.04
C ALA A 277 9.03 -9.29 11.81
N GLY A 278 8.74 -9.24 13.11
CA GLY A 278 9.22 -8.15 13.96
C GLY A 278 10.70 -8.12 14.28
N ASN A 279 11.28 -9.30 14.47
CA ASN A 279 12.70 -9.39 14.74
C ASN A 279 13.48 -9.10 13.44
N ILE A 280 13.15 -9.81 12.36
CA ILE A 280 13.80 -9.58 11.08
C ILE A 280 13.55 -8.11 10.66
N GLY A 281 12.39 -7.60 11.04
CA GLY A 281 12.04 -6.22 10.73
C GLY A 281 12.88 -5.14 11.38
N TYR A 282 13.05 -5.14 12.70
CA TYR A 282 13.86 -4.09 13.34
C TYR A 282 15.32 -4.18 12.92
N LYS A 283 15.78 -5.40 12.64
CA LYS A 283 17.16 -5.59 12.24
C LYS A 283 17.40 -5.09 10.82
N ILE A 284 16.45 -5.28 9.91
CA ILE A 284 16.66 -4.78 8.55
C ILE A 284 16.67 -3.24 8.62
N ALA A 285 15.77 -2.69 9.42
CA ALA A 285 15.69 -1.25 9.60
C ALA A 285 17.04 -0.73 10.11
N GLN A 286 17.64 -1.47 11.04
CA GLN A 286 18.92 -1.11 11.63
C GLN A 286 20.10 -1.26 10.63
N ARG A 287 20.45 -2.48 10.25
CA ARG A 287 21.57 -2.69 9.34
C ARG A 287 21.43 -2.20 7.89
N LEU A 288 20.20 -2.02 7.42
CA LEU A 288 20.01 -1.51 6.05
C LEU A 288 19.62 -0.05 6.11
N GLY A 289 18.66 0.27 6.97
CA GLY A 289 18.20 1.63 7.06
C GLY A 289 19.15 2.52 7.83
N ASN A 290 20.16 1.90 8.43
CA ASN A 290 21.14 2.63 9.22
C ASN A 290 20.44 3.38 10.34
N PHE A 291 19.48 2.70 10.96
CA PHE A 291 18.73 3.26 12.08
C PHE A 291 19.36 2.74 13.36
N GLU A 292 19.36 3.60 14.39
CA GLU A 292 19.89 3.25 15.70
C GLU A 292 18.75 2.53 16.42
N ALA A 293 19.03 1.37 17.02
CA ALA A 293 17.98 0.61 17.68
C ALA A 293 18.24 0.30 19.15
N VAL A 294 17.40 0.79 20.04
CA VAL A 294 17.56 0.53 21.46
C VAL A 294 16.99 -0.86 21.82
N GLY A 295 17.87 -1.82 22.14
CA GLY A 295 17.54 -3.21 22.51
C GLY A 295 16.17 -3.54 23.08
N PRO A 296 15.79 -4.82 23.32
CA PRO A 296 14.44 -5.06 23.86
C PRO A 296 14.09 -4.40 25.20
N ILE A 297 13.03 -3.58 25.16
CA ILE A 297 12.47 -2.87 26.34
C ILE A 297 11.11 -3.57 26.69
N LEU A 298 11.07 -4.40 27.74
CA LEU A 298 9.83 -5.08 28.10
C LEU A 298 8.78 -4.07 28.54
N GLN A 299 7.50 -4.42 28.46
CA GLN A 299 6.46 -3.49 28.88
C GLN A 299 5.28 -4.18 29.51
N GLY A 300 4.50 -3.40 30.27
CA GLY A 300 3.32 -3.95 30.91
C GLY A 300 3.45 -4.69 32.24
N LEU A 301 4.67 -4.93 32.72
CA LEU A 301 4.88 -5.60 34.02
C LEU A 301 4.47 -4.67 35.18
N ASN A 302 4.35 -5.22 36.39
CA ASN A 302 4.01 -4.38 37.56
C ASN A 302 5.14 -3.44 37.88
N MET A 303 6.38 -3.90 37.72
CA MET A 303 7.57 -3.07 37.98
C MET A 303 8.60 -3.29 36.88
N PRO A 304 9.32 -2.22 36.51
CA PRO A 304 10.32 -2.28 35.45
C PRO A 304 11.29 -3.42 35.56
N VAL A 305 11.45 -4.16 34.47
CA VAL A 305 12.42 -5.24 34.41
C VAL A 305 12.86 -5.23 32.95
N ASN A 306 14.17 -5.11 32.73
CA ASN A 306 14.66 -5.09 31.36
C ASN A 306 15.81 -6.03 31.13
N ASP A 307 15.98 -6.43 29.86
CA ASP A 307 17.01 -7.39 29.48
C ASP A 307 18.03 -6.90 28.47
N LEU A 308 19.31 -6.93 28.88
CA LEU A 308 20.44 -6.53 28.05
C LEU A 308 20.84 -7.79 27.29
N SER A 309 21.62 -7.64 26.22
CA SER A 309 22.07 -8.78 25.44
C SER A 309 23.47 -9.16 25.94
N ARG A 310 23.77 -10.44 26.07
CA ARG A 310 25.12 -10.81 26.49
C ARG A 310 25.96 -10.11 25.45
N GLY A 311 27.09 -9.56 25.85
CA GLY A 311 27.90 -8.85 24.88
C GLY A 311 27.34 -7.46 24.55
N CYS A 312 26.74 -6.82 25.53
CA CYS A 312 26.22 -5.48 25.32
C CYS A 312 27.36 -4.51 25.54
N ASN A 313 27.02 -3.23 25.49
CA ASN A 313 28.00 -2.17 25.68
C ASN A 313 27.94 -1.74 27.13
N ALA A 314 29.01 -1.15 27.63
CA ALA A 314 28.98 -0.69 28.99
C ALA A 314 28.00 0.49 29.01
N GLU A 315 27.87 1.14 27.86
CA GLU A 315 26.96 2.28 27.75
C GLU A 315 25.53 1.80 27.47
N ASP A 316 25.41 0.56 26.97
CA ASP A 316 24.10 -0.04 26.73
C ASP A 316 23.42 -0.33 28.07
N VAL A 317 24.23 -0.70 29.08
CA VAL A 317 23.73 -0.97 30.43
C VAL A 317 23.28 0.38 30.97
N TYR A 318 24.11 1.40 30.76
CA TYR A 318 23.82 2.75 31.26
C TYR A 318 22.48 3.30 30.78
N ASN A 319 22.20 3.11 29.50
CA ASN A 319 20.95 3.59 28.91
C ASN A 319 19.75 2.72 29.27
N LEU A 320 19.94 1.40 29.35
CA LEU A 320 18.82 0.55 29.69
C LEU A 320 18.38 0.98 31.06
N ALA A 321 19.36 1.30 31.91
CA ALA A 321 19.08 1.72 33.27
C ALA A 321 18.25 3.00 33.25
N LEU A 322 18.62 3.95 32.40
CA LEU A 322 17.87 5.20 32.29
C LEU A 322 16.40 4.89 31.91
N ILE A 323 16.23 4.05 30.90
CA ILE A 323 14.89 3.68 30.46
C ILE A 323 14.09 2.97 31.58
N THR A 324 14.74 1.98 32.21
CA THR A 324 14.12 1.23 33.30
C THR A 324 13.70 2.11 34.46
N ALA A 325 14.52 3.11 34.76
CA ALA A 325 14.22 4.02 35.85
C ALA A 325 13.08 4.94 35.43
N ALA A 326 12.99 5.25 34.14
CA ALA A 326 11.90 6.09 33.64
C ALA A 326 10.58 5.30 33.78
N GLN A 327 10.60 4.03 33.39
CA GLN A 327 9.41 3.17 33.50
C GLN A 327 8.88 3.11 34.94
N ALA A 328 9.78 3.28 35.90
CA ALA A 328 9.41 3.21 37.31
C ALA A 328 8.77 4.51 37.76
N LEU A 329 9.40 5.62 37.39
CA LEU A 329 8.86 6.92 37.76
C LEU A 329 7.39 6.88 37.32
N GLY B 6 22.57 3.11 -10.77
CA GLY B 6 22.05 2.31 -9.60
C GLY B 6 21.41 0.96 -9.94
N MET B 7 20.08 0.95 -10.10
CA MET B 7 19.33 -0.26 -10.45
C MET B 7 19.36 -0.35 -11.96
N ALA B 8 19.47 0.82 -12.56
CA ALA B 8 19.54 0.97 -14.00
C ALA B 8 20.76 0.24 -14.56
N ASP B 9 21.89 0.36 -13.85
CA ASP B 9 23.13 -0.29 -14.26
C ASP B 9 22.85 -1.79 -14.29
N LEU B 10 21.86 -2.20 -13.51
CA LEU B 10 21.47 -3.60 -13.37
C LEU B 10 20.61 -4.16 -14.51
N PHE B 11 19.80 -3.31 -15.11
CA PHE B 11 18.95 -3.71 -16.23
C PHE B 11 19.71 -3.76 -17.54
N SER B 12 20.63 -2.83 -17.73
CA SER B 12 21.42 -2.82 -18.97
C SER B 12 22.17 -4.14 -19.06
N THR B 13 22.44 -4.72 -17.90
CA THR B 13 23.10 -6.01 -17.83
C THR B 13 22.15 -7.06 -18.42
N VAL B 14 20.88 -7.00 -18.01
CA VAL B 14 19.87 -7.93 -18.48
C VAL B 14 19.64 -7.67 -19.96
N GLN B 15 19.31 -6.43 -20.30
CA GLN B 15 19.03 -6.06 -21.68
C GLN B 15 20.18 -6.45 -22.59
N GLU B 16 21.37 -6.57 -22.01
CA GLU B 16 22.54 -6.96 -22.79
C GLU B 16 22.36 -8.37 -23.35
N LYS B 17 21.95 -9.28 -22.48
CA LYS B 17 21.75 -10.67 -22.84
C LYS B 17 20.52 -10.88 -23.71
N VAL B 18 19.49 -10.08 -23.45
CA VAL B 18 18.22 -10.17 -24.17
C VAL B 18 18.13 -9.53 -25.55
N ALA B 19 18.61 -8.30 -25.65
CA ALA B 19 18.57 -7.56 -26.90
C ALA B 19 19.13 -8.36 -28.06
N GLY B 20 18.45 -8.28 -29.20
CA GLY B 20 18.91 -9.00 -30.37
C GLY B 20 18.37 -10.41 -30.58
N LYS B 21 18.33 -11.22 -29.52
CA LYS B 21 17.84 -12.60 -29.62
C LYS B 21 16.36 -12.74 -29.96
N ASP B 22 15.75 -11.60 -30.29
CA ASP B 22 14.31 -11.50 -30.61
C ASP B 22 13.41 -12.57 -29.98
N VAL B 23 13.22 -12.40 -28.68
CA VAL B 23 12.39 -13.22 -27.82
C VAL B 23 10.96 -12.67 -27.88
N LYS B 24 9.96 -13.55 -27.95
CA LYS B 24 8.58 -13.10 -28.03
C LYS B 24 7.97 -13.01 -26.66
N ILE B 25 7.42 -11.85 -26.32
CA ILE B 25 6.78 -11.72 -25.04
C ILE B 25 5.35 -11.25 -25.30
N VAL B 26 4.40 -11.94 -24.67
CA VAL B 26 2.98 -11.61 -24.80
C VAL B 26 2.54 -10.65 -23.70
N PHE B 27 1.78 -9.64 -24.07
CA PHE B 27 1.29 -8.69 -23.09
C PHE B 27 -0.23 -8.72 -23.21
N PRO B 28 -0.91 -9.54 -22.41
CA PRO B 28 -2.38 -9.62 -22.50
C PRO B 28 -3.14 -8.28 -22.41
N GLU B 29 -2.64 -7.31 -21.65
CA GLU B 29 -3.36 -6.05 -21.53
C GLU B 29 -3.14 -5.09 -22.68
N GLY B 30 -3.62 -5.51 -23.85
CA GLY B 30 -3.47 -4.75 -25.08
C GLY B 30 -3.93 -3.32 -25.12
N LEU B 31 -4.99 -2.95 -24.40
CA LEU B 31 -5.41 -1.56 -24.45
C LEU B 31 -4.77 -0.64 -23.39
N ASP B 32 -3.88 -1.19 -22.58
CA ASP B 32 -3.25 -0.41 -21.52
C ASP B 32 -2.16 0.49 -22.05
N GLU B 33 -2.27 1.80 -21.86
CA GLU B 33 -1.22 2.68 -22.36
C GLU B 33 0.18 2.41 -21.80
N ARG B 34 0.27 1.87 -20.59
CA ARG B 34 1.57 1.54 -20.04
C ARG B 34 2.16 0.42 -20.92
N ILE B 35 1.35 -0.62 -21.18
CA ILE B 35 1.79 -1.72 -22.03
C ILE B 35 2.11 -1.21 -23.43
N LEU B 36 1.22 -0.39 -23.98
CA LEU B 36 1.43 0.13 -25.33
C LEU B 36 2.71 0.91 -25.40
N GLU B 37 2.89 1.87 -24.52
CA GLU B 37 4.11 2.65 -24.57
C GLU B 37 5.33 1.75 -24.51
N ALA B 38 5.33 0.79 -23.61
CA ALA B 38 6.49 -0.09 -23.49
C ALA B 38 6.63 -1.00 -24.70
N VAL B 39 5.51 -1.47 -25.20
CA VAL B 39 5.56 -2.35 -26.34
C VAL B 39 6.08 -1.57 -27.54
N SER B 40 5.47 -0.42 -27.79
CA SER B 40 5.90 0.43 -28.88
C SER B 40 7.41 0.67 -28.82
N LYS B 41 7.96 0.92 -27.64
CA LYS B 41 9.39 1.19 -27.54
C LYS B 41 10.24 -0.05 -27.65
N LEU B 42 9.80 -1.15 -27.09
CA LEU B 42 10.58 -2.39 -27.16
C LEU B 42 10.77 -2.77 -28.64
N ALA B 43 9.68 -2.69 -29.40
CA ALA B 43 9.71 -3.00 -30.83
C ALA B 43 10.55 -1.97 -31.57
N GLY B 44 10.34 -0.69 -31.23
CA GLY B 44 11.08 0.39 -31.86
C GLY B 44 12.60 0.28 -31.82
N ASN B 45 13.17 -0.20 -30.71
CA ASN B 45 14.61 -0.32 -30.60
C ASN B 45 15.00 -1.76 -30.91
N LYS B 46 14.00 -2.55 -31.28
CA LYS B 46 14.24 -3.95 -31.63
C LYS B 46 14.88 -4.76 -30.51
N VAL B 47 14.51 -4.49 -29.25
CA VAL B 47 15.07 -5.23 -28.11
C VAL B 47 14.58 -6.68 -28.08
N LEU B 48 13.27 -6.85 -28.28
CA LEU B 48 12.62 -8.15 -28.30
C LEU B 48 11.36 -7.99 -29.15
N ASN B 49 10.60 -9.07 -29.35
CA ASN B 49 9.39 -9.01 -30.18
C ASN B 49 8.09 -8.97 -29.37
N PRO B 50 7.53 -7.79 -29.15
CA PRO B 50 6.29 -7.76 -28.39
C PRO B 50 5.07 -8.27 -29.13
N ILE B 51 4.21 -9.01 -28.42
CA ILE B 51 2.96 -9.53 -28.98
C ILE B 51 1.91 -9.03 -28.02
N VAL B 52 1.06 -8.16 -28.52
CA VAL B 52 -0.01 -7.59 -27.75
C VAL B 52 -1.23 -8.47 -28.00
N ILE B 53 -2.26 -8.39 -27.15
CA ILE B 53 -3.49 -9.17 -27.31
C ILE B 53 -4.71 -8.22 -27.17
N GLY B 54 -5.68 -8.34 -28.07
CA GLY B 54 -6.84 -7.45 -28.03
C GLY B 54 -7.34 -7.20 -29.44
N ASN B 55 -8.39 -6.39 -29.59
CA ASN B 55 -8.92 -6.12 -30.92
C ASN B 55 -7.97 -5.20 -31.67
N GLU B 56 -7.59 -5.59 -32.89
CA GLU B 56 -6.65 -4.80 -33.69
C GLU B 56 -7.06 -3.35 -33.94
N ASN B 57 -8.29 -3.14 -34.37
CA ASN B 57 -8.75 -1.78 -34.63
C ASN B 57 -8.70 -0.90 -33.38
N GLU B 58 -9.15 -1.44 -32.25
CA GLU B 58 -9.15 -0.73 -30.99
C GLU B 58 -7.73 -0.38 -30.58
N ILE B 59 -6.87 -1.42 -30.55
CA ILE B 59 -5.47 -1.26 -30.15
C ILE B 59 -4.76 -0.24 -31.02
N GLN B 60 -4.99 -0.34 -32.32
CA GLN B 60 -4.39 0.57 -33.27
C GLN B 60 -4.82 2.02 -32.99
N ALA B 61 -6.11 2.25 -32.80
CA ALA B 61 -6.61 3.57 -32.53
C ALA B 61 -6.06 4.10 -31.19
N LYS B 62 -5.98 3.22 -30.19
CA LYS B 62 -5.48 3.60 -28.86
C LYS B 62 -4.02 4.05 -29.01
N ALA B 63 -3.25 3.30 -29.77
CA ALA B 63 -1.84 3.65 -29.96
C ALA B 63 -1.70 5.01 -30.61
N LYS B 64 -2.64 5.36 -31.49
CA LYS B 64 -2.56 6.65 -32.14
C LYS B 64 -2.87 7.80 -31.18
N GLU B 65 -3.86 7.68 -30.28
CA GLU B 65 -4.12 8.81 -29.39
C GLU B 65 -2.97 8.98 -28.38
N LEU B 66 -2.10 7.98 -28.27
CA LEU B 66 -0.95 8.01 -27.36
C LEU B 66 0.30 8.42 -28.18
N ASN B 67 0.06 8.78 -29.43
CA ASN B 67 1.10 9.19 -30.38
C ASN B 67 2.11 8.08 -30.51
N LEU B 68 1.60 6.87 -30.57
CA LEU B 68 2.46 5.74 -30.71
C LEU B 68 2.26 5.07 -32.06
N THR B 69 3.17 4.15 -32.38
CA THR B 69 3.11 3.40 -33.62
C THR B 69 3.34 1.98 -33.21
N LEU B 70 2.62 1.05 -33.80
CA LEU B 70 2.80 -0.31 -33.40
C LEU B 70 3.76 -1.09 -34.28
N GLY B 71 4.91 -0.45 -34.53
CA GLY B 71 5.99 -0.99 -35.34
C GLY B 71 6.15 -2.50 -35.42
N GLY B 72 7.23 -3.06 -34.89
CA GLY B 72 7.36 -4.51 -34.98
C GLY B 72 6.50 -5.23 -33.96
N VAL B 73 5.30 -4.71 -33.72
CA VAL B 73 4.40 -5.26 -32.71
C VAL B 73 3.29 -6.14 -33.28
N LYS B 74 3.23 -7.41 -32.86
CA LYS B 74 2.16 -8.30 -33.35
C LYS B 74 0.92 -8.30 -32.48
N ILE B 75 -0.23 -8.41 -33.11
CA ILE B 75 -1.49 -8.37 -32.40
C ILE B 75 -2.31 -9.65 -32.66
N TYR B 76 -2.75 -10.28 -31.58
CA TYR B 76 -3.60 -11.48 -31.62
C TYR B 76 -4.90 -11.13 -30.91
N ASP B 77 -6.01 -11.54 -31.50
CA ASP B 77 -7.34 -11.27 -30.94
C ASP B 77 -7.99 -12.64 -30.73
N PRO B 78 -8.27 -13.00 -29.48
CA PRO B 78 -8.89 -14.32 -29.26
C PRO B 78 -10.14 -14.59 -30.09
N HIS B 79 -10.84 -13.54 -30.53
CA HIS B 79 -12.06 -13.73 -31.35
C HIS B 79 -11.79 -13.87 -32.85
N THR B 80 -10.52 -13.97 -33.24
CA THR B 80 -10.15 -14.02 -34.64
C THR B 80 -9.07 -15.05 -34.83
N TYR B 81 -8.29 -15.28 -33.77
CA TYR B 81 -7.19 -16.21 -33.87
C TYR B 81 -7.56 -17.53 -34.55
N GLU B 82 -6.74 -17.91 -35.53
CA GLU B 82 -6.89 -19.12 -36.32
C GLU B 82 -6.61 -20.38 -35.50
N GLY B 83 -5.52 -20.36 -34.75
CA GLY B 83 -5.15 -21.52 -33.97
C GLY B 83 -6.07 -21.86 -32.82
N MET B 84 -7.18 -21.13 -32.66
CA MET B 84 -8.08 -21.39 -31.56
C MET B 84 -8.38 -22.82 -31.16
N GLU B 85 -9.03 -23.60 -32.01
CA GLU B 85 -9.36 -24.95 -31.59
C GLU B 85 -8.15 -25.79 -31.32
N ASP B 86 -7.05 -25.48 -32.00
CA ASP B 86 -5.81 -26.22 -31.77
C ASP B 86 -5.45 -25.91 -30.32
N LEU B 87 -5.73 -24.67 -29.92
CA LEU B 87 -5.47 -24.19 -28.56
C LEU B 87 -6.53 -24.77 -27.62
N VAL B 88 -7.80 -24.51 -27.92
CA VAL B 88 -8.90 -25.03 -27.12
C VAL B 88 -8.66 -26.52 -26.88
N GLN B 89 -8.22 -27.25 -27.89
CA GLN B 89 -8.00 -28.67 -27.66
C GLN B 89 -6.75 -28.95 -26.81
N ALA B 90 -5.75 -28.06 -26.91
CA ALA B 90 -4.51 -28.22 -26.13
C ALA B 90 -4.78 -28.00 -24.66
N PHE B 91 -5.65 -27.02 -24.41
CA PHE B 91 -6.08 -26.67 -23.06
C PHE B 91 -6.81 -27.84 -22.42
N VAL B 92 -7.91 -28.30 -23.03
CA VAL B 92 -8.66 -29.41 -22.42
C VAL B 92 -7.78 -30.58 -22.08
N GLU B 93 -6.78 -30.84 -22.91
CA GLU B 93 -5.88 -31.96 -22.69
C GLU B 93 -4.96 -31.69 -21.52
N ARG B 94 -4.51 -30.46 -21.41
CA ARG B 94 -3.64 -30.10 -20.31
C ARG B 94 -4.40 -30.10 -18.95
N ARG B 95 -5.69 -29.77 -19.01
CA ARG B 95 -6.57 -29.74 -17.83
C ARG B 95 -7.07 -31.15 -17.47
N LYS B 96 -6.56 -32.16 -18.16
CA LYS B 96 -6.92 -33.56 -17.91
C LYS B 96 -8.37 -33.88 -17.54
N GLY B 97 -9.30 -33.31 -18.30
CA GLY B 97 -10.71 -33.59 -18.05
C GLY B 97 -11.44 -32.58 -17.17
N LYS B 98 -10.66 -31.78 -16.46
CA LYS B 98 -11.26 -30.79 -15.61
C LYS B 98 -11.96 -29.73 -16.47
N ALA B 99 -11.82 -29.82 -17.78
CA ALA B 99 -12.47 -28.83 -18.63
C ALA B 99 -13.23 -29.38 -19.83
N THR B 100 -14.47 -28.94 -19.98
CA THR B 100 -15.30 -29.34 -21.11
C THR B 100 -14.77 -28.53 -22.29
N GLU B 101 -15.25 -28.83 -23.48
CA GLU B 101 -14.78 -28.10 -24.61
C GLU B 101 -15.39 -26.71 -24.55
N GLU B 102 -16.68 -26.63 -24.24
CA GLU B 102 -17.34 -25.33 -24.16
C GLU B 102 -16.68 -24.46 -23.10
N GLN B 103 -16.13 -25.12 -22.08
CA GLN B 103 -15.47 -24.42 -21.01
C GLN B 103 -14.14 -23.85 -21.49
N ALA B 104 -13.30 -24.73 -22.04
CA ALA B 104 -12.00 -24.30 -22.55
C ALA B 104 -12.23 -23.16 -23.55
N ARG B 105 -13.20 -23.32 -24.42
CA ARG B 105 -13.43 -22.28 -25.38
C ARG B 105 -13.66 -20.99 -24.64
N LYS B 106 -14.62 -20.96 -23.72
CA LYS B 106 -14.88 -19.75 -22.91
C LYS B 106 -13.62 -19.27 -22.17
N ALA B 107 -12.90 -20.20 -21.56
CA ALA B 107 -11.68 -19.88 -20.85
C ALA B 107 -10.70 -19.15 -21.75
N LEU B 108 -10.37 -19.74 -22.90
CA LEU B 108 -9.43 -19.12 -23.80
C LEU B 108 -9.82 -17.80 -24.43
N LEU B 109 -11.03 -17.31 -24.17
CA LEU B 109 -11.40 -16.02 -24.74
C LEU B 109 -10.85 -14.92 -23.84
N ASP B 110 -10.33 -15.33 -22.68
CA ASP B 110 -9.74 -14.41 -21.70
C ASP B 110 -8.29 -14.11 -22.08
N GLU B 111 -7.97 -12.82 -22.19
CA GLU B 111 -6.63 -12.40 -22.55
C GLU B 111 -5.48 -13.06 -21.81
N ASN B 112 -5.61 -13.23 -20.50
CA ASN B 112 -4.55 -13.88 -19.76
C ASN B 112 -4.41 -15.37 -20.09
N TYR B 113 -5.54 -16.05 -20.29
CA TYR B 113 -5.49 -17.47 -20.63
C TYR B 113 -5.00 -17.67 -22.08
N PHE B 114 -5.49 -16.80 -22.98
CA PHE B 114 -5.09 -16.86 -24.38
C PHE B 114 -3.58 -16.71 -24.43
N GLY B 115 -3.10 -15.61 -23.84
CA GLY B 115 -1.69 -15.34 -23.80
C GLY B 115 -0.90 -16.46 -23.15
N THR B 116 -1.53 -17.23 -22.28
CA THR B 116 -0.74 -18.27 -21.65
C THR B 116 -0.70 -19.52 -22.50
N MET B 117 -1.81 -19.79 -23.18
CA MET B 117 -1.82 -20.93 -24.05
C MET B 117 -0.76 -20.67 -25.11
N LEU B 118 -0.65 -19.41 -25.55
CA LEU B 118 0.33 -19.04 -26.58
C LEU B 118 1.76 -19.32 -26.11
N VAL B 119 2.11 -18.91 -24.89
CA VAL B 119 3.45 -19.18 -24.40
C VAL B 119 3.66 -20.69 -24.29
N TYR B 120 2.60 -21.39 -23.91
CA TYR B 120 2.62 -22.83 -23.72
C TYR B 120 2.89 -23.61 -25.00
N LYS B 121 2.28 -23.17 -26.10
CA LYS B 121 2.45 -23.84 -27.39
C LYS B 121 3.59 -23.23 -28.23
N GLY B 122 4.64 -22.73 -27.59
CA GLY B 122 5.74 -22.14 -28.33
C GLY B 122 5.50 -20.86 -29.14
N LEU B 123 4.24 -20.47 -29.40
CA LEU B 123 4.01 -19.24 -30.18
C LEU B 123 4.46 -17.91 -29.53
N ALA B 124 5.02 -18.01 -28.32
CA ALA B 124 5.53 -16.88 -27.55
C ALA B 124 6.45 -17.51 -26.53
N ASP B 125 7.38 -16.74 -25.98
CA ASP B 125 8.32 -17.34 -25.04
C ASP B 125 8.09 -17.01 -23.58
N GLY B 126 7.32 -15.95 -23.33
CA GLY B 126 7.04 -15.53 -21.97
C GLY B 126 5.92 -14.52 -21.94
N LEU B 127 5.20 -14.53 -20.83
CA LEU B 127 4.08 -13.64 -20.67
C LEU B 127 4.37 -12.58 -19.62
N VAL B 128 3.71 -11.43 -19.77
CA VAL B 128 3.85 -10.31 -18.85
C VAL B 128 2.51 -9.58 -18.75
N SER B 129 1.84 -9.74 -17.61
CA SER B 129 0.55 -9.11 -17.40
C SER B 129 0.56 -8.46 -16.01
N GLY B 130 -0.61 -8.07 -15.50
CA GLY B 130 -0.65 -7.50 -14.17
C GLY B 130 -1.03 -6.04 -14.04
N ALA B 131 -0.67 -5.24 -15.01
CA ALA B 131 -1.00 -3.81 -14.97
C ALA B 131 -2.53 -3.51 -14.91
N ALA B 132 -3.35 -4.54 -14.97
CA ALA B 132 -4.80 -4.35 -14.90
C ALA B 132 -5.55 -5.63 -14.51
N HIS B 133 -4.90 -6.44 -13.67
CA HIS B 133 -5.42 -7.72 -13.17
C HIS B 133 -4.78 -8.01 -11.80
N SER B 134 -5.51 -8.69 -10.92
CA SER B 134 -4.96 -9.04 -9.63
C SER B 134 -3.82 -10.04 -9.89
N THR B 135 -2.88 -10.14 -8.97
CA THR B 135 -1.76 -11.05 -9.16
C THR B 135 -2.22 -12.49 -9.29
N ALA B 136 -3.37 -12.82 -8.74
CA ALA B 136 -3.87 -14.18 -8.85
C ALA B 136 -4.21 -14.46 -10.30
N ASP B 137 -4.98 -13.56 -10.92
CA ASP B 137 -5.38 -13.70 -12.33
C ASP B 137 -4.28 -13.90 -13.36
N THR B 138 -3.04 -13.66 -12.95
CA THR B 138 -1.90 -13.84 -13.80
C THR B 138 -1.34 -15.19 -13.45
N VAL B 139 -1.00 -15.39 -12.17
CA VAL B 139 -0.43 -16.65 -11.69
C VAL B 139 -1.37 -17.86 -11.75
N ARG B 140 -2.66 -17.60 -11.85
CA ARG B 140 -3.61 -18.72 -11.92
C ARG B 140 -3.31 -19.59 -13.13
N PRO B 141 -3.67 -19.10 -14.35
CA PRO B 141 -3.43 -19.89 -15.55
C PRO B 141 -1.97 -20.35 -15.66
N ALA B 142 -1.08 -19.50 -15.22
CA ALA B 142 0.33 -19.85 -15.25
C ALA B 142 0.52 -21.18 -14.53
N LEU B 143 -0.39 -21.51 -13.61
CA LEU B 143 -0.23 -22.75 -12.89
C LEU B 143 -1.10 -23.89 -13.41
N GLN B 144 -2.23 -23.57 -14.00
CA GLN B 144 -3.07 -24.62 -14.55
C GLN B 144 -2.43 -25.10 -15.86
N ILE B 145 -2.06 -24.15 -16.73
CA ILE B 145 -1.47 -24.40 -18.08
C ILE B 145 0.04 -24.68 -18.12
N ILE B 146 0.82 -23.61 -18.07
CA ILE B 146 2.28 -23.73 -18.00
C ILE B 146 2.44 -24.29 -16.61
N LYS B 147 3.41 -25.12 -16.34
CA LYS B 147 3.44 -25.53 -14.95
C LYS B 147 4.82 -25.29 -14.40
N THR B 148 5.13 -25.82 -13.22
CA THR B 148 6.44 -25.61 -12.63
C THR B 148 7.49 -26.57 -13.19
N LYS B 149 8.73 -26.11 -13.28
CA LYS B 149 9.81 -26.94 -13.81
C LYS B 149 10.02 -28.26 -13.07
N GLU B 150 11.11 -28.93 -13.44
CA GLU B 150 11.51 -30.21 -12.90
C GLU B 150 11.18 -30.49 -11.45
N GLY B 151 12.12 -30.18 -10.56
CA GLY B 151 11.92 -30.47 -9.15
C GLY B 151 11.30 -29.38 -8.31
N VAL B 152 10.49 -28.54 -8.95
CA VAL B 152 9.85 -27.43 -8.24
C VAL B 152 8.38 -27.77 -8.04
N LYS B 153 7.83 -27.42 -6.87
CA LYS B 153 6.42 -27.67 -6.58
C LYS B 153 5.59 -26.38 -6.52
N LYS B 154 6.23 -25.25 -6.27
CA LYS B 154 5.49 -23.99 -6.22
C LYS B 154 6.34 -22.84 -6.76
N THR B 155 5.69 -21.72 -6.99
CA THR B 155 6.38 -20.53 -7.47
C THR B 155 6.55 -19.65 -6.26
N SER B 156 7.40 -18.66 -6.38
CA SER B 156 7.64 -17.72 -5.29
C SER B 156 8.05 -16.44 -5.98
N GLY B 157 8.00 -15.34 -5.27
CA GLY B 157 8.36 -14.09 -5.90
C GLY B 157 9.59 -13.45 -5.28
N VAL B 158 10.65 -13.31 -6.06
CA VAL B 158 11.84 -12.69 -5.54
C VAL B 158 11.77 -11.22 -5.88
N PHE B 159 12.63 -10.43 -5.25
CA PHE B 159 12.72 -8.99 -5.48
C PHE B 159 14.16 -8.59 -5.56
N ILE B 160 14.61 -8.08 -6.69
CA ILE B 160 15.98 -7.66 -6.73
C ILE B 160 16.02 -6.34 -5.96
N MET B 161 16.94 -6.22 -5.01
CA MET B 161 17.06 -5.00 -4.22
C MET B 161 18.39 -4.37 -4.57
N ALA B 162 18.40 -3.05 -4.70
CA ALA B 162 19.63 -2.41 -5.07
C ALA B 162 19.77 -0.99 -4.56
N ARG B 163 20.96 -0.67 -4.07
CA ARG B 163 21.29 0.68 -3.62
C ARG B 163 22.73 0.91 -4.10
N GLY B 164 22.91 1.74 -5.12
CA GLY B 164 24.23 2.00 -5.65
C GLY B 164 24.86 0.68 -6.06
N GLU B 165 25.97 0.31 -5.44
CA GLU B 165 26.65 -0.95 -5.75
C GLU B 165 25.96 -2.16 -5.14
N GLU B 166 25.24 -1.96 -4.02
CA GLU B 166 24.57 -3.06 -3.33
C GLU B 166 23.40 -3.69 -4.09
N GLN B 167 23.48 -5.00 -4.27
CA GLN B 167 22.43 -5.74 -4.97
C GLN B 167 22.14 -7.03 -4.23
N TYR B 168 20.90 -7.20 -3.79
CA TYR B 168 20.50 -8.41 -3.09
C TYR B 168 19.19 -8.95 -3.65
N VAL B 169 18.85 -10.18 -3.27
CA VAL B 169 17.63 -10.84 -3.69
C VAL B 169 16.84 -11.11 -2.40
N PHE B 170 15.52 -10.93 -2.44
CA PHE B 170 14.68 -11.21 -1.27
C PHE B 170 13.63 -12.30 -1.58
N ALA B 171 13.73 -13.44 -0.89
CA ALA B 171 12.91 -14.62 -1.12
C ALA B 171 11.49 -14.66 -0.66
N ASP B 172 10.65 -14.82 -1.67
CA ASP B 172 9.19 -14.86 -1.62
C ASP B 172 8.52 -13.91 -0.69
N CYS B 173 8.40 -12.68 -1.18
CA CYS B 173 7.77 -11.60 -0.45
C CYS B 173 6.48 -11.29 -1.18
N ALA B 174 6.00 -12.24 -1.96
CA ALA B 174 4.78 -12.01 -2.73
C ALA B 174 3.75 -13.13 -2.92
N ILE B 175 4.20 -14.36 -3.16
CA ILE B 175 3.23 -15.41 -3.41
C ILE B 175 2.86 -16.28 -2.22
N ASN B 176 3.71 -17.24 -1.88
CA ASN B 176 3.46 -18.17 -0.78
C ASN B 176 3.28 -17.53 0.62
N ILE B 177 2.09 -17.66 1.20
CA ILE B 177 1.79 -17.07 2.52
C ILE B 177 2.57 -17.70 3.67
N ALA B 178 2.29 -18.96 3.96
CA ALA B 178 2.97 -19.63 5.05
C ALA B 178 3.76 -20.86 4.56
N PRO B 179 4.97 -20.64 4.02
CA PRO B 179 5.80 -21.75 3.53
C PRO B 179 6.28 -22.66 4.64
N ASP B 180 6.45 -23.94 4.35
CA ASP B 180 6.96 -24.91 5.32
C ASP B 180 8.40 -25.31 4.96
N SER B 181 9.04 -26.12 5.79
CA SER B 181 10.42 -26.56 5.53
C SER B 181 10.73 -26.92 4.06
N GLN B 182 9.86 -27.73 3.47
CA GLN B 182 10.01 -28.12 2.05
C GLN B 182 10.00 -26.91 1.12
N ASP B 183 9.02 -26.04 1.32
CA ASP B 183 8.89 -24.85 0.50
C ASP B 183 10.06 -23.88 0.65
N LEU B 184 10.42 -23.56 1.89
CA LEU B 184 11.53 -22.64 2.12
C LEU B 184 12.79 -23.15 1.43
N ALA B 185 13.07 -24.44 1.58
CA ALA B 185 14.26 -25.01 0.97
C ALA B 185 14.26 -24.74 -0.52
N GLU B 186 13.09 -24.93 -1.11
CA GLU B 186 12.89 -24.72 -2.53
C GLU B 186 13.11 -23.25 -2.86
N ILE B 187 12.39 -22.36 -2.19
CA ILE B 187 12.54 -20.92 -2.44
C ILE B 187 14.02 -20.51 -2.39
N ALA B 188 14.74 -21.03 -1.41
CA ALA B 188 16.16 -20.72 -1.32
C ALA B 188 16.84 -21.11 -2.61
N ILE B 189 16.82 -22.40 -2.96
CA ILE B 189 17.49 -22.89 -4.18
C ILE B 189 17.09 -22.20 -5.49
N GLU B 190 15.80 -21.98 -5.67
CA GLU B 190 15.30 -21.33 -6.88
C GLU B 190 15.67 -19.86 -6.94
N SER B 191 15.76 -19.21 -5.78
CA SER B 191 16.12 -17.80 -5.70
C SER B 191 17.58 -17.63 -6.04
N ALA B 192 18.37 -18.61 -5.64
CA ALA B 192 19.80 -18.57 -5.89
C ALA B 192 20.00 -18.63 -7.40
N ASN B 193 19.13 -19.38 -8.07
CA ASN B 193 19.24 -19.50 -9.51
C ASN B 193 18.83 -18.19 -10.20
N THR B 194 17.75 -17.61 -9.71
CA THR B 194 17.27 -16.34 -10.24
C THR B 194 18.33 -15.28 -10.02
N ALA B 195 19.04 -15.35 -8.91
CA ALA B 195 20.07 -14.36 -8.63
C ALA B 195 21.23 -14.49 -9.60
N LYS B 196 21.38 -15.64 -10.24
CA LYS B 196 22.46 -15.83 -11.20
C LYS B 196 22.18 -14.95 -12.41
N MET B 197 20.92 -14.93 -12.84
CA MET B 197 20.50 -14.13 -13.99
C MET B 197 21.00 -12.69 -13.95
N PHE B 198 21.02 -12.06 -12.78
CA PHE B 198 21.50 -10.67 -12.67
C PHE B 198 23.00 -10.63 -12.33
N ASP B 199 23.72 -11.69 -12.69
CA ASP B 199 25.16 -11.77 -12.44
C ASP B 199 25.55 -11.57 -10.97
N ILE B 200 24.82 -12.23 -10.07
CA ILE B 200 25.10 -12.19 -8.63
C ILE B 200 25.59 -13.57 -8.22
N GLU B 201 26.51 -13.61 -7.26
CA GLU B 201 27.04 -14.88 -6.82
C GLU B 201 26.31 -15.36 -5.55
N PRO B 202 25.42 -16.36 -5.70
CA PRO B 202 24.62 -16.95 -4.62
C PRO B 202 25.28 -17.19 -3.28
N ARG B 203 24.63 -16.71 -2.23
CA ARG B 203 25.08 -16.89 -0.88
C ARG B 203 23.81 -16.71 -0.09
N VAL B 204 23.10 -17.80 0.08
CA VAL B 204 21.83 -17.77 0.75
C VAL B 204 21.92 -17.72 2.26
N ALA B 205 20.97 -17.06 2.89
CA ALA B 205 20.91 -17.01 4.34
C ALA B 205 19.45 -17.19 4.70
N MET B 206 19.07 -18.33 5.27
CA MET B 206 17.68 -18.56 5.64
C MET B 206 17.41 -17.73 6.90
N LEU B 207 16.62 -16.67 6.80
CA LEU B 207 16.36 -15.84 7.97
C LEU B 207 15.32 -16.36 8.96
N SER B 208 15.49 -15.95 10.22
CA SER B 208 14.58 -16.27 11.32
C SER B 208 14.79 -15.27 12.45
N PHE B 209 14.19 -15.52 13.62
CA PHE B 209 14.39 -14.56 14.71
C PHE B 209 15.43 -15.02 15.72
N SER B 210 16.25 -15.97 15.31
CA SER B 210 17.31 -16.45 16.16
C SER B 210 18.38 -17.01 15.24
N THR B 211 19.63 -17.01 15.71
CA THR B 211 20.71 -17.52 14.88
C THR B 211 21.13 -18.89 15.40
N LYS B 212 21.36 -19.81 14.45
CA LYS B 212 21.77 -21.19 14.72
C LYS B 212 21.60 -21.70 16.14
N GLY B 213 20.38 -21.71 16.68
CA GLY B 213 20.17 -22.20 18.03
C GLY B 213 19.49 -21.27 19.03
N SER B 214 19.88 -19.99 19.06
CA SER B 214 19.33 -18.96 19.98
C SER B 214 18.02 -19.38 20.65
N ALA B 215 16.91 -19.17 19.94
CA ALA B 215 15.58 -19.56 20.44
C ALA B 215 15.20 -20.85 19.73
N LYS B 216 14.49 -21.74 20.43
CA LYS B 216 14.09 -22.98 19.80
C LYS B 216 12.59 -23.25 19.92
N SER B 217 11.89 -22.96 18.83
CA SER B 217 10.46 -23.17 18.74
C SER B 217 10.20 -23.91 17.42
N ASP B 218 8.96 -24.02 17.00
CA ASP B 218 8.68 -24.71 15.75
C ASP B 218 9.17 -23.83 14.62
N GLU B 219 8.98 -22.53 14.80
CA GLU B 219 9.37 -21.53 13.80
C GLU B 219 10.86 -21.61 13.45
N THR B 220 11.71 -21.76 14.47
CA THR B 220 13.14 -21.86 14.21
C THR B 220 13.47 -23.23 13.64
N GLU B 221 12.72 -24.26 14.04
CA GLU B 221 12.91 -25.61 13.54
C GLU B 221 12.67 -25.64 12.03
N LYS B 222 11.52 -25.08 11.65
CA LYS B 222 11.08 -24.97 10.26
C LYS B 222 12.23 -24.51 9.39
N VAL B 223 12.76 -23.33 9.69
CA VAL B 223 13.86 -22.78 8.92
C VAL B 223 15.08 -23.72 9.01
N ALA B 224 15.40 -24.14 10.22
CA ALA B 224 16.52 -25.02 10.41
C ALA B 224 16.39 -26.26 9.54
N ASP B 225 15.24 -26.93 9.65
CA ASP B 225 14.93 -28.13 8.87
C ASP B 225 15.11 -27.81 7.40
N ALA B 226 14.60 -26.63 7.02
CA ALA B 226 14.65 -26.14 5.66
C ALA B 226 16.08 -26.07 5.12
N VAL B 227 17.02 -25.68 5.99
CA VAL B 227 18.41 -25.58 5.58
C VAL B 227 19.00 -26.97 5.29
N LYS B 228 18.58 -27.98 6.06
CA LYS B 228 19.05 -29.36 5.87
C LYS B 228 18.63 -29.82 4.49
N ILE B 229 17.34 -29.83 4.29
CA ILE B 229 16.77 -30.20 3.00
C ILE B 229 17.47 -29.53 1.82
N ALA B 230 17.68 -28.20 1.91
CA ALA B 230 18.33 -27.42 0.85
C ALA B 230 19.78 -27.84 0.69
N LYS B 231 20.51 -27.91 1.80
CA LYS B 231 21.92 -28.31 1.76
C LYS B 231 22.01 -29.72 1.20
N GLU B 232 21.01 -30.53 1.50
CA GLU B 232 20.95 -31.90 1.05
C GLU B 232 20.77 -31.91 -0.48
N LYS B 233 19.69 -31.30 -0.96
CA LYS B 233 19.41 -31.24 -2.40
C LYS B 233 20.52 -30.55 -3.19
N ALA B 234 20.91 -29.34 -2.80
CA ALA B 234 21.95 -28.62 -3.51
C ALA B 234 23.19 -28.39 -2.65
N PRO B 235 24.08 -29.40 -2.56
CA PRO B 235 25.33 -29.40 -1.78
C PRO B 235 26.35 -28.29 -2.05
N GLU B 236 26.40 -27.82 -3.29
CA GLU B 236 27.34 -26.78 -3.69
C GLU B 236 26.88 -25.34 -3.39
N LEU B 237 25.57 -25.15 -3.28
CA LEU B 237 24.98 -23.85 -3.01
C LEU B 237 25.48 -23.36 -1.65
N THR B 238 26.10 -22.18 -1.63
CA THR B 238 26.59 -21.65 -0.37
C THR B 238 25.41 -21.08 0.42
N LEU B 239 24.94 -21.85 1.39
CA LEU B 239 23.79 -21.43 2.20
C LEU B 239 23.74 -22.05 3.59
N ASP B 240 23.82 -21.23 4.61
CA ASP B 240 23.72 -21.78 5.94
C ASP B 240 22.41 -21.25 6.46
N GLY B 241 21.89 -21.87 7.51
CA GLY B 241 20.58 -21.47 7.97
C GLY B 241 20.19 -21.23 9.40
N GLU B 242 19.14 -20.42 9.47
CA GLU B 242 18.53 -19.96 10.67
C GLU B 242 19.44 -18.86 11.20
N PHE B 243 19.42 -17.73 10.47
CA PHE B 243 20.21 -16.54 10.78
C PHE B 243 19.31 -15.38 11.09
N GLN B 244 19.76 -14.48 11.96
CA GLN B 244 18.99 -13.29 12.21
C GLN B 244 19.54 -12.40 11.10
N PHE B 245 18.93 -11.27 10.82
CA PHE B 245 19.43 -10.46 9.73
C PHE B 245 20.87 -10.03 10.05
N ASP B 246 21.18 -9.82 11.33
CA ASP B 246 22.54 -9.43 11.74
C ASP B 246 23.53 -10.40 11.19
N ALA B 247 23.43 -11.61 11.71
CA ALA B 247 24.33 -12.65 11.33
C ALA B 247 24.47 -12.72 9.84
N ALA B 248 23.37 -12.52 9.14
CA ALA B 248 23.40 -12.61 7.70
C ALA B 248 24.03 -11.43 6.99
N PHE B 249 23.88 -10.23 7.57
CA PHE B 249 24.33 -8.98 6.94
C PHE B 249 25.64 -8.30 7.38
N VAL B 250 26.00 -8.38 8.66
CA VAL B 250 27.25 -7.76 9.12
C VAL B 250 28.23 -8.80 9.70
N PRO B 251 29.41 -8.96 9.06
CA PRO B 251 30.49 -9.90 9.44
C PRO B 251 30.88 -9.95 10.92
N SER B 252 30.94 -8.79 11.57
CA SER B 252 31.28 -8.73 12.99
C SER B 252 30.38 -9.73 13.69
N VAL B 253 29.06 -9.51 13.59
CA VAL B 253 28.03 -10.37 14.20
C VAL B 253 28.06 -11.82 13.73
N ALA B 254 28.55 -12.07 12.52
CA ALA B 254 28.61 -13.44 12.02
C ALA B 254 29.54 -14.32 12.87
N GLU B 255 30.78 -13.86 13.12
CA GLU B 255 31.73 -14.64 13.90
C GLU B 255 31.29 -14.75 15.37
N LYS B 256 30.60 -13.75 15.89
CA LYS B 256 30.15 -13.83 17.28
C LYS B 256 29.01 -14.85 17.44
N LYS B 257 27.88 -14.59 16.78
CA LYS B 257 26.71 -15.47 16.88
C LYS B 257 26.81 -16.83 16.18
N ALA B 258 27.66 -16.96 15.17
CA ALA B 258 27.72 -18.26 14.51
C ALA B 258 28.84 -18.48 13.53
N PRO B 259 30.07 -18.67 14.04
CA PRO B 259 31.18 -18.90 13.12
C PRO B 259 31.03 -20.33 12.64
N ASP B 260 32.01 -20.79 11.86
CA ASP B 260 31.96 -22.14 11.32
C ASP B 260 30.69 -22.25 10.51
N SER B 261 30.52 -21.30 9.60
CA SER B 261 29.35 -21.25 8.77
C SER B 261 29.74 -20.63 7.45
N GLU B 262 29.26 -21.22 6.35
CA GLU B 262 29.58 -20.70 5.03
C GLU B 262 29.32 -19.20 4.94
N ILE B 263 28.17 -18.76 5.39
CA ILE B 263 27.81 -17.35 5.34
C ILE B 263 28.56 -16.58 6.39
N LYS B 264 29.55 -15.81 5.99
CA LYS B 264 30.29 -15.02 6.98
C LYS B 264 29.81 -13.58 7.02
N GLY B 265 28.53 -13.40 7.33
CA GLY B 265 27.96 -12.06 7.39
C GLY B 265 28.03 -11.40 6.03
N ASP B 266 27.98 -12.21 4.97
CA ASP B 266 28.08 -11.72 3.59
C ASP B 266 27.01 -12.27 2.65
N ALA B 267 25.83 -12.54 3.18
CA ALA B 267 24.74 -13.08 2.40
C ALA B 267 24.20 -12.03 1.42
N ASN B 268 23.85 -12.47 0.22
CA ASN B 268 23.32 -11.56 -0.79
C ASN B 268 22.01 -12.07 -1.39
N VAL B 269 21.45 -13.09 -0.72
CA VAL B 269 20.20 -13.70 -1.13
C VAL B 269 19.57 -14.07 0.19
N PHE B 270 18.56 -13.33 0.62
CA PHE B 270 17.92 -13.61 1.91
C PHE B 270 16.55 -14.29 1.79
N VAL B 271 16.41 -15.52 2.28
CA VAL B 271 15.13 -16.20 2.20
C VAL B 271 14.36 -15.97 3.49
N PHE B 272 13.22 -15.28 3.39
CA PHE B 272 12.43 -15.04 4.59
C PHE B 272 11.64 -16.28 4.96
N PRO B 273 11.28 -16.40 6.24
CA PRO B 273 10.53 -17.53 6.78
C PRO B 273 9.03 -17.52 6.49
N SER B 274 8.49 -16.34 6.23
CA SER B 274 7.06 -16.24 5.94
C SER B 274 6.71 -14.99 5.14
N LEU B 275 5.54 -15.00 4.49
CA LEU B 275 5.14 -13.85 3.70
C LEU B 275 5.03 -12.60 4.56
N GLU B 276 4.63 -12.72 5.83
CA GLU B 276 4.52 -11.54 6.71
C GLU B 276 5.87 -10.84 6.90
N ALA B 277 6.92 -11.66 7.03
CA ALA B 277 8.27 -11.15 7.21
C ALA B 277 8.87 -10.64 5.90
N GLY B 278 8.63 -11.39 4.82
CA GLY B 278 9.20 -10.99 3.53
C GLY B 278 8.58 -9.77 2.87
N ASN B 279 7.27 -9.67 2.97
CA ASN B 279 6.59 -8.54 2.36
C ASN B 279 6.93 -7.30 3.16
N ILE B 280 6.81 -7.38 4.49
CA ILE B 280 7.14 -6.21 5.28
C ILE B 280 8.65 -5.94 5.16
N GLY B 281 9.40 -7.01 4.94
CA GLY B 281 10.82 -6.84 4.83
C GLY B 281 11.31 -5.98 3.68
N TYR B 282 11.05 -6.43 2.46
CA TYR B 282 11.52 -5.71 1.29
C TYR B 282 11.02 -4.28 1.34
N LYS B 283 9.82 -4.11 1.86
CA LYS B 283 9.25 -2.79 1.96
C LYS B 283 9.98 -1.90 2.95
N ILE B 284 10.51 -2.48 4.02
CA ILE B 284 11.24 -1.63 4.95
C ILE B 284 12.59 -1.30 4.33
N ALA B 285 13.16 -2.29 3.66
CA ALA B 285 14.43 -2.07 3.02
C ALA B 285 14.28 -0.92 2.01
N GLN B 286 13.15 -0.92 1.31
CA GLN B 286 12.87 0.10 0.30
C GLN B 286 12.60 1.48 0.88
N ARG B 287 11.47 1.64 1.56
CA ARG B 287 11.11 2.94 2.13
C ARG B 287 12.01 3.47 3.22
N LEU B 288 12.71 2.61 3.95
CA LEU B 288 13.61 3.08 5.00
C LEU B 288 15.07 3.04 4.59
N GLY B 289 15.50 1.95 3.95
CA GLY B 289 16.89 1.86 3.53
C GLY B 289 17.17 2.57 2.22
N ASN B 290 16.13 3.14 1.62
CA ASN B 290 16.22 3.84 0.34
C ASN B 290 16.85 2.93 -0.71
N PHE B 291 16.34 1.71 -0.76
CA PHE B 291 16.78 0.72 -1.72
C PHE B 291 15.81 0.70 -2.87
N GLU B 292 16.31 0.57 -4.07
CA GLU B 292 15.42 0.49 -5.21
C GLU B 292 14.90 -0.96 -5.15
N ALA B 293 13.63 -1.17 -5.45
CA ALA B 293 13.07 -2.53 -5.40
C ALA B 293 12.33 -2.97 -6.67
N VAL B 294 12.83 -4.00 -7.36
CA VAL B 294 12.20 -4.51 -8.59
C VAL B 294 11.10 -5.52 -8.29
N GLY B 295 9.85 -5.09 -8.52
CA GLY B 295 8.60 -5.84 -8.30
C GLY B 295 8.67 -7.34 -8.27
N PRO B 296 7.59 -8.01 -7.85
CA PRO B 296 7.67 -9.47 -7.82
C PRO B 296 8.04 -10.13 -9.14
N ILE B 297 9.08 -10.96 -9.10
CA ILE B 297 9.55 -11.71 -10.25
C ILE B 297 9.27 -13.18 -9.94
N LEU B 298 8.29 -13.80 -10.60
CA LEU B 298 8.01 -15.22 -10.33
C LEU B 298 9.18 -16.09 -10.76
N GLN B 299 9.27 -17.31 -10.25
CA GLN B 299 10.37 -18.16 -10.61
C GLN B 299 10.00 -19.63 -10.54
N GLY B 300 10.74 -20.47 -11.25
CA GLY B 300 10.48 -21.90 -11.20
C GLY B 300 9.37 -22.44 -12.09
N LEU B 301 8.83 -21.62 -12.96
CA LEU B 301 7.80 -22.07 -13.88
C LEU B 301 8.47 -22.72 -15.12
N ASN B 302 7.69 -23.36 -15.97
CA ASN B 302 8.23 -23.95 -17.21
C ASN B 302 8.55 -22.83 -18.18
N MET B 303 7.73 -21.80 -18.23
CA MET B 303 8.01 -20.67 -19.10
C MET B 303 7.80 -19.37 -18.34
N PRO B 304 8.64 -18.37 -18.60
CA PRO B 304 8.58 -17.07 -17.94
C PRO B 304 7.22 -16.43 -17.95
N VAL B 305 6.76 -16.07 -16.75
CA VAL B 305 5.49 -15.37 -16.57
C VAL B 305 5.74 -14.43 -15.43
N ASN B 306 5.44 -13.15 -15.62
CA ASN B 306 5.64 -12.16 -14.56
C ASN B 306 4.48 -11.21 -14.34
N ASP B 307 4.36 -10.73 -13.10
CA ASP B 307 3.25 -9.86 -12.76
C ASP B 307 3.59 -8.43 -12.36
N LEU B 308 3.04 -7.48 -13.14
CA LEU B 308 3.24 -6.06 -12.90
C LEU B 308 2.19 -5.65 -11.89
N SER B 309 2.39 -4.49 -11.28
CA SER B 309 1.47 -3.99 -10.29
C SER B 309 0.50 -3.02 -10.94
N ARG B 310 -0.80 -3.11 -10.67
CA ARG B 310 -1.74 -2.15 -11.28
C ARG B 310 -1.05 -0.85 -10.94
N GLY B 311 -1.32 0.22 -11.63
CA GLY B 311 -0.59 1.43 -11.26
C GLY B 311 0.94 1.34 -11.37
N CYS B 312 1.44 0.52 -12.29
CA CYS B 312 2.87 0.38 -12.50
C CYS B 312 3.33 1.51 -13.41
N ASN B 313 4.61 1.52 -13.74
CA ASN B 313 5.20 2.55 -14.56
C ASN B 313 5.24 2.07 -16.00
N ALA B 314 5.30 2.99 -16.95
CA ALA B 314 5.38 2.56 -18.34
C ALA B 314 6.79 1.99 -18.52
N GLU B 315 7.71 2.36 -17.64
CA GLU B 315 9.06 1.84 -17.74
C GLU B 315 9.19 0.57 -16.94
N ASP B 316 8.21 0.32 -16.07
CA ASP B 316 8.26 -0.91 -15.30
C ASP B 316 7.89 -2.07 -16.20
N VAL B 317 7.00 -1.81 -17.16
CA VAL B 317 6.54 -2.82 -18.11
C VAL B 317 7.71 -3.20 -18.97
N TYR B 318 8.45 -2.18 -19.39
CA TYR B 318 9.65 -2.36 -20.20
C TYR B 318 10.69 -3.25 -19.52
N ASN B 319 10.96 -2.98 -18.24
CA ASN B 319 11.95 -3.74 -17.48
C ASN B 319 11.44 -5.10 -17.07
N LEU B 320 10.15 -5.22 -16.76
CA LEU B 320 9.69 -6.53 -16.38
C LEU B 320 9.93 -7.38 -17.62
N ALA B 321 9.59 -6.79 -18.77
CA ALA B 321 9.75 -7.42 -20.08
C ALA B 321 11.17 -7.94 -20.28
N LEU B 322 12.16 -7.10 -19.98
CA LEU B 322 13.56 -7.48 -20.10
C LEU B 322 13.90 -8.65 -19.17
N ILE B 323 13.32 -8.65 -17.97
CA ILE B 323 13.57 -9.72 -17.01
C ILE B 323 12.90 -11.00 -17.46
N THR B 324 11.68 -10.85 -17.95
CA THR B 324 10.92 -11.99 -18.46
C THR B 324 11.61 -12.65 -19.65
N ALA B 325 12.05 -11.84 -20.61
CA ALA B 325 12.72 -12.39 -21.77
C ALA B 325 14.05 -13.02 -21.39
N ALA B 326 14.64 -12.57 -20.28
CA ALA B 326 15.93 -13.11 -19.82
C ALA B 326 15.72 -14.51 -19.29
N GLN B 327 14.65 -14.68 -18.52
CA GLN B 327 14.30 -15.97 -17.94
C GLN B 327 14.04 -17.01 -19.03
N ALA B 328 13.53 -16.56 -20.17
CA ALA B 328 13.23 -17.44 -21.30
C ALA B 328 14.51 -17.87 -22.02
N LEU B 329 15.42 -16.92 -22.21
CA LEU B 329 16.69 -17.19 -22.88
C LEU B 329 17.37 -18.32 -22.17
N MET C 7 9.77 11.81 -5.15
CA MET C 7 10.00 12.89 -6.16
C MET C 7 8.91 12.88 -7.22
N ALA C 8 8.51 11.68 -7.63
CA ALA C 8 7.48 11.50 -8.63
C ALA C 8 6.25 12.33 -8.26
N ASP C 9 5.85 12.28 -7.00
CA ASP C 9 4.69 13.07 -6.59
C ASP C 9 5.01 14.56 -6.51
N LEU C 10 6.29 14.90 -6.64
CA LEU C 10 6.74 16.29 -6.64
C LEU C 10 6.50 16.89 -8.04
N PHE C 11 6.48 16.02 -9.05
CA PHE C 11 6.26 16.43 -10.44
C PHE C 11 4.77 16.53 -10.75
N SER C 12 3.99 15.62 -10.18
CA SER C 12 2.54 15.61 -10.39
C SER C 12 2.02 16.96 -9.89
N THR C 13 2.73 17.49 -8.91
CA THR C 13 2.43 18.78 -8.33
C THR C 13 2.59 19.82 -9.43
N VAL C 14 3.75 19.79 -10.07
CA VAL C 14 4.04 20.73 -11.15
C VAL C 14 3.08 20.47 -12.30
N GLN C 15 3.03 19.23 -12.78
CA GLN C 15 2.17 18.88 -13.90
C GLN C 15 0.74 19.27 -13.63
N GLU C 16 0.43 19.44 -12.36
CA GLU C 16 -0.90 19.83 -11.99
C GLU C 16 -1.16 21.24 -12.49
N LYS C 17 -0.27 22.14 -12.11
CA LYS C 17 -0.39 23.55 -12.47
C LYS C 17 -0.20 23.80 -13.97
N VAL C 18 0.66 23.00 -14.62
CA VAL C 18 0.98 23.15 -16.05
C VAL C 18 -0.03 22.56 -17.04
N ALA C 19 -0.45 21.32 -16.81
CA ALA C 19 -1.38 20.61 -17.69
C ALA C 19 -2.63 21.40 -18.05
N GLY C 20 -3.00 21.38 -19.33
CA GLY C 20 -4.19 22.11 -19.77
C GLY C 20 -3.96 23.54 -20.22
N LYS C 21 -3.04 24.27 -19.57
CA LYS C 21 -2.75 25.68 -19.90
C LYS C 21 -1.97 25.85 -21.20
N ASP C 22 -1.88 24.77 -21.97
CA ASP C 22 -1.16 24.74 -23.24
C ASP C 22 -0.09 25.83 -23.48
N VAL C 23 0.99 25.65 -22.74
CA VAL C 23 2.16 26.49 -22.80
C VAL C 23 3.02 25.96 -23.95
N LYS C 24 3.73 26.83 -24.66
CA LYS C 24 4.56 26.38 -25.76
C LYS C 24 5.99 26.23 -25.33
N ILE C 25 6.55 25.04 -25.47
CA ILE C 25 7.95 24.87 -25.13
C ILE C 25 8.71 24.45 -26.39
N VAL C 26 9.78 25.19 -26.71
CA VAL C 26 10.64 24.89 -27.86
C VAL C 26 11.71 23.89 -27.42
N PHE C 27 12.01 22.92 -28.28
CA PHE C 27 13.05 21.93 -28.05
C PHE C 27 13.90 22.02 -29.32
N PRO C 28 15.01 22.75 -29.27
CA PRO C 28 15.86 22.89 -30.44
C PRO C 28 16.44 21.57 -31.02
N GLU C 29 16.63 20.57 -30.17
CA GLU C 29 17.20 19.32 -30.65
C GLU C 29 16.22 18.36 -31.31
N GLY C 30 15.65 18.83 -32.42
CA GLY C 30 14.67 18.07 -33.16
C GLY C 30 14.92 16.61 -33.48
N LEU C 31 16.17 16.24 -33.78
CA LEU C 31 16.43 14.85 -34.14
C LEU C 31 16.84 13.95 -33.03
N ASP C 32 16.76 14.43 -31.79
CA ASP C 32 17.13 13.61 -30.64
C ASP C 32 15.98 12.72 -30.20
N GLU C 33 16.21 11.42 -30.05
CA GLU C 33 15.11 10.52 -29.67
C GLU C 33 14.56 10.73 -28.29
N ARG C 34 15.39 11.26 -27.41
CA ARG C 34 14.92 11.54 -26.05
C ARG C 34 13.86 12.66 -26.19
N ILE C 35 14.22 13.72 -26.92
CA ILE C 35 13.32 14.83 -27.14
C ILE C 35 12.05 14.37 -27.85
N LEU C 36 12.22 13.62 -28.94
CA LEU C 36 11.09 13.11 -29.71
C LEU C 36 10.14 12.18 -28.93
N GLU C 37 10.65 11.32 -28.04
CA GLU C 37 9.76 10.44 -27.25
C GLU C 37 8.98 11.29 -26.28
N ALA C 38 9.70 12.27 -25.73
CA ALA C 38 9.17 13.20 -24.76
C ALA C 38 8.15 14.13 -25.35
N VAL C 39 8.48 14.66 -26.53
CA VAL C 39 7.62 15.58 -27.24
C VAL C 39 6.38 14.82 -27.72
N SER C 40 6.60 13.59 -28.17
CA SER C 40 5.52 12.75 -28.63
C SER C 40 4.53 12.53 -27.50
N LYS C 41 5.04 12.19 -26.32
CA LYS C 41 4.17 11.95 -25.17
C LYS C 41 3.45 13.17 -24.60
N LEU C 42 4.15 14.30 -24.49
CA LEU C 42 3.59 15.54 -23.97
C LEU C 42 2.39 15.96 -24.80
N ALA C 43 2.53 15.92 -26.12
CA ALA C 43 1.43 16.30 -26.99
C ALA C 43 0.38 15.18 -26.95
N GLY C 44 0.85 13.94 -26.79
CA GLY C 44 -0.06 12.81 -26.73
C GLY C 44 -1.09 12.96 -25.63
N ASN C 45 -0.66 13.49 -24.48
CA ASN C 45 -1.55 13.71 -23.34
C ASN C 45 -2.03 15.16 -23.22
N LYS C 46 -1.68 15.99 -24.19
CA LYS C 46 -2.09 17.39 -24.22
C LYS C 46 -1.65 18.17 -22.99
N VAL C 47 -0.50 17.78 -22.42
CA VAL C 47 0.03 18.46 -21.23
C VAL C 47 0.39 19.88 -21.63
N LEU C 48 1.15 20.03 -22.70
CA LEU C 48 1.55 21.34 -23.16
C LEU C 48 1.71 21.26 -24.69
N ASN C 49 2.11 22.35 -25.34
CA ASN C 49 2.30 22.32 -26.80
C ASN C 49 3.74 22.31 -27.23
N PRO C 50 4.28 21.12 -27.56
CA PRO C 50 5.68 21.04 -27.98
C PRO C 50 5.96 21.57 -29.39
N ILE C 51 7.03 22.34 -29.52
CA ILE C 51 7.47 22.87 -30.81
C ILE C 51 8.91 22.34 -30.98
N VAL C 52 9.11 21.41 -31.90
CA VAL C 52 10.41 20.84 -32.17
C VAL C 52 11.07 21.75 -33.21
N ILE C 53 12.40 21.75 -33.31
CA ILE C 53 13.12 22.54 -34.31
C ILE C 53 14.00 21.64 -35.21
N GLY C 54 13.94 21.82 -36.52
CA GLY C 54 14.73 20.97 -37.41
C GLY C 54 13.99 20.74 -38.72
N ASN C 55 14.56 19.95 -39.62
CA ASN C 55 13.96 19.65 -40.91
C ASN C 55 12.73 18.75 -40.75
N GLU C 56 11.57 19.16 -41.29
CA GLU C 56 10.36 18.34 -41.14
C GLU C 56 10.47 16.90 -41.64
N ASN C 57 10.91 16.72 -42.89
CA ASN C 57 11.01 15.38 -43.45
C ASN C 57 11.89 14.47 -42.65
N GLU C 58 12.99 15.03 -42.15
CA GLU C 58 13.88 14.25 -41.30
C GLU C 58 13.22 13.88 -40.01
N ILE C 59 12.86 14.90 -39.24
CA ILE C 59 12.22 14.67 -37.96
C ILE C 59 11.08 13.69 -38.15
N GLN C 60 10.27 13.91 -39.17
CA GLN C 60 9.12 13.05 -39.44
C GLN C 60 9.58 11.60 -39.63
N ALA C 61 10.70 11.44 -40.32
CA ALA C 61 11.24 10.12 -40.58
C ALA C 61 11.82 9.47 -39.33
N LYS C 62 12.50 10.27 -38.52
CA LYS C 62 13.08 9.79 -37.28
C LYS C 62 12.00 9.32 -36.28
N ALA C 63 10.89 10.05 -36.25
CA ALA C 63 9.79 9.69 -35.38
C ALA C 63 9.29 8.33 -35.83
N LYS C 64 9.31 8.08 -37.14
CA LYS C 64 8.83 6.80 -37.67
C LYS C 64 9.68 5.65 -37.21
N GLU C 65 10.98 5.85 -37.10
CA GLU C 65 11.74 4.69 -36.68
C GLU C 65 11.80 4.52 -35.19
N LEU C 66 11.08 5.37 -34.46
CA LEU C 66 11.02 5.27 -33.01
C LEU C 66 9.57 4.91 -32.67
N ASN C 67 8.79 4.63 -33.70
CA ASN C 67 7.38 4.29 -33.58
C ASN C 67 6.61 5.41 -32.94
N LEU C 68 6.89 6.63 -33.37
CA LEU C 68 6.20 7.76 -32.79
C LEU C 68 5.40 8.51 -33.80
N THR C 69 4.43 9.25 -33.30
CA THR C 69 3.61 10.06 -34.15
C THR C 69 3.86 11.45 -33.62
N LEU C 70 3.83 12.46 -34.48
CA LEU C 70 4.07 13.81 -33.97
C LEU C 70 2.76 14.60 -33.81
N GLY C 71 1.84 13.97 -33.07
CA GLY C 71 0.52 14.49 -32.76
C GLY C 71 0.37 15.98 -32.72
N GLY C 72 0.26 16.56 -31.54
CA GLY C 72 0.12 18.00 -31.50
C GLY C 72 1.49 18.64 -31.50
N VAL C 73 2.41 18.12 -32.31
CA VAL C 73 3.77 18.66 -32.34
C VAL C 73 4.01 19.53 -33.54
N LYS C 74 4.47 20.75 -33.31
CA LYS C 74 4.73 21.68 -34.40
C LYS C 74 6.21 21.60 -34.70
N ILE C 75 6.59 21.74 -35.97
CA ILE C 75 7.97 21.67 -36.36
C ILE C 75 8.35 22.94 -37.11
N TYR C 76 9.41 23.61 -36.66
CA TYR C 76 9.92 24.83 -37.30
C TYR C 76 11.36 24.58 -37.81
N ASP C 77 11.64 24.92 -39.08
CA ASP C 77 12.94 24.73 -39.72
C ASP C 77 13.54 26.11 -40.04
N PRO C 78 14.62 26.50 -39.35
CA PRO C 78 15.27 27.79 -39.56
C PRO C 78 15.45 28.15 -41.02
N HIS C 79 15.54 27.12 -41.87
CA HIS C 79 15.72 27.32 -43.30
C HIS C 79 14.44 27.54 -44.07
N THR C 80 13.29 27.47 -43.41
CA THR C 80 12.01 27.59 -44.08
C THR C 80 11.11 28.60 -43.40
N TYR C 81 11.37 28.81 -42.11
CA TYR C 81 10.56 29.71 -41.31
C TYR C 81 10.32 31.05 -42.03
N GLU C 82 9.04 31.36 -42.23
CA GLU C 82 8.61 32.57 -42.91
C GLU C 82 8.91 33.89 -42.15
N GLY C 83 9.00 33.83 -40.81
CA GLY C 83 9.30 35.02 -40.03
C GLY C 83 10.78 35.23 -39.70
N MET C 84 11.63 34.53 -40.42
CA MET C 84 13.06 34.63 -40.22
C MET C 84 13.59 36.02 -40.53
N GLU C 85 13.03 36.65 -41.55
CA GLU C 85 13.52 37.97 -41.93
C GLU C 85 13.27 38.84 -40.75
N ASP C 86 12.20 38.54 -40.03
CA ASP C 86 11.86 39.31 -38.85
C ASP C 86 12.83 39.00 -37.74
N LEU C 87 12.91 37.73 -37.35
CA LEU C 87 13.82 37.35 -36.29
C LEU C 87 15.24 37.91 -36.49
N VAL C 88 15.78 37.88 -37.70
CA VAL C 88 17.12 38.42 -37.88
C VAL C 88 17.23 39.88 -37.47
N GLN C 89 16.24 40.67 -37.82
CA GLN C 89 16.29 42.08 -37.44
C GLN C 89 16.19 42.27 -35.92
N ALA C 90 15.30 41.52 -35.26
CA ALA C 90 15.12 41.60 -33.81
C ALA C 90 16.40 41.29 -33.09
N PHE C 91 17.12 40.32 -33.65
CA PHE C 91 18.38 39.90 -33.07
C PHE C 91 19.41 41.00 -33.22
N VAL C 92 19.63 41.51 -34.42
CA VAL C 92 20.64 42.56 -34.58
C VAL C 92 20.39 43.72 -33.64
N GLU C 93 19.12 44.05 -33.44
CA GLU C 93 18.73 45.13 -32.57
C GLU C 93 19.03 44.77 -31.12
N ARG C 94 18.63 43.58 -30.69
CA ARG C 94 18.88 43.13 -29.34
C ARG C 94 20.38 43.02 -29.05
N ARG C 95 21.19 42.75 -30.09
CA ARG C 95 22.64 42.64 -29.95
C ARG C 95 23.35 43.98 -30.11
N LYS C 96 22.58 45.06 -29.97
CA LYS C 96 23.03 46.45 -30.07
C LYS C 96 24.29 46.71 -30.85
N GLY C 97 24.30 46.32 -32.12
CA GLY C 97 25.43 46.57 -32.97
C GLY C 97 26.53 45.53 -32.95
N LYS C 98 26.49 44.64 -31.97
CA LYS C 98 27.49 43.59 -31.84
C LYS C 98 27.37 42.56 -32.94
N ALA C 99 26.26 42.57 -33.68
CA ALA C 99 26.08 41.62 -34.77
C ALA C 99 25.71 42.30 -36.08
N THR C 100 26.29 41.83 -37.17
CA THR C 100 26.01 42.33 -38.52
C THR C 100 24.76 41.62 -38.98
N GLU C 101 24.20 42.06 -40.10
CA GLU C 101 23.02 41.39 -40.58
C GLU C 101 23.46 39.98 -41.03
N GLU C 102 24.61 39.89 -41.70
CA GLU C 102 25.13 38.61 -42.18
C GLU C 102 25.40 37.70 -41.00
N GLN C 103 25.94 38.26 -39.93
CA GLN C 103 26.20 37.48 -38.75
C GLN C 103 24.91 36.94 -38.11
N ALA C 104 23.97 37.84 -37.83
CA ALA C 104 22.70 37.46 -37.23
C ALA C 104 22.03 36.38 -38.06
N ARG C 105 22.11 36.50 -39.38
CA ARG C 105 21.46 35.51 -40.23
C ARG C 105 22.08 34.16 -39.98
N LYS C 106 23.40 34.12 -39.96
CA LYS C 106 24.10 32.87 -39.71
C LYS C 106 23.76 32.33 -38.33
N ALA C 107 23.81 33.21 -37.35
CA ALA C 107 23.51 32.85 -35.99
C ALA C 107 22.12 32.31 -35.81
N LEU C 108 21.17 32.86 -36.55
CA LEU C 108 19.82 32.37 -36.37
C LEU C 108 19.53 31.09 -37.10
N LEU C 109 20.52 30.54 -37.82
CA LEU C 109 20.27 29.26 -38.45
C LEU C 109 20.63 28.12 -37.47
N ASP C 110 21.15 28.48 -36.29
CA ASP C 110 21.53 27.51 -35.26
C ASP C 110 20.26 27.15 -34.56
N GLU C 111 20.00 25.88 -34.29
CA GLU C 111 18.75 25.48 -33.60
C GLU C 111 18.56 26.14 -32.24
N ASN C 112 19.63 26.32 -31.47
CA ASN C 112 19.51 26.95 -30.17
C ASN C 112 19.14 28.43 -30.26
N TYR C 113 19.86 29.18 -31.08
CA TYR C 113 19.54 30.59 -31.23
C TYR C 113 18.15 30.84 -31.82
N PHE C 114 17.74 29.96 -32.73
CA PHE C 114 16.46 30.10 -33.39
C PHE C 114 15.38 29.87 -32.36
N GLY C 115 15.51 28.81 -31.57
CA GLY C 115 14.52 28.52 -30.55
C GLY C 115 14.47 29.63 -29.50
N THR C 116 15.59 30.30 -29.30
CA THR C 116 15.62 31.34 -28.30
C THR C 116 14.95 32.59 -28.85
N MET C 117 15.23 32.96 -30.08
CA MET C 117 14.57 34.11 -30.68
C MET C 117 13.05 33.90 -30.64
N LEU C 118 12.61 32.67 -30.78
CA LEU C 118 11.19 32.39 -30.75
C LEU C 118 10.63 32.71 -29.37
N VAL C 119 11.25 32.17 -28.34
CA VAL C 119 10.79 32.39 -26.97
C VAL C 119 10.78 33.92 -26.71
N TYR C 120 11.84 34.56 -27.15
CA TYR C 120 12.01 35.99 -27.00
C TYR C 120 10.96 36.84 -27.70
N LYS C 121 10.37 36.37 -28.79
CA LYS C 121 9.40 37.17 -29.48
C LYS C 121 7.99 36.68 -29.23
N GLY C 122 7.81 35.85 -28.22
CA GLY C 122 6.48 35.40 -27.88
C GLY C 122 5.91 34.24 -28.65
N LEU C 123 6.62 33.78 -29.68
CA LEU C 123 6.13 32.66 -30.46
C LEU C 123 6.21 31.33 -29.70
N ALA C 124 6.86 31.36 -28.55
CA ALA C 124 6.98 30.20 -27.68
C ALA C 124 7.17 30.77 -26.29
N ASP C 125 6.93 29.94 -25.28
CA ASP C 125 7.04 30.37 -23.89
C ASP C 125 8.34 30.00 -23.15
N GLY C 126 8.95 28.88 -23.50
CA GLY C 126 10.17 28.47 -22.85
C GLY C 126 10.90 27.47 -23.69
N LEU C 127 12.21 27.47 -23.58
CA LEU C 127 13.03 26.58 -24.34
C LEU C 127 13.61 25.46 -23.42
N VAL C 128 13.94 24.31 -24.00
CA VAL C 128 14.49 23.18 -23.26
C VAL C 128 15.47 22.50 -24.18
N SER C 129 16.75 22.69 -23.95
CA SER C 129 17.75 22.09 -24.81
C SER C 129 18.78 21.38 -23.92
N GLY C 130 19.95 21.09 -24.48
CA GLY C 130 20.98 20.45 -23.69
C GLY C 130 21.25 18.97 -23.90
N ALA C 131 20.28 18.20 -24.39
CA ALA C 131 20.49 16.78 -24.59
C ALA C 131 21.58 16.45 -25.61
N ALA C 132 22.12 17.46 -26.27
CA ALA C 132 23.13 17.23 -27.30
C ALA C 132 24.00 18.45 -27.55
N HIS C 133 24.13 19.30 -26.55
CA HIS C 133 24.92 20.51 -26.64
C HIS C 133 25.50 20.70 -25.25
N SER C 134 26.61 21.42 -25.14
CA SER C 134 27.20 21.70 -23.84
C SER C 134 26.29 22.69 -23.09
N THR C 135 26.40 22.74 -21.76
CA THR C 135 25.56 23.66 -21.03
C THR C 135 25.81 25.10 -21.40
N ALA C 136 27.01 25.36 -21.90
CA ALA C 136 27.35 26.71 -22.31
C ALA C 136 26.54 27.15 -23.52
N ASP C 137 26.39 26.24 -24.49
CA ASP C 137 25.66 26.51 -25.72
C ASP C 137 24.17 26.75 -25.48
N THR C 138 23.67 26.33 -24.33
CA THR C 138 22.27 26.55 -24.03
C THR C 138 22.04 27.90 -23.36
N VAL C 139 22.86 28.19 -22.37
CA VAL C 139 22.78 29.41 -21.60
C VAL C 139 23.35 30.62 -22.35
N ARG C 140 24.24 30.40 -23.33
CA ARG C 140 24.81 31.50 -24.08
C ARG C 140 23.74 32.37 -24.75
N PRO C 141 23.02 31.82 -25.75
CA PRO C 141 21.98 32.64 -26.37
C PRO C 141 20.93 33.09 -25.36
N ALA C 142 20.62 32.23 -24.41
CA ALA C 142 19.66 32.62 -23.40
C ALA C 142 20.13 33.91 -22.69
N LEU C 143 21.42 34.22 -22.74
CA LEU C 143 21.88 35.43 -22.07
C LEU C 143 22.07 36.58 -23.06
N GLN C 144 22.40 36.24 -24.30
CA GLN C 144 22.59 37.31 -25.28
C GLN C 144 21.25 37.85 -25.72
N ILE C 145 20.27 36.97 -25.87
CA ILE C 145 18.94 37.34 -26.35
C ILE C 145 17.89 37.60 -25.27
N ILE C 146 17.41 36.53 -24.63
CA ILE C 146 16.47 36.66 -23.51
C ILE C 146 17.45 37.14 -22.46
N LYS C 147 17.05 37.95 -21.50
CA LYS C 147 18.11 38.30 -20.54
C LYS C 147 17.64 38.04 -19.14
N THR C 148 18.37 38.51 -18.13
CA THR C 148 17.94 38.29 -16.73
C THR C 148 16.85 39.29 -16.32
N LYS C 149 15.92 38.82 -15.48
CA LYS C 149 14.82 39.65 -15.00
C LYS C 149 15.28 40.94 -14.33
N GLU C 150 14.31 41.62 -13.73
CA GLU C 150 14.49 42.88 -13.02
C GLU C 150 15.83 43.14 -12.32
N GLY C 151 15.90 42.80 -11.03
CA GLY C 151 17.11 43.03 -10.27
C GLY C 151 18.06 41.86 -10.22
N VAL C 152 18.08 41.07 -11.29
CA VAL C 152 18.95 39.93 -11.32
C VAL C 152 20.09 40.21 -12.27
N LYS C 153 21.30 39.84 -11.87
CA LYS C 153 22.44 40.07 -12.72
C LYS C 153 22.98 38.80 -13.34
N LYS C 154 22.69 37.66 -12.73
CA LYS C 154 23.19 36.38 -13.25
C LYS C 154 22.19 35.26 -13.06
N THR C 155 22.43 34.13 -13.70
CA THR C 155 21.53 33.00 -13.54
C THR C 155 22.29 32.05 -12.67
N SER C 156 21.58 31.06 -12.15
CA SER C 156 22.21 30.07 -11.30
C SER C 156 21.40 28.80 -11.46
N GLY C 157 22.02 27.67 -11.17
CA GLY C 157 21.31 26.42 -11.31
C GLY C 157 20.96 25.72 -10.02
N VAL C 158 19.66 25.67 -9.71
CA VAL C 158 19.21 25.01 -8.49
C VAL C 158 18.88 23.57 -8.79
N PHE C 159 18.89 22.73 -7.76
CA PHE C 159 18.54 21.33 -7.92
C PHE C 159 17.52 20.95 -6.88
N ILE C 160 16.40 20.38 -7.29
CA ILE C 160 15.44 19.96 -6.29
C ILE C 160 15.94 18.61 -5.81
N MET C 161 16.02 18.44 -4.50
CA MET C 161 16.49 17.20 -3.91
C MET C 161 15.34 16.54 -3.22
N ALA C 162 15.21 15.23 -3.32
CA ALA C 162 14.09 14.59 -2.67
C ALA C 162 14.31 13.15 -2.28
N ARG C 163 13.88 12.83 -1.07
CA ARG C 163 14.01 11.46 -0.59
C ARG C 163 12.75 11.23 0.22
N GLY C 164 11.88 10.37 -0.29
CA GLY C 164 10.63 10.11 0.40
C GLY C 164 9.88 11.40 0.65
N GLU C 165 9.87 11.82 1.92
CA GLU C 165 9.15 13.03 2.31
C GLU C 165 10.05 14.27 2.34
N GLU C 166 11.37 14.07 2.29
CA GLU C 166 12.34 15.17 2.31
C GLU C 166 12.50 15.88 0.96
N GLN C 167 12.41 17.20 0.97
CA GLN C 167 12.54 17.99 -0.27
C GLN C 167 13.31 19.24 0.00
N TYR C 168 14.44 19.41 -0.66
CA TYR C 168 15.25 20.60 -0.46
C TYR C 168 15.63 21.22 -1.77
N VAL C 169 16.26 22.38 -1.71
CA VAL C 169 16.73 23.06 -2.90
C VAL C 169 18.24 23.30 -2.72
N PHE C 170 19.06 23.06 -3.74
CA PHE C 170 20.49 23.27 -3.60
C PHE C 170 20.91 24.41 -4.53
N ALA C 171 21.54 25.43 -3.94
CA ALA C 171 21.91 26.65 -4.65
C ALA C 171 23.19 26.67 -5.43
N ASP C 172 23.02 26.96 -6.70
CA ASP C 172 24.01 27.00 -7.76
C ASP C 172 25.11 26.00 -7.68
N CYS C 173 24.77 24.82 -8.16
CA CYS C 173 25.67 23.69 -8.23
C CYS C 173 25.86 23.42 -9.72
N ALA C 174 25.71 24.44 -10.56
CA ALA C 174 25.85 24.23 -12.01
C ALA C 174 26.44 25.33 -12.90
N ILE C 175 26.17 26.59 -12.59
CA ILE C 175 26.62 27.70 -13.44
C ILE C 175 27.81 28.53 -12.93
N ASN C 176 27.54 29.41 -11.96
CA ASN C 176 28.55 30.31 -11.39
C ASN C 176 29.69 29.62 -10.63
N ILE C 177 30.92 29.79 -11.14
CA ILE C 177 32.07 29.13 -10.54
C ILE C 177 32.50 29.66 -9.17
N ALA C 178 32.82 30.95 -9.11
CA ALA C 178 33.25 31.54 -7.86
C ALA C 178 32.42 32.78 -7.55
N PRO C 179 31.20 32.57 -7.06
CA PRO C 179 30.31 33.68 -6.72
C PRO C 179 30.85 34.52 -5.57
N ASP C 180 30.50 35.81 -5.57
CA ASP C 180 30.93 36.74 -4.52
C ASP C 180 29.70 37.10 -3.69
N SER C 181 29.92 37.90 -2.65
CA SER C 181 28.86 38.31 -1.74
C SER C 181 27.59 38.71 -2.49
N GLN C 182 27.72 39.59 -3.47
CA GLN C 182 26.57 40.03 -4.25
C GLN C 182 25.86 38.84 -4.91
N ASP C 183 26.64 38.00 -5.58
CA ASP C 183 26.11 36.85 -6.27
C ASP C 183 25.42 35.88 -5.33
N LEU C 184 26.10 35.47 -4.26
CA LEU C 184 25.50 34.52 -3.33
C LEU C 184 24.16 35.04 -2.81
N ALA C 185 24.13 36.34 -2.49
CA ALA C 185 22.93 36.99 -1.97
C ALA C 185 21.77 36.75 -2.92
N GLU C 186 22.08 37.01 -4.20
CA GLU C 186 21.16 36.84 -5.31
C GLU C 186 20.76 35.36 -5.40
N ILE C 187 21.75 34.47 -5.54
CA ILE C 187 21.46 33.05 -5.60
C ILE C 187 20.45 32.65 -4.50
N ALA C 188 20.68 33.15 -3.29
CA ALA C 188 19.80 32.85 -2.17
C ALA C 188 18.37 33.29 -2.43
N ILE C 189 18.17 34.59 -2.69
CA ILE C 189 16.83 35.10 -2.94
C ILE C 189 16.10 34.44 -4.12
N GLU C 190 16.82 34.26 -5.21
CA GLU C 190 16.24 33.65 -6.38
C GLU C 190 15.91 32.19 -6.13
N SER C 191 16.76 31.48 -5.39
CA SER C 191 16.54 30.07 -5.09
C SER C 191 15.30 29.95 -4.24
N ALA C 192 15.12 30.92 -3.35
CA ALA C 192 13.98 30.94 -2.46
C ALA C 192 12.70 30.96 -3.29
N ASN C 193 12.72 31.77 -4.34
CA ASN C 193 11.59 31.93 -5.23
C ASN C 193 11.31 30.67 -6.04
N THR C 194 12.37 30.09 -6.62
CA THR C 194 12.21 28.88 -7.37
C THR C 194 11.56 27.87 -6.45
N ALA C 195 12.09 27.77 -5.22
CA ALA C 195 11.57 26.82 -4.24
C ALA C 195 10.07 26.91 -4.05
N LYS C 196 9.50 28.09 -4.26
CA LYS C 196 8.06 28.28 -4.12
C LYS C 196 7.32 27.43 -5.17
N MET C 197 7.79 27.50 -6.42
CA MET C 197 7.18 26.77 -7.52
C MET C 197 6.84 25.33 -7.17
N PHE C 198 7.70 24.68 -6.39
CA PHE C 198 7.43 23.29 -6.00
C PHE C 198 6.70 23.21 -4.67
N ASP C 199 6.01 24.28 -4.33
CA ASP C 199 5.25 24.32 -3.08
C ASP C 199 6.14 24.04 -1.86
N ILE C 200 7.28 24.72 -1.78
CA ILE C 200 8.19 24.58 -0.65
C ILE C 200 8.21 25.92 0.09
N GLU C 201 8.32 25.89 1.42
CA GLU C 201 8.35 27.14 2.18
C GLU C 201 9.79 27.54 2.47
N PRO C 202 10.27 28.57 1.77
CA PRO C 202 11.63 29.10 1.91
C PRO C 202 12.17 29.30 3.30
N ARG C 203 13.37 28.78 3.50
CA ARG C 203 14.14 28.88 4.75
C ARG C 203 15.60 28.68 4.32
N VAL C 204 16.23 29.78 3.91
CA VAL C 204 17.59 29.75 3.41
C VAL C 204 18.68 29.61 4.46
N ALA C 205 19.74 28.91 4.11
CA ALA C 205 20.87 28.73 4.99
C ALA C 205 22.11 28.91 4.15
N MET C 206 22.80 30.04 4.24
CA MET C 206 24.00 30.25 3.43
C MET C 206 25.11 29.39 4.00
N LEU C 207 25.46 28.30 3.34
CA LEU C 207 26.51 27.42 3.85
C LEU C 207 27.96 27.94 3.71
N SER C 208 28.84 27.39 4.57
CA SER C 208 30.28 27.67 4.60
C SER C 208 30.95 26.61 5.48
N PHE C 209 32.19 26.81 5.89
CA PHE C 209 32.84 25.80 6.73
C PHE C 209 32.92 26.21 8.22
N SER C 210 32.07 27.15 8.62
CA SER C 210 32.04 27.63 9.99
C SER C 210 30.67 28.23 10.25
N THR C 211 30.21 28.23 11.49
CA THR C 211 28.91 28.82 11.77
C THR C 211 29.08 30.17 12.50
N LYS C 212 28.20 31.12 12.15
CA LYS C 212 28.20 32.50 12.64
C LYS C 212 29.42 32.95 13.44
N GLY C 213 30.60 32.87 12.84
CA GLY C 213 31.80 33.32 13.53
C GLY C 213 32.94 32.33 13.67
N SER C 214 32.64 31.04 13.92
CA SER C 214 33.67 30.00 14.11
C SER C 214 35.04 30.41 13.59
N ALA C 215 35.22 30.28 12.28
CA ALA C 215 36.48 30.65 11.62
C ALA C 215 36.26 31.97 10.92
N LYS C 216 37.28 32.81 10.89
CA LYS C 216 37.16 34.09 10.23
C LYS C 216 38.27 34.28 9.24
N SER C 217 37.90 34.15 7.96
CA SER C 217 38.80 34.31 6.83
C SER C 217 37.97 35.03 5.75
N ASP C 218 38.52 35.20 4.57
CA ASP C 218 37.76 35.89 3.53
C ASP C 218 36.53 35.06 3.13
N GLU C 219 36.73 33.75 3.06
CA GLU C 219 35.69 32.79 2.69
C GLU C 219 34.45 32.88 3.55
N THR C 220 34.66 33.02 4.86
CA THR C 220 33.53 33.12 5.76
C THR C 220 32.87 34.50 5.66
N GLU C 221 33.70 35.53 5.52
CA GLU C 221 33.22 36.89 5.39
C GLU C 221 32.29 36.99 4.16
N LYS C 222 32.78 36.50 3.03
CA LYS C 222 32.05 36.48 1.76
C LYS C 222 30.62 36.01 1.98
N VAL C 223 30.49 34.81 2.54
CA VAL C 223 29.16 34.28 2.82
C VAL C 223 28.47 35.20 3.82
N ALA C 224 29.18 35.61 4.87
CA ALA C 224 28.64 36.50 5.89
C ALA C 224 28.06 37.80 5.29
N ASP C 225 28.90 38.50 4.51
CA ASP C 225 28.49 39.75 3.84
C ASP C 225 27.27 39.47 2.97
N ALA C 226 27.28 38.29 2.37
CA ALA C 226 26.19 37.86 1.52
C ALA C 226 24.86 37.87 2.31
N VAL C 227 24.87 37.35 3.53
CA VAL C 227 23.65 37.31 4.31
C VAL C 227 23.12 38.69 4.61
N LYS C 228 24.02 39.67 4.77
CA LYS C 228 23.62 41.06 5.05
C LYS C 228 22.90 41.62 3.84
N ILE C 229 23.55 41.55 2.69
CA ILE C 229 22.98 42.03 1.47
C ILE C 229 21.61 41.41 1.17
N ALA C 230 21.46 40.11 1.43
CA ALA C 230 20.21 39.40 1.18
C ALA C 230 19.13 39.78 2.17
N LYS C 231 19.48 39.84 3.45
CA LYS C 231 18.55 40.20 4.52
C LYS C 231 18.10 41.66 4.33
N GLU C 232 18.97 42.44 3.70
CA GLU C 232 18.71 43.83 3.42
C GLU C 232 17.71 43.94 2.24
N LYS C 233 18.05 43.33 1.11
CA LYS C 233 17.19 43.33 -0.06
C LYS C 233 15.88 42.61 0.24
N ALA C 234 15.95 41.40 0.77
CA ALA C 234 14.74 40.65 1.05
C ALA C 234 14.54 40.41 2.54
N PRO C 235 13.99 41.41 3.26
CA PRO C 235 13.72 41.37 4.71
C PRO C 235 12.83 40.23 5.23
N GLU C 236 11.76 39.93 4.50
CA GLU C 236 10.81 38.88 4.89
C GLU C 236 11.31 37.45 4.65
N LEU C 237 12.35 37.31 3.85
CA LEU C 237 12.89 35.99 3.55
C LEU C 237 13.57 35.44 4.79
N THR C 238 13.13 34.26 5.22
CA THR C 238 13.69 33.60 6.40
C THR C 238 15.07 33.01 6.08
N LEU C 239 16.13 33.75 6.30
CA LEU C 239 17.44 33.22 5.97
C LEU C 239 18.54 33.76 6.83
N ASP C 240 19.25 32.87 7.53
CA ASP C 240 20.34 33.34 8.36
C ASP C 240 21.58 32.77 7.73
N GLY C 241 22.70 33.42 7.93
CA GLY C 241 23.88 32.93 7.28
C GLY C 241 25.24 32.72 7.89
N GLU C 242 25.94 31.84 7.21
CA GLU C 242 27.27 31.38 7.49
C GLU C 242 27.13 30.22 8.45
N PHE C 243 26.40 29.19 8.01
CA PHE C 243 26.16 27.98 8.79
C PHE C 243 26.96 26.84 8.21
N GLN C 244 27.30 25.86 9.02
CA GLN C 244 27.99 24.69 8.50
C GLN C 244 26.77 23.85 8.14
N PHE C 245 26.93 22.69 7.54
CA PHE C 245 25.75 21.90 7.19
C PHE C 245 24.99 21.45 8.44
N ASP C 246 25.70 21.18 9.54
CA ASP C 246 25.06 20.77 10.81
C ASP C 246 24.01 21.78 11.23
N ALA C 247 24.51 22.99 11.51
CA ALA C 247 23.69 24.09 11.95
C ALA C 247 22.45 24.22 11.08
N ALA C 248 22.63 24.01 9.78
CA ALA C 248 21.53 24.13 8.86
C ALA C 248 20.64 22.92 8.82
N PHE C 249 21.18 21.76 9.16
CA PHE C 249 20.38 20.57 9.03
C PHE C 249 19.81 19.94 10.28
N VAL C 250 20.59 19.88 11.36
CA VAL C 250 20.12 19.28 12.62
C VAL C 250 19.92 20.31 13.76
N PRO C 251 18.64 20.51 14.21
CA PRO C 251 18.19 21.42 15.27
C PRO C 251 19.05 21.41 16.53
N SER C 252 19.41 20.21 16.96
CA SER C 252 20.27 20.03 18.12
C SER C 252 21.45 20.96 17.95
N VAL C 253 22.16 20.80 16.84
CA VAL C 253 23.33 21.62 16.57
C VAL C 253 23.04 23.12 16.43
N ALA C 254 21.83 23.45 15.97
CA ALA C 254 21.44 24.85 15.79
C ALA C 254 21.52 25.64 17.10
N GLU C 255 20.80 25.19 18.12
CA GLU C 255 20.81 25.90 19.39
C GLU C 255 22.22 25.95 19.99
N LYS C 256 23.03 24.91 19.79
CA LYS C 256 24.39 24.92 20.34
C LYS C 256 25.29 25.93 19.65
N LYS C 257 25.56 25.72 18.36
CA LYS C 257 26.43 26.62 17.61
C LYS C 257 25.85 28.00 17.25
N ALA C 258 24.53 28.17 17.26
CA ALA C 258 24.00 29.48 16.92
C ALA C 258 22.51 29.73 17.13
N PRO C 259 22.10 29.88 18.38
CA PRO C 259 20.68 30.14 18.66
C PRO C 259 20.44 31.62 18.30
N ASP C 260 19.23 32.11 18.51
CA ASP C 260 18.95 33.49 18.15
C ASP C 260 19.24 33.62 16.65
N SER C 261 18.65 32.72 15.88
CA SER C 261 18.83 32.74 14.45
C SER C 261 17.54 32.18 13.89
N GLU C 262 17.05 32.82 12.82
CA GLU C 262 15.81 32.40 12.18
C GLU C 262 15.86 30.90 11.85
N ILE C 263 17.03 30.47 11.39
CA ILE C 263 17.23 29.09 11.01
C ILE C 263 17.51 28.23 12.22
N LYS C 264 16.49 27.50 12.68
CA LYS C 264 16.66 26.62 13.84
C LYS C 264 16.92 25.19 13.39
N GLY C 265 18.00 25.00 12.63
CA GLY C 265 18.33 23.67 12.13
C GLY C 265 17.24 23.10 11.23
N ASP C 266 16.49 23.98 10.59
CA ASP C 266 15.39 23.56 9.72
C ASP C 266 15.41 24.15 8.30
N ALA C 267 16.59 24.37 7.73
CA ALA C 267 16.69 24.92 6.40
C ALA C 267 16.22 23.90 5.36
N ASN C 268 15.70 24.39 4.24
CA ASN C 268 15.23 23.54 3.17
C ASN C 268 15.61 24.15 1.83
N VAL C 269 16.60 25.04 1.87
CA VAL C 269 17.11 25.73 0.70
C VAL C 269 18.52 26.08 1.07
N PHE C 270 19.48 25.28 0.61
CA PHE C 270 20.87 25.50 0.97
C PHE C 270 21.69 26.18 -0.12
N VAL C 271 22.20 27.38 0.17
CA VAL C 271 23.02 28.11 -0.81
C VAL C 271 24.49 27.82 -0.58
N PHE C 272 25.13 27.15 -1.53
CA PHE C 272 26.54 26.86 -1.37
C PHE C 272 27.45 28.06 -1.65
N PRO C 273 28.62 28.08 -1.00
CA PRO C 273 29.56 29.17 -1.17
C PRO C 273 30.32 29.18 -2.49
N SER C 274 30.36 28.03 -3.14
CA SER C 274 31.08 27.97 -4.42
C SER C 274 30.67 26.78 -5.25
N LEU C 275 30.97 26.84 -6.54
CA LEU C 275 30.63 25.76 -7.46
C LEU C 275 31.31 24.45 -7.09
N GLU C 276 32.52 24.49 -6.52
CA GLU C 276 33.18 23.24 -6.12
C GLU C 276 32.39 22.56 -4.99
N ALA C 277 31.91 23.37 -4.06
CA ALA C 277 31.13 22.86 -2.94
C ALA C 277 29.73 22.49 -3.39
N GLY C 278 29.12 23.34 -4.20
CA GLY C 278 27.76 23.09 -4.66
C GLY C 278 27.55 21.87 -5.53
N ASN C 279 28.45 21.67 -6.50
CA ASN C 279 28.35 20.55 -7.39
C ASN C 279 28.72 19.26 -6.69
N ILE C 280 29.86 19.24 -5.98
CA ILE C 280 30.24 18.02 -5.27
C ILE C 280 29.15 17.75 -4.23
N GLY C 281 28.60 18.82 -3.66
CA GLY C 281 27.55 18.72 -2.65
C GLY C 281 26.28 17.98 -3.06
N TYR C 282 25.59 18.44 -4.10
CA TYR C 282 24.36 17.78 -4.55
C TYR C 282 24.62 16.34 -4.96
N LYS C 283 25.80 16.10 -5.52
CA LYS C 283 26.15 14.76 -5.93
C LYS C 283 26.37 13.82 -4.76
N ILE C 284 27.04 14.27 -3.70
CA ILE C 284 27.24 13.39 -2.54
C ILE C 284 25.85 13.04 -1.99
N ALA C 285 25.00 14.06 -1.88
CA ALA C 285 23.64 13.89 -1.38
C ALA C 285 22.96 12.79 -2.17
N GLN C 286 23.08 12.88 -3.48
CA GLN C 286 22.46 11.92 -4.37
C GLN C 286 23.03 10.51 -4.25
N ARG C 287 24.29 10.29 -4.63
CA ARG C 287 24.90 8.96 -4.57
C ARG C 287 25.10 8.33 -3.20
N LEU C 288 25.34 9.16 -2.19
CA LEU C 288 25.52 8.64 -0.84
C LEU C 288 24.21 8.69 -0.09
N GLY C 289 23.54 9.84 -0.12
CA GLY C 289 22.28 9.97 0.59
C GLY C 289 21.12 9.28 -0.09
N ASN C 290 21.35 8.79 -1.30
CA ASN C 290 20.32 8.11 -2.07
C ASN C 290 19.14 9.05 -2.27
N PHE C 291 19.43 10.33 -2.51
CA PHE C 291 18.42 11.36 -2.76
C PHE C 291 18.22 11.50 -4.26
N GLU C 292 16.97 11.69 -4.68
CA GLU C 292 16.65 11.86 -6.10
C GLU C 292 16.94 13.30 -6.37
N ALA C 293 17.62 13.59 -7.47
CA ALA C 293 17.98 14.97 -7.80
C ALA C 293 17.55 15.41 -9.17
N VAL C 294 16.78 16.49 -9.24
CA VAL C 294 16.32 17.02 -10.51
C VAL C 294 17.33 17.99 -11.15
N GLY C 295 17.91 17.58 -12.29
CA GLY C 295 18.92 18.36 -13.05
C GLY C 295 18.99 19.89 -12.94
N PRO C 296 20.05 20.54 -13.45
CA PRO C 296 20.10 22.01 -13.32
C PRO C 296 18.92 22.81 -13.88
N ILE C 297 18.21 23.46 -12.97
CA ILE C 297 17.05 24.33 -13.28
C ILE C 297 17.51 25.79 -13.17
N LEU C 298 17.76 26.45 -14.30
CA LEU C 298 18.21 27.85 -14.28
C LEU C 298 17.12 28.72 -13.67
N GLN C 299 17.47 29.94 -13.30
CA GLN C 299 16.49 30.82 -12.68
C GLN C 299 16.84 32.28 -12.82
N GLY C 300 15.82 33.11 -12.74
CA GLY C 300 16.06 34.54 -12.84
C GLY C 300 16.08 35.12 -14.25
N LEU C 301 15.92 34.28 -15.27
CA LEU C 301 15.92 34.77 -16.65
C LEU C 301 14.56 35.45 -16.97
N ASN C 302 14.47 36.21 -18.06
CA ASN C 302 13.22 36.86 -18.46
C ASN C 302 12.18 35.83 -18.90
N MET C 303 12.62 34.71 -19.46
CA MET C 303 11.74 33.62 -19.89
C MET C 303 12.43 32.30 -19.67
N PRO C 304 11.70 31.29 -19.21
CA PRO C 304 12.25 29.96 -18.93
C PRO C 304 13.23 29.40 -19.97
N VAL C 305 14.35 28.90 -19.51
CA VAL C 305 15.32 28.23 -20.39
C VAL C 305 15.99 27.19 -19.46
N ASN C 306 15.96 25.92 -19.84
CA ASN C 306 16.59 24.90 -19.01
C ASN C 306 17.51 23.99 -19.79
N ASP C 307 18.41 23.34 -19.07
CA ASP C 307 19.42 22.52 -19.71
C ASP C 307 19.45 21.06 -19.25
N LEU C 308 19.27 20.15 -20.21
CA LEU C 308 19.31 18.73 -19.93
C LEU C 308 20.76 18.33 -20.06
N SER C 309 21.10 17.14 -19.57
CA SER C 309 22.47 16.66 -19.68
C SER C 309 22.51 15.71 -20.88
N ARG C 310 23.61 15.74 -21.66
CA ARG C 310 23.74 14.82 -22.78
C ARG C 310 23.53 13.50 -22.05
N GLY C 311 22.99 12.50 -22.71
CA GLY C 311 22.79 11.27 -21.95
C GLY C 311 21.75 11.40 -20.83
N CYS C 312 20.70 12.16 -21.09
CA CYS C 312 19.64 12.29 -20.12
C CYS C 312 18.66 11.17 -20.42
N ASN C 313 17.53 11.19 -19.74
CA ASN C 313 16.51 10.17 -19.89
C ASN C 313 15.42 10.77 -20.76
N ALA C 314 14.60 9.94 -21.38
CA ALA C 314 13.52 10.48 -22.20
C ALA C 314 12.49 11.07 -21.23
N GLU C 315 12.52 10.61 -19.99
CA GLU C 315 11.59 11.12 -18.99
C GLU C 315 12.15 12.37 -18.34
N ASP C 316 13.47 12.53 -18.41
CA ASP C 316 14.10 13.73 -17.87
C ASP C 316 13.67 14.92 -18.72
N VAL C 317 13.58 14.73 -20.03
CA VAL C 317 13.16 15.79 -20.94
C VAL C 317 11.72 16.13 -20.59
N TYR C 318 10.91 15.10 -20.38
CA TYR C 318 9.50 15.26 -20.03
C TYR C 318 9.29 16.15 -18.80
N ASN C 319 9.99 15.84 -17.73
CA ASN C 319 9.90 16.58 -16.48
C ASN C 319 10.49 17.99 -16.54
N LEU C 320 11.67 18.14 -17.17
CA LEU C 320 12.26 19.48 -17.29
C LEU C 320 11.23 20.32 -18.01
N ALA C 321 10.57 19.72 -19.01
CA ALA C 321 9.54 20.43 -19.78
C ALA C 321 8.45 20.92 -18.84
N LEU C 322 7.98 20.04 -17.93
CA LEU C 322 6.96 20.43 -16.96
C LEU C 322 7.45 21.61 -16.12
N ILE C 323 8.63 21.45 -15.54
CA ILE C 323 9.22 22.50 -14.72
C ILE C 323 9.30 23.80 -15.54
N THR C 324 9.83 23.71 -16.76
CA THR C 324 10.00 24.89 -17.58
C THR C 324 8.70 25.58 -17.90
N ALA C 325 7.65 24.79 -18.13
CA ALA C 325 6.35 25.35 -18.47
C ALA C 325 5.79 25.97 -17.21
N ALA C 326 6.23 25.47 -16.06
CA ALA C 326 5.78 26.00 -14.77
C ALA C 326 6.40 27.38 -14.61
N GLN C 327 7.73 27.46 -14.78
CA GLN C 327 8.45 28.72 -14.67
C GLN C 327 7.86 29.79 -15.57
N ALA C 328 7.17 29.38 -16.63
CA ALA C 328 6.59 30.32 -17.59
C ALA C 328 5.24 30.81 -17.15
N LEU C 329 4.43 29.88 -16.65
CA LEU C 329 3.12 30.23 -16.16
C LEU C 329 3.30 31.28 -15.08
N GLY D 5 28.87 -4.44 14.40
CA GLY D 5 28.79 -2.96 14.21
C GLY D 5 29.43 -2.53 12.91
N GLY D 6 29.30 -1.24 12.56
CA GLY D 6 29.85 -0.73 11.30
C GLY D 6 31.16 0.04 11.34
N MET D 7 31.24 1.10 12.16
CA MET D 7 32.49 1.85 12.28
C MET D 7 33.22 1.23 13.45
N ALA D 8 32.48 0.47 14.24
CA ALA D 8 33.02 -0.22 15.40
C ALA D 8 33.98 -1.33 14.99
N ASP D 9 33.55 -2.19 14.08
CA ASP D 9 34.42 -3.27 13.64
C ASP D 9 35.63 -2.71 12.88
N LEU D 10 35.63 -1.41 12.61
CA LEU D 10 36.74 -0.74 11.93
C LEU D 10 37.79 -0.33 12.97
N PHE D 11 37.33 -0.06 14.20
CA PHE D 11 38.21 0.32 15.31
C PHE D 11 38.90 -0.86 15.97
N SER D 12 38.24 -2.01 15.97
CA SER D 12 38.82 -3.21 16.56
C SER D 12 40.03 -3.60 15.74
N THR D 13 40.00 -3.19 14.47
CA THR D 13 41.10 -3.44 13.54
C THR D 13 42.31 -2.65 14.02
N VAL D 14 42.08 -1.38 14.34
CA VAL D 14 43.12 -0.49 14.82
C VAL D 14 43.60 -1.00 16.18
N GLN D 15 42.68 -1.07 17.13
CA GLN D 15 43.01 -1.52 18.48
C GLN D 15 43.76 -2.83 18.44
N GLU D 16 43.62 -3.55 17.34
CA GLU D 16 44.31 -4.82 17.19
C GLU D 16 45.80 -4.57 17.11
N LYS D 17 46.18 -3.66 16.22
CA LYS D 17 47.58 -3.31 16.02
C LYS D 17 48.17 -2.57 17.21
N VAL D 18 47.36 -1.71 17.83
CA VAL D 18 47.77 -0.90 18.96
C VAL D 18 47.89 -1.55 20.33
N ALA D 19 46.86 -2.26 20.75
CA ALA D 19 46.84 -2.92 22.07
C ALA D 19 48.07 -3.76 22.39
N GLY D 20 48.58 -3.60 23.61
CA GLY D 20 49.74 -4.37 24.03
C GLY D 20 51.10 -3.75 23.78
N LYS D 21 51.27 -2.99 22.69
CA LYS D 21 52.56 -2.35 22.38
C LYS D 21 52.87 -1.16 23.31
N ASP D 22 52.01 -0.96 24.31
CA ASP D 22 52.09 0.14 25.28
C ASP D 22 52.71 1.45 24.79
N VAL D 23 51.96 2.10 23.90
CA VAL D 23 52.32 3.36 23.31
C VAL D 23 51.89 4.42 24.34
N LYS D 24 52.65 5.51 24.45
CA LYS D 24 52.26 6.57 25.41
C LYS D 24 51.51 7.66 24.66
N ILE D 25 50.33 8.05 25.14
CA ILE D 25 49.64 9.12 24.47
C ILE D 25 49.36 10.15 25.53
N VAL D 26 49.64 11.42 25.21
CA VAL D 26 49.42 12.52 26.13
C VAL D 26 48.06 13.15 25.93
N PHE D 27 47.37 13.44 27.03
CA PHE D 27 46.07 14.07 26.97
C PHE D 27 46.19 15.35 27.81
N PRO D 28 46.43 16.48 27.12
CA PRO D 28 46.57 17.76 27.81
C PRO D 28 45.45 18.10 28.73
N GLU D 29 44.22 17.84 28.30
CA GLU D 29 43.04 18.18 29.10
C GLU D 29 42.77 17.28 30.31
N GLY D 30 43.73 17.27 31.24
CA GLY D 30 43.65 16.43 32.40
C GLY D 30 42.42 16.47 33.29
N LEU D 31 41.75 17.61 33.40
CA LEU D 31 40.57 17.67 34.26
C LEU D 31 39.26 17.35 33.55
N ASP D 32 39.32 17.05 32.26
CA ASP D 32 38.12 16.76 31.48
C ASP D 32 37.61 15.37 31.72
N GLU D 33 36.35 15.26 32.14
CA GLU D 33 35.77 13.96 32.42
C GLU D 33 35.64 13.05 31.23
N ARG D 34 35.62 13.60 30.04
CA ARG D 34 35.58 12.72 28.90
C ARG D 34 36.96 12.07 28.84
N ILE D 35 38.03 12.87 28.95
CA ILE D 35 39.42 12.37 28.88
C ILE D 35 39.70 11.39 30.01
N LEU D 36 39.29 11.76 31.22
CA LEU D 36 39.51 10.91 32.37
C LEU D 36 38.83 9.56 32.20
N GLU D 37 37.59 9.54 31.76
CA GLU D 37 36.90 8.26 31.61
C GLU D 37 37.61 7.42 30.57
N ALA D 38 38.05 8.06 29.49
CA ALA D 38 38.73 7.34 28.41
C ALA D 38 40.11 6.89 28.86
N VAL D 39 40.78 7.75 29.63
CA VAL D 39 42.11 7.45 30.11
C VAL D 39 42.04 6.35 31.17
N SER D 40 41.03 6.43 32.03
CA SER D 40 40.85 5.46 33.09
C SER D 40 40.64 4.08 32.47
N LYS D 41 39.82 3.99 31.43
CA LYS D 41 39.54 2.71 30.80
C LYS D 41 40.74 2.24 29.96
N LEU D 42 41.35 3.16 29.20
CA LEU D 42 42.50 2.77 28.35
C LEU D 42 43.54 2.06 29.19
N ALA D 43 43.83 2.62 30.36
CA ALA D 43 44.82 2.04 31.27
C ALA D 43 44.25 0.76 31.87
N GLY D 44 42.99 0.84 32.29
CA GLY D 44 42.31 -0.30 32.87
C GLY D 44 42.39 -1.58 32.06
N ASN D 45 42.30 -1.51 30.74
CA ASN D 45 42.37 -2.71 29.90
C ASN D 45 43.79 -2.86 29.29
N LYS D 46 44.71 -1.99 29.72
CA LYS D 46 46.08 -2.00 29.26
C LYS D 46 46.24 -1.94 27.74
N VAL D 47 45.38 -1.15 27.09
CA VAL D 47 45.44 -0.96 25.64
C VAL D 47 46.74 -0.22 25.30
N LEU D 48 46.90 0.93 25.93
CA LEU D 48 48.05 1.81 25.76
C LEU D 48 48.31 2.53 27.09
N ASN D 49 49.42 3.27 27.18
CA ASN D 49 49.79 3.99 28.41
C ASN D 49 49.40 5.46 28.39
N PRO D 50 48.28 5.80 28.99
CA PRO D 50 47.91 7.20 28.95
C PRO D 50 48.75 8.08 29.85
N ILE D 51 48.98 9.30 29.40
CA ILE D 51 49.69 10.32 30.16
C ILE D 51 48.75 11.52 30.24
N VAL D 52 48.24 11.82 31.42
CA VAL D 52 47.34 12.96 31.61
C VAL D 52 48.21 14.15 32.03
N ILE D 53 47.76 15.40 31.84
CA ILE D 53 48.54 16.58 32.23
C ILE D 53 47.69 17.48 33.12
N GLY D 54 48.22 17.93 34.26
CA GLY D 54 47.46 18.80 35.14
C GLY D 54 47.95 18.63 36.56
N ASN D 55 47.29 19.29 37.54
CA ASN D 55 47.68 19.17 38.95
C ASN D 55 47.29 17.78 39.47
N GLU D 56 48.25 17.03 40.03
CA GLU D 56 47.96 15.68 40.51
C GLU D 56 46.82 15.57 41.50
N ASN D 57 46.81 16.40 42.54
CA ASN D 57 45.74 16.34 43.53
C ASN D 57 44.39 16.62 42.90
N GLU D 58 44.33 17.58 41.99
CA GLU D 58 43.07 17.92 41.35
C GLU D 58 42.57 16.76 40.51
N ILE D 59 43.41 16.32 39.57
CA ILE D 59 43.04 15.23 38.70
C ILE D 59 42.64 14.00 39.50
N GLN D 60 43.33 13.77 40.60
CA GLN D 60 43.03 12.63 41.45
C GLN D 60 41.62 12.75 42.05
N ALA D 61 41.28 13.92 42.58
CA ALA D 61 39.97 14.14 43.18
C ALA D 61 38.88 14.06 42.11
N LYS D 62 39.14 14.65 40.94
CA LYS D 62 38.16 14.65 39.87
C LYS D 62 37.80 13.21 39.54
N ALA D 63 38.82 12.38 39.36
CA ALA D 63 38.60 10.97 39.03
C ALA D 63 37.74 10.29 40.09
N LYS D 64 37.94 10.64 41.36
CA LYS D 64 37.13 10.03 42.40
C LYS D 64 35.67 10.46 42.27
N GLU D 65 35.38 11.73 41.97
CA GLU D 65 33.97 12.09 41.86
C GLU D 65 33.35 11.53 40.59
N LEU D 66 34.18 10.91 39.74
CA LEU D 66 33.68 10.33 38.52
C LEU D 66 33.71 8.83 38.75
N ASN D 67 33.94 8.46 40.01
CA ASN D 67 34.04 7.03 40.39
C ASN D 67 35.07 6.29 39.55
N LEU D 68 36.17 6.97 39.28
CA LEU D 68 37.23 6.39 38.50
C LEU D 68 38.50 6.21 39.33
N THR D 69 39.43 5.47 38.75
CA THR D 69 40.71 5.19 39.38
C THR D 69 41.74 5.45 38.31
N LEU D 70 42.81 6.16 38.66
CA LEU D 70 43.80 6.44 37.65
C LEU D 70 44.91 5.40 37.58
N GLY D 71 44.49 4.14 37.51
CA GLY D 71 45.36 2.97 37.42
C GLY D 71 46.70 3.13 36.73
N GLY D 72 46.88 2.56 35.55
CA GLY D 72 48.18 2.73 34.93
C GLY D 72 48.33 4.09 34.26
N VAL D 73 47.78 5.14 34.88
CA VAL D 73 47.79 6.49 34.32
C VAL D 73 48.87 7.40 34.93
N LYS D 74 49.72 7.97 34.09
CA LYS D 74 50.75 8.88 34.59
C LYS D 74 50.32 10.32 34.47
N ILE D 75 50.64 11.12 35.49
CA ILE D 75 50.27 12.53 35.55
C ILE D 75 51.48 13.47 35.59
N TYR D 76 51.55 14.39 34.63
CA TYR D 76 52.62 15.38 34.55
C TYR D 76 51.99 16.74 34.75
N ASP D 77 52.61 17.57 35.58
CA ASP D 77 52.12 18.92 35.87
C ASP D 77 53.23 19.90 35.51
N PRO D 78 52.97 20.76 34.51
CA PRO D 78 53.98 21.73 34.10
C PRO D 78 54.66 22.51 35.24
N HIS D 79 53.96 22.68 36.37
CA HIS D 79 54.53 23.39 37.53
C HIS D 79 55.37 22.54 38.50
N THR D 80 55.69 21.30 38.14
CA THR D 80 56.44 20.42 39.02
C THR D 80 57.40 19.59 38.19
N TYR D 81 57.09 19.47 36.90
CA TYR D 81 57.89 18.65 36.01
C TYR D 81 59.33 18.99 36.16
N GLU D 82 60.14 17.96 36.40
CA GLU D 82 61.56 18.12 36.58
C GLU D 82 62.23 18.69 35.32
N GLY D 83 62.10 17.99 34.20
CA GLY D 83 62.73 18.46 32.97
C GLY D 83 62.18 19.76 32.40
N MET D 84 61.38 20.52 33.16
CA MET D 84 60.81 21.78 32.63
C MET D 84 61.77 22.70 31.91
N GLU D 85 62.99 22.82 32.43
CA GLU D 85 64.00 23.66 31.80
C GLU D 85 64.67 23.02 30.62
N ASP D 86 64.94 21.72 30.71
CA ASP D 86 65.57 21.03 29.57
C ASP D 86 64.59 21.14 28.43
N LEU D 87 63.29 21.19 28.79
CA LEU D 87 62.21 21.33 27.80
C LEU D 87 62.22 22.77 27.31
N VAL D 88 62.22 23.70 28.24
CA VAL D 88 62.26 25.11 27.86
C VAL D 88 63.41 25.36 26.88
N GLN D 89 64.60 24.87 27.18
CA GLN D 89 65.72 25.09 26.29
C GLN D 89 65.50 24.39 24.93
N ALA D 90 64.93 23.19 24.97
CA ALA D 90 64.70 22.42 23.75
C ALA D 90 63.79 23.22 22.85
N PHE D 91 62.88 23.94 23.49
CA PHE D 91 61.89 24.77 22.82
C PHE D 91 62.51 25.97 22.14
N VAL D 92 63.20 26.82 22.92
CA VAL D 92 63.82 28.00 22.32
C VAL D 92 64.69 27.60 21.16
N GLU D 93 65.36 26.46 21.26
CA GLU D 93 66.23 26.00 20.17
C GLU D 93 65.39 25.64 18.97
N ARG D 94 64.31 24.92 19.20
CA ARG D 94 63.44 24.52 18.11
C ARG D 94 62.76 25.72 17.42
N ARG D 95 62.52 26.76 18.21
CA ARG D 95 61.90 28.02 17.76
C ARG D 95 62.90 28.98 17.10
N LYS D 96 64.12 28.50 16.85
CA LYS D 96 65.16 29.28 16.19
C LYS D 96 65.21 30.77 16.46
N GLY D 97 65.28 31.14 17.74
CA GLY D 97 65.40 32.55 18.07
C GLY D 97 64.10 33.31 18.20
N LYS D 98 63.01 32.70 17.75
CA LYS D 98 61.71 33.33 17.82
C LYS D 98 61.21 33.36 19.26
N ALA D 99 61.87 32.64 20.15
CA ALA D 99 61.40 32.64 21.51
C ALA D 99 62.49 32.94 22.54
N THR D 100 62.19 33.85 23.44
CA THR D 100 63.08 34.21 24.52
C THR D 100 63.00 33.06 25.54
N GLU D 101 63.86 33.09 26.55
CA GLU D 101 63.78 32.05 27.55
C GLU D 101 62.48 32.32 28.33
N GLU D 102 62.22 33.57 28.70
CA GLU D 102 61.02 33.91 29.46
C GLU D 102 59.76 33.55 28.70
N GLN D 103 59.82 33.68 27.39
CA GLN D 103 58.67 33.36 26.56
C GLN D 103 58.46 31.85 26.48
N ALA D 104 59.52 31.11 26.16
CA ALA D 104 59.47 29.67 26.11
C ALA D 104 58.93 29.11 27.44
N ARG D 105 59.43 29.61 28.57
CA ARG D 105 58.99 29.13 29.88
C ARG D 105 57.48 29.34 30.02
N LYS D 106 57.02 30.55 29.72
CA LYS D 106 55.58 30.84 29.81
C LYS D 106 54.76 30.02 28.80
N ALA D 107 55.31 29.77 27.63
CA ALA D 107 54.63 28.97 26.62
C ALA D 107 54.43 27.55 27.11
N LEU D 108 55.49 26.93 27.63
CA LEU D 108 55.40 25.56 28.09
C LEU D 108 54.58 25.37 29.39
N LEU D 109 54.07 26.45 29.98
CA LEU D 109 53.27 26.26 31.17
C LEU D 109 51.85 25.90 30.69
N ASP D 110 51.64 25.97 29.38
CA ASP D 110 50.35 25.65 28.76
C ASP D 110 50.22 24.17 28.46
N GLU D 111 49.17 23.53 28.97
CA GLU D 111 49.01 22.09 28.75
C GLU D 111 49.28 21.58 27.36
N ASN D 112 48.74 22.24 26.35
CA ASN D 112 48.97 21.80 24.98
C ASN D 112 50.41 21.88 24.50
N TYR D 113 51.12 22.91 24.94
CA TYR D 113 52.53 23.06 24.56
C TYR D 113 53.36 22.05 25.35
N PHE D 114 53.08 21.94 26.65
CA PHE D 114 53.81 21.00 27.49
C PHE D 114 53.73 19.61 26.89
N GLY D 115 52.50 19.19 26.63
CA GLY D 115 52.29 17.87 26.07
C GLY D 115 52.94 17.69 24.71
N THR D 116 53.10 18.78 23.99
CA THR D 116 53.69 18.62 22.67
C THR D 116 55.18 18.52 22.81
N MET D 117 55.73 19.23 23.78
CA MET D 117 57.16 19.20 23.99
C MET D 117 57.49 17.78 24.37
N LEU D 118 56.63 17.18 25.19
CA LEU D 118 56.85 15.81 25.65
C LEU D 118 56.90 14.82 24.52
N VAL D 119 55.93 14.94 23.61
CA VAL D 119 55.88 14.05 22.47
C VAL D 119 57.15 14.23 21.68
N TYR D 120 57.55 15.50 21.52
CA TYR D 120 58.74 15.88 20.75
C TYR D 120 60.05 15.31 21.25
N LYS D 121 60.20 15.26 22.58
CA LYS D 121 61.41 14.74 23.21
C LYS D 121 61.28 13.26 23.56
N GLY D 122 60.48 12.52 22.81
CA GLY D 122 60.34 11.09 23.10
C GLY D 122 59.66 10.64 24.40
N LEU D 123 59.30 11.55 25.31
CA LEU D 123 58.65 11.13 26.57
C LEU D 123 57.16 10.71 26.44
N ALA D 124 56.68 10.71 25.20
CA ALA D 124 55.31 10.35 24.87
C ALA D 124 55.33 10.19 23.34
N ASP D 125 54.47 9.34 22.81
CA ASP D 125 54.49 9.08 21.36
C ASP D 125 53.53 9.84 20.46
N GLY D 126 52.45 10.34 21.05
CA GLY D 126 51.46 11.09 20.31
C GLY D 126 50.65 11.87 21.31
N LEU D 127 50.00 12.91 20.82
CA LEU D 127 49.18 13.74 21.67
C LEU D 127 47.74 13.68 21.19
N VAL D 128 46.82 13.98 22.09
CA VAL D 128 45.39 13.98 21.80
C VAL D 128 44.72 15.02 22.69
N SER D 129 44.25 16.09 22.07
CA SER D 129 43.61 17.17 22.81
C SER D 129 42.42 17.62 21.99
N GLY D 130 41.88 18.80 22.30
CA GLY D 130 40.75 19.29 21.55
C GLY D 130 39.43 19.25 22.28
N ALA D 131 39.29 18.34 23.24
CA ALA D 131 38.04 18.25 23.97
C ALA D 131 37.65 19.55 24.67
N ALA D 132 38.63 20.45 24.88
CA ALA D 132 38.38 21.75 25.54
C ALA D 132 39.26 22.88 24.99
N HIS D 133 39.57 22.81 23.68
CA HIS D 133 40.42 23.82 23.02
C HIS D 133 39.97 23.90 21.55
N SER D 134 40.20 25.05 20.91
CA SER D 134 39.84 25.21 19.50
C SER D 134 40.83 24.36 18.70
N THR D 135 40.45 23.91 17.51
CA THR D 135 41.36 23.08 16.72
C THR D 135 42.66 23.80 16.42
N ALA D 136 42.64 25.12 16.53
CA ALA D 136 43.85 25.89 16.29
C ALA D 136 44.84 25.67 17.42
N ASP D 137 44.38 25.74 18.67
CA ASP D 137 45.23 25.59 19.85
C ASP D 137 45.92 24.24 19.95
N THR D 138 45.45 23.29 19.15
CA THR D 138 46.03 21.97 19.14
C THR D 138 47.04 21.91 18.02
N VAL D 139 46.59 22.23 16.79
CA VAL D 139 47.48 22.20 15.62
C VAL D 139 48.61 23.25 15.66
N ARG D 140 48.42 24.35 16.38
CA ARG D 140 49.43 25.40 16.46
C ARG D 140 50.79 24.89 16.95
N PRO D 141 50.88 24.51 18.23
CA PRO D 141 52.17 24.02 18.73
C PRO D 141 52.62 22.77 17.99
N ALA D 142 51.66 22.00 17.48
CA ALA D 142 51.97 20.80 16.73
C ALA D 142 52.82 21.23 15.56
N LEU D 143 52.59 22.43 15.05
CA LEU D 143 53.38 22.91 13.91
C LEU D 143 54.61 23.73 14.27
N GLN D 144 54.62 24.39 15.41
CA GLN D 144 55.80 25.15 15.78
C GLN D 144 56.83 24.14 16.28
N ILE D 145 56.42 23.21 17.15
CA ILE D 145 57.30 22.21 17.75
C ILE D 145 57.54 20.96 16.95
N ILE D 146 56.65 19.96 17.02
CA ILE D 146 56.79 18.75 16.20
C ILE D 146 56.62 19.36 14.84
N LYS D 147 57.10 18.78 13.78
CA LYS D 147 56.82 19.50 12.54
C LYS D 147 56.31 18.49 11.55
N THR D 148 56.31 18.82 10.25
CA THR D 148 55.83 17.87 9.24
C THR D 148 56.94 16.95 8.76
N LYS D 149 56.56 15.74 8.39
CA LYS D 149 57.51 14.75 7.90
C LYS D 149 58.32 15.19 6.67
N GLU D 150 59.06 14.24 6.14
CA GLU D 150 59.90 14.41 4.98
C GLU D 150 59.45 15.43 3.94
N GLY D 151 58.80 14.94 2.88
CA GLY D 151 58.35 15.81 1.82
C GLY D 151 56.96 16.41 1.99
N VAL D 152 56.55 16.65 3.23
CA VAL D 152 55.24 17.23 3.48
C VAL D 152 55.37 18.67 3.96
N LYS D 153 54.57 19.57 3.38
CA LYS D 153 54.64 20.97 3.76
C LYS D 153 53.50 21.34 4.68
N LYS D 154 52.38 20.63 4.60
CA LYS D 154 51.27 20.96 5.46
C LYS D 154 50.54 19.74 5.99
N THR D 155 49.66 19.97 6.96
CA THR D 155 48.87 18.89 7.51
C THR D 155 47.52 19.03 6.83
N SER D 156 46.68 18.04 7.00
CA SER D 156 45.33 18.07 6.45
C SER D 156 44.55 17.14 7.34
N GLY D 157 43.24 17.29 7.38
CA GLY D 157 42.45 16.40 8.20
C GLY D 157 41.57 15.46 7.41
N VAL D 158 41.83 14.15 7.49
CA VAL D 158 41.02 13.18 6.77
C VAL D 158 39.89 12.73 7.69
N PHE D 159 38.86 12.09 7.14
CA PHE D 159 37.73 11.57 7.94
C PHE D 159 37.42 10.19 7.44
N ILE D 160 37.46 9.18 8.30
CA ILE D 160 37.10 7.87 7.80
C ILE D 160 35.59 7.86 7.83
N MET D 161 34.99 7.47 6.71
CA MET D 161 33.55 7.41 6.61
C MET D 161 33.15 5.95 6.53
N ALA D 162 32.08 5.59 7.22
CA ALA D 162 31.68 4.20 7.18
C ALA D 162 30.19 4.00 7.33
N ARG D 163 29.68 3.06 6.53
CA ARG D 163 28.28 2.68 6.59
C ARG D 163 28.32 1.18 6.36
N GLY D 164 28.12 0.41 7.43
CA GLY D 164 28.15 -1.03 7.31
C GLY D 164 29.48 -1.48 6.74
N GLU D 165 29.45 -2.02 5.52
CA GLU D 165 30.64 -2.53 4.82
C GLU D 165 31.39 -1.43 4.04
N GLU D 166 30.74 -0.30 3.78
CA GLU D 166 31.35 0.80 3.03
C GLU D 166 32.27 1.66 3.89
N GLN D 167 33.51 1.81 3.45
CA GLN D 167 34.47 2.64 4.19
C GLN D 167 35.22 3.50 3.20
N TYR D 168 35.26 4.81 3.49
CA TYR D 168 35.96 5.74 2.62
C TYR D 168 36.76 6.75 3.42
N VAL D 169 37.63 7.48 2.75
CA VAL D 169 38.46 8.51 3.36
C VAL D 169 38.15 9.81 2.64
N PHE D 170 37.86 10.87 3.39
CA PHE D 170 37.56 12.17 2.79
C PHE D 170 38.72 13.16 3.07
N ALA D 171 39.32 13.69 2.00
CA ALA D 171 40.51 14.57 2.04
C ALA D 171 40.34 16.01 2.42
N ASP D 172 41.07 16.37 3.47
CA ASP D 172 41.07 17.67 4.13
C ASP D 172 39.76 18.45 4.18
N CYS D 173 38.96 18.07 5.17
CA CYS D 173 37.67 18.65 5.40
C CYS D 173 37.75 19.41 6.71
N ALA D 174 38.94 19.81 7.09
CA ALA D 174 39.06 20.49 8.37
C ALA D 174 40.18 21.50 8.57
N ILE D 175 41.32 21.34 7.90
CA ILE D 175 42.41 22.27 8.13
C ILE D 175 42.72 23.35 7.10
N ASN D 176 43.22 22.95 5.93
CA ASN D 176 43.58 23.88 4.88
C ASN D 176 42.36 24.48 4.15
N ILE D 177 42.20 25.81 4.23
CA ILE D 177 41.06 26.48 3.60
C ILE D 177 41.04 26.44 2.08
N ALA D 178 42.02 27.06 1.44
CA ALA D 178 42.06 27.09 -0.03
C ALA D 178 43.32 26.43 -0.60
N PRO D 179 43.38 25.10 -0.62
CA PRO D 179 44.54 24.37 -1.15
C PRO D 179 44.75 24.58 -2.64
N ASP D 180 46.01 24.64 -3.05
CA ASP D 180 46.38 24.82 -4.45
C ASP D 180 46.90 23.48 -5.00
N SER D 181 47.21 23.43 -6.29
CA SER D 181 47.71 22.21 -6.93
C SER D 181 48.71 21.46 -6.08
N GLN D 182 49.69 22.18 -5.56
CA GLN D 182 50.72 21.57 -4.73
C GLN D 182 50.15 20.89 -3.49
N ASP D 183 49.27 21.61 -2.80
CA ASP D 183 48.65 21.09 -1.59
C ASP D 183 47.74 19.89 -1.86
N LEU D 184 46.83 20.02 -2.84
CA LEU D 184 45.90 18.94 -3.20
C LEU D 184 46.65 17.66 -3.49
N ALA D 185 47.72 17.78 -4.28
CA ALA D 185 48.54 16.64 -4.69
C ALA D 185 49.08 15.95 -3.45
N GLU D 186 49.50 16.76 -2.50
CA GLU D 186 50.02 16.27 -1.23
C GLU D 186 48.89 15.61 -0.41
N ILE D 187 47.79 16.33 -0.22
CA ILE D 187 46.63 15.80 0.53
C ILE D 187 46.22 14.45 -0.02
N ALA D 188 46.31 14.31 -1.34
CA ALA D 188 45.94 13.06 -1.99
C ALA D 188 46.90 11.96 -1.57
N ILE D 189 48.19 12.15 -1.80
CA ILE D 189 49.18 11.14 -1.43
C ILE D 189 49.23 10.78 0.07
N GLU D 190 49.07 11.78 0.92
CA GLU D 190 49.10 11.58 2.36
C GLU D 190 47.82 10.91 2.87
N SER D 191 46.69 11.21 2.24
CA SER D 191 45.42 10.62 2.66
C SER D 191 45.45 9.15 2.30
N ALA D 192 46.08 8.81 1.16
CA ALA D 192 46.19 7.42 0.71
C ALA D 192 47.00 6.60 1.72
N ASN D 193 47.99 7.24 2.32
CA ASN D 193 48.81 6.55 3.29
C ASN D 193 47.97 6.34 4.55
N THR D 194 47.22 7.36 4.92
CA THR D 194 46.37 7.29 6.10
C THR D 194 45.34 6.18 5.93
N ALA D 195 44.84 6.03 4.71
CA ALA D 195 43.85 4.99 4.42
C ALA D 195 44.46 3.61 4.62
N LYS D 196 45.78 3.48 4.43
CA LYS D 196 46.43 2.19 4.62
C LYS D 196 46.23 1.73 6.05
N MET D 197 46.45 2.63 6.99
CA MET D 197 46.29 2.31 8.41
C MET D 197 44.99 1.54 8.74
N PHE D 198 43.86 1.92 8.14
CA PHE D 198 42.60 1.22 8.40
C PHE D 198 42.41 0.03 7.46
N ASP D 199 43.50 -0.46 6.88
CA ASP D 199 43.44 -1.61 5.98
C ASP D 199 42.60 -1.40 4.73
N ILE D 200 42.63 -0.19 4.17
CA ILE D 200 41.90 0.16 2.94
C ILE D 200 42.90 0.20 1.79
N GLU D 201 42.47 -0.21 0.60
CA GLU D 201 43.40 -0.17 -0.54
C GLU D 201 43.21 1.11 -1.34
N PRO D 202 44.16 2.05 -1.22
CA PRO D 202 44.13 3.35 -1.91
C PRO D 202 43.68 3.38 -3.36
N ARG D 203 42.76 4.29 -3.63
CA ARG D 203 42.22 4.52 -4.95
C ARG D 203 41.68 5.94 -4.90
N VAL D 204 42.58 6.87 -5.18
CA VAL D 204 42.25 8.27 -5.10
C VAL D 204 41.51 8.84 -6.30
N ALA D 205 40.64 9.81 -6.02
CA ALA D 205 39.89 10.50 -7.05
C ALA D 205 39.91 11.97 -6.63
N MET D 206 40.61 12.83 -7.38
CA MET D 206 40.65 14.23 -7.05
C MET D 206 39.34 14.84 -7.54
N LEU D 207 38.43 15.18 -6.63
CA LEU D 207 37.12 15.72 -7.04
C LEU D 207 37.13 17.17 -7.50
N SER D 208 36.10 17.55 -8.25
CA SER D 208 35.88 18.91 -8.77
C SER D 208 34.47 18.97 -9.36
N PHE D 209 34.17 19.99 -10.16
CA PHE D 209 32.82 20.06 -10.72
C PHE D 209 32.71 19.69 -12.20
N SER D 210 33.68 18.93 -12.68
CA SER D 210 33.66 18.50 -14.05
C SER D 210 34.58 17.29 -14.12
N THR D 211 34.33 16.40 -15.06
CA THR D 211 35.18 15.23 -15.16
C THR D 211 36.12 15.39 -16.35
N LYS D 212 37.37 14.99 -16.14
CA LYS D 212 38.44 15.07 -17.14
C LYS D 212 38.16 15.94 -18.34
N GLY D 213 37.95 17.24 -18.13
CA GLY D 213 37.72 18.14 -19.26
C GLY D 213 36.41 18.91 -19.34
N SER D 214 35.28 18.29 -18.96
CA SER D 214 33.94 18.92 -19.00
C SER D 214 34.02 20.44 -19.05
N ALA D 215 34.16 21.09 -17.90
CA ALA D 215 34.29 22.55 -17.81
C ALA D 215 35.76 22.88 -17.66
N LYS D 216 36.20 24.02 -18.20
CA LYS D 216 37.60 24.38 -18.07
C LYS D 216 37.83 25.79 -17.55
N SER D 217 38.08 25.88 -16.26
CA SER D 217 38.33 27.14 -15.58
C SER D 217 39.63 27.00 -14.77
N ASP D 218 39.92 27.95 -13.91
CA ASP D 218 41.12 27.83 -13.09
C ASP D 218 40.95 26.72 -12.07
N GLU D 219 39.72 26.61 -11.55
CA GLU D 219 39.33 25.61 -10.56
C GLU D 219 39.54 24.17 -11.02
N THR D 220 39.17 23.88 -12.27
CA THR D 220 39.34 22.53 -12.79
C THR D 220 40.80 22.31 -13.08
N GLU D 221 41.49 23.38 -13.49
CA GLU D 221 42.93 23.31 -13.78
C GLU D 221 43.72 22.94 -12.52
N LYS D 222 43.44 23.67 -11.44
CA LYS D 222 44.05 23.45 -10.13
C LYS D 222 44.06 21.96 -9.84
N VAL D 223 42.86 21.35 -9.82
CA VAL D 223 42.73 19.92 -9.55
C VAL D 223 43.50 19.11 -10.60
N ALA D 224 43.31 19.43 -11.87
CA ALA D 224 43.98 18.72 -12.96
C ALA D 224 45.50 18.78 -12.82
N ASP D 225 46.03 19.97 -12.54
CA ASP D 225 47.46 20.16 -12.36
C ASP D 225 47.87 19.36 -11.14
N ALA D 226 46.96 19.32 -10.16
CA ALA D 226 47.18 18.57 -8.93
C ALA D 226 47.40 17.09 -9.22
N VAL D 227 46.60 16.53 -10.10
CA VAL D 227 46.74 15.11 -10.44
C VAL D 227 48.10 14.79 -11.05
N LYS D 228 48.58 15.69 -11.92
CA LYS D 228 49.87 15.55 -12.62
C LYS D 228 50.97 15.46 -11.56
N ILE D 229 51.05 16.49 -10.74
CA ILE D 229 52.04 16.55 -9.68
C ILE D 229 52.01 15.29 -8.83
N ALA D 230 50.82 14.80 -8.47
CA ALA D 230 50.69 13.60 -7.63
C ALA D 230 51.14 12.34 -8.35
N LYS D 231 50.63 12.15 -9.57
CA LYS D 231 50.99 10.98 -10.39
C LYS D 231 52.51 11.01 -10.64
N GLU D 232 53.04 12.23 -10.70
CA GLU D 232 54.45 12.42 -10.92
C GLU D 232 55.17 11.92 -9.65
N LYS D 233 54.88 12.55 -8.52
CA LYS D 233 55.53 12.17 -7.25
C LYS D 233 55.34 10.70 -6.84
N ALA D 234 54.11 10.21 -6.91
CA ALA D 234 53.82 8.82 -6.54
C ALA D 234 53.18 8.05 -7.70
N PRO D 235 53.99 7.55 -8.65
CA PRO D 235 53.59 6.79 -9.84
C PRO D 235 52.75 5.50 -9.64
N GLU D 236 52.94 4.82 -8.52
CA GLU D 236 52.23 3.58 -8.22
C GLU D 236 50.83 3.75 -7.60
N LEU D 237 50.63 4.87 -6.92
CA LEU D 237 49.37 5.20 -6.25
C LEU D 237 48.25 5.31 -7.29
N THR D 238 47.22 4.49 -7.14
CA THR D 238 46.11 4.50 -8.08
C THR D 238 45.26 5.76 -7.92
N LEU D 239 45.44 6.75 -8.79
CA LEU D 239 44.67 7.99 -8.67
C LEU D 239 44.58 8.74 -9.97
N ASP D 240 43.37 9.00 -10.44
CA ASP D 240 43.23 9.76 -11.65
C ASP D 240 42.53 11.03 -11.18
N GLY D 241 42.52 12.08 -12.00
CA GLY D 241 41.93 13.30 -11.51
C GLY D 241 41.02 14.21 -12.30
N GLU D 242 40.29 14.98 -11.50
CA GLU D 242 39.30 15.94 -11.92
C GLU D 242 38.03 15.17 -12.33
N PHE D 243 37.44 14.51 -11.33
CA PHE D 243 36.21 13.73 -11.49
C PHE D 243 35.09 14.40 -10.75
N GLN D 244 33.87 14.20 -11.21
CA GLN D 244 32.76 14.71 -10.47
C GLN D 244 32.52 13.53 -9.52
N PHE D 245 31.75 13.71 -8.46
CA PHE D 245 31.53 12.61 -7.53
C PHE D 245 30.94 11.40 -8.29
N ASP D 246 30.15 11.63 -9.32
CA ASP D 246 29.57 10.53 -10.10
C ASP D 246 30.69 9.58 -10.55
N ALA D 247 31.46 10.11 -11.49
CA ALA D 247 32.56 9.40 -12.11
C ALA D 247 33.41 8.70 -11.07
N ALA D 248 33.50 9.31 -9.90
CA ALA D 248 34.30 8.73 -8.85
C ALA D 248 33.60 7.62 -8.08
N PHE D 249 32.28 7.72 -7.98
CA PHE D 249 31.48 6.77 -7.18
C PHE D 249 30.71 5.66 -7.90
N VAL D 250 30.17 5.95 -9.08
CA VAL D 250 29.41 4.92 -9.79
C VAL D 250 30.04 4.54 -11.14
N PRO D 251 30.47 3.27 -11.27
CA PRO D 251 31.09 2.68 -12.45
C PRO D 251 30.42 3.04 -13.77
N SER D 252 29.09 2.92 -13.81
CA SER D 252 28.36 3.24 -15.02
C SER D 252 28.86 4.56 -15.52
N VAL D 253 28.73 5.60 -14.71
CA VAL D 253 29.18 6.93 -15.10
C VAL D 253 30.68 7.01 -15.45
N ALA D 254 31.51 6.16 -14.85
CA ALA D 254 32.95 6.18 -15.13
C ALA D 254 33.25 5.90 -16.59
N GLU D 255 32.82 4.76 -17.12
CA GLU D 255 33.10 4.46 -18.52
C GLU D 255 32.46 5.49 -19.47
N LYS D 256 31.34 6.10 -19.09
CA LYS D 256 30.70 7.10 -19.95
C LYS D 256 31.50 8.38 -20.01
N LYS D 257 31.63 9.06 -18.87
CA LYS D 257 32.33 10.35 -18.78
C LYS D 257 33.88 10.31 -18.83
N ALA D 258 34.49 9.16 -18.56
CA ALA D 258 35.95 9.12 -18.60
C ALA D 258 36.60 7.75 -18.47
N PRO D 259 36.49 6.90 -19.52
CA PRO D 259 37.12 5.57 -19.44
C PRO D 259 38.60 5.81 -19.64
N ASP D 260 39.38 4.74 -19.69
CA ASP D 260 40.82 4.91 -19.86
C ASP D 260 41.29 5.76 -18.69
N SER D 261 41.00 5.26 -17.50
CA SER D 261 41.36 5.93 -16.28
C SER D 261 41.44 4.88 -15.19
N GLU D 262 42.49 4.93 -14.39
CA GLU D 262 42.69 3.98 -13.31
C GLU D 262 41.43 3.83 -12.43
N ILE D 263 40.78 4.96 -12.14
CA ILE D 263 39.58 4.95 -11.32
C ILE D 263 38.35 4.59 -12.12
N LYS D 264 37.86 3.37 -11.96
CA LYS D 264 36.69 2.94 -12.71
C LYS D 264 35.45 3.08 -11.87
N GLY D 265 35.14 4.31 -11.47
CA GLY D 265 33.98 4.55 -10.63
C GLY D 265 34.06 3.74 -9.33
N ASP D 266 35.27 3.55 -8.84
CA ASP D 266 35.48 2.76 -7.63
C ASP D 266 36.43 3.42 -6.63
N ALA D 267 36.44 4.74 -6.57
CA ALA D 267 37.35 5.42 -5.65
C ALA D 267 36.91 5.23 -4.21
N ASN D 268 37.87 5.09 -3.31
CA ASN D 268 37.55 4.90 -1.90
C ASN D 268 38.33 5.89 -1.05
N VAL D 269 38.85 6.92 -1.73
CA VAL D 269 39.62 7.99 -1.10
C VAL D 269 39.29 9.19 -1.95
N PHE D 270 38.52 10.14 -1.43
CA PHE D 270 38.14 11.29 -2.24
C PHE D 270 38.80 12.56 -1.76
N VAL D 271 39.60 13.19 -2.60
CA VAL D 271 40.25 14.43 -2.23
C VAL D 271 39.45 15.60 -2.75
N PHE D 272 38.95 16.43 -1.83
CA PHE D 272 38.12 17.57 -2.22
C PHE D 272 39.00 18.73 -2.66
N PRO D 273 38.49 19.56 -3.57
CA PRO D 273 39.21 20.72 -4.11
C PRO D 273 39.36 21.88 -3.14
N SER D 274 38.49 21.96 -2.14
CA SER D 274 38.60 23.06 -1.17
C SER D 274 37.85 22.75 0.12
N LEU D 275 38.22 23.47 1.19
CA LEU D 275 37.58 23.28 2.49
C LEU D 275 36.05 23.51 2.44
N GLU D 276 35.54 24.44 1.63
CA GLU D 276 34.08 24.61 1.56
C GLU D 276 33.43 23.36 0.98
N ALA D 277 34.12 22.70 0.06
CA ALA D 277 33.59 21.47 -0.54
C ALA D 277 33.80 20.24 0.38
N GLY D 278 34.96 20.16 1.02
CA GLY D 278 35.27 19.04 1.91
C GLY D 278 34.48 18.98 3.23
N ASN D 279 34.38 20.12 3.91
CA ASN D 279 33.62 20.21 5.14
C ASN D 279 32.11 19.98 4.89
N ILE D 280 31.52 20.73 3.95
CA ILE D 280 30.10 20.52 3.63
C ILE D 280 29.91 19.08 3.07
N GLY D 281 30.99 18.55 2.49
CA GLY D 281 30.95 17.23 1.94
C GLY D 281 30.74 16.11 2.93
N TYR D 282 31.70 15.94 3.82
CA TYR D 282 31.61 14.83 4.77
C TYR D 282 30.35 14.95 5.60
N LYS D 283 29.93 16.19 5.85
CA LYS D 283 28.73 16.43 6.62
C LYS D 283 27.47 16.04 5.87
N ILE D 284 27.45 16.20 4.56
CA ILE D 284 26.27 15.77 3.83
C ILE D 284 26.26 14.25 3.84
N ALA D 285 27.44 13.65 3.64
CA ALA D 285 27.55 12.21 3.62
C ALA D 285 27.02 11.66 4.93
N GLN D 286 27.39 12.30 6.03
CA GLN D 286 26.99 11.88 7.35
C GLN D 286 25.49 12.08 7.63
N ARG D 287 25.06 13.33 7.73
CA ARG D 287 23.67 13.65 8.02
C ARG D 287 22.61 13.24 6.99
N LEU D 288 23.04 12.98 5.75
CA LEU D 288 22.10 12.56 4.73
C LEU D 288 22.32 11.13 4.33
N GLY D 289 23.59 10.72 4.26
CA GLY D 289 23.90 9.35 3.86
C GLY D 289 23.90 8.37 5.00
N ASN D 290 23.64 8.88 6.20
CA ASN D 290 23.63 8.04 7.40
C ASN D 290 24.94 7.26 7.53
N PHE D 291 26.01 7.95 7.20
CA PHE D 291 27.35 7.40 7.27
C PHE D 291 27.92 7.84 8.60
N GLU D 292 28.65 6.93 9.22
CA GLU D 292 29.30 7.23 10.48
C GLU D 292 30.55 7.99 10.04
N ALA D 293 30.89 9.06 10.75
CA ALA D 293 32.07 9.87 10.42
C ALA D 293 33.05 10.04 11.59
N VAL D 294 34.30 9.59 11.41
CA VAL D 294 35.30 9.73 12.46
C VAL D 294 36.06 11.06 12.35
N GLY D 295 35.80 11.94 13.31
CA GLY D 295 36.39 13.29 13.41
C GLY D 295 37.70 13.55 12.71
N PRO D 296 38.13 14.82 12.64
CA PRO D 296 39.40 15.14 11.97
C PRO D 296 40.63 14.40 12.49
N ILE D 297 41.28 13.69 11.58
CA ILE D 297 42.50 12.93 11.87
C ILE D 297 43.63 13.64 11.14
N LEU D 298 44.45 14.40 11.86
CA LEU D 298 45.56 15.10 11.22
C LEU D 298 46.54 14.10 10.58
N GLN D 299 47.33 14.54 9.61
CA GLN D 299 48.25 13.60 8.99
C GLN D 299 49.52 14.26 8.48
N GLY D 300 50.55 13.45 8.26
CA GLY D 300 51.80 13.96 7.73
C GLY D 300 52.75 14.62 8.70
N LEU D 301 52.40 14.66 9.99
CA LEU D 301 53.26 15.25 11.02
C LEU D 301 54.39 14.30 11.37
N ASN D 302 55.40 14.80 12.10
CA ASN D 302 56.52 13.98 12.55
C ASN D 302 56.03 13.02 13.62
N MET D 303 55.17 13.50 14.53
CA MET D 303 54.62 12.62 15.55
C MET D 303 53.14 12.86 15.63
N PRO D 304 52.37 11.78 15.83
CA PRO D 304 50.91 11.80 15.92
C PRO D 304 50.33 12.84 16.86
N VAL D 305 49.44 13.66 16.32
CA VAL D 305 48.74 14.69 17.08
C VAL D 305 47.35 14.74 16.48
N ASN D 306 46.34 14.64 17.34
CA ASN D 306 44.96 14.69 16.85
C ASN D 306 44.04 15.53 17.70
N ASP D 307 43.00 16.03 17.03
CA ASP D 307 42.02 16.93 17.65
C ASP D 307 40.60 16.40 17.80
N LEU D 308 40.10 16.46 19.04
CA LEU D 308 38.74 16.04 19.35
C LEU D 308 37.90 17.32 19.32
N SER D 309 36.57 17.16 19.19
CA SER D 309 35.68 18.32 19.13
C SER D 309 35.18 18.66 20.53
N ARG D 310 35.12 19.94 20.89
CA ARG D 310 34.59 20.31 22.21
C ARG D 310 33.28 19.56 22.13
N GLY D 311 32.70 19.17 23.23
CA GLY D 311 31.46 18.44 23.08
C GLY D 311 31.60 17.07 22.39
N CYS D 312 32.73 16.39 22.59
CA CYS D 312 32.91 15.06 22.00
C CYS D 312 32.35 14.01 22.96
N ASN D 313 32.52 12.77 22.58
CA ASN D 313 32.02 11.65 23.36
C ASN D 313 33.16 11.17 24.24
N ALA D 314 32.87 10.44 25.30
CA ALA D 314 33.96 9.91 26.13
C ALA D 314 34.57 8.71 25.40
N GLU D 315 33.84 8.15 24.43
CA GLU D 315 34.36 7.03 23.68
C GLU D 315 35.04 7.56 22.44
N ASP D 316 34.80 8.83 22.14
CA ASP D 316 35.44 9.44 20.99
C ASP D 316 36.92 9.63 21.35
N VAL D 317 37.16 10.00 22.61
CA VAL D 317 38.51 10.21 23.13
C VAL D 317 39.23 8.88 23.02
N TYR D 318 38.60 7.84 23.52
CA TYR D 318 39.17 6.50 23.45
C TYR D 318 39.57 6.06 22.04
N ASN D 319 38.69 6.31 21.07
CA ASN D 319 38.97 5.92 19.68
C ASN D 319 40.01 6.81 19.01
N LEU D 320 39.99 8.11 19.27
CA LEU D 320 40.97 8.96 18.65
C LEU D 320 42.29 8.42 19.13
N ALA D 321 42.33 8.09 20.43
CA ALA D 321 43.52 7.57 21.08
C ALA D 321 44.03 6.32 20.37
N LEU D 322 43.13 5.41 20.00
CA LEU D 322 43.54 4.20 19.28
C LEU D 322 44.12 4.59 17.93
N ILE D 323 43.47 5.49 17.22
CA ILE D 323 43.96 5.95 15.93
C ILE D 323 45.30 6.65 16.09
N THR D 324 45.40 7.51 17.10
CA THR D 324 46.63 8.25 17.35
C THR D 324 47.80 7.30 17.62
N ALA D 325 47.60 6.32 18.50
CA ALA D 325 48.67 5.38 18.83
C ALA D 325 49.02 4.55 17.60
N ALA D 326 48.04 4.34 16.73
CA ALA D 326 48.26 3.58 15.53
C ALA D 326 49.26 4.36 14.68
N GLN D 327 48.95 5.63 14.47
CA GLN D 327 49.81 6.52 13.69
C GLN D 327 51.25 6.53 14.22
N ALA D 328 51.42 6.29 15.52
CA ALA D 328 52.75 6.30 16.12
C ALA D 328 53.47 5.01 15.84
N LEU D 329 52.76 3.90 15.96
CA LEU D 329 53.35 2.59 15.70
C LEU D 329 53.97 2.56 14.31
N GLY E 6 -36.87 -8.35 0.98
CA GLY E 6 -37.32 -9.11 2.20
C GLY E 6 -37.25 -10.64 2.10
N MET E 7 -38.20 -11.25 1.40
CA MET E 7 -38.22 -12.70 1.27
C MET E 7 -36.97 -13.19 0.58
N ALA E 8 -36.79 -12.74 -0.67
CA ALA E 8 -35.64 -13.10 -1.49
C ALA E 8 -34.38 -13.37 -0.69
N ASP E 9 -34.08 -12.47 0.25
CA ASP E 9 -32.90 -12.57 1.11
C ASP E 9 -32.94 -13.90 1.89
N LEU E 10 -34.16 -14.42 2.04
CA LEU E 10 -34.44 -15.64 2.77
C LEU E 10 -34.19 -16.92 1.96
N PHE E 11 -34.38 -16.83 0.64
CA PHE E 11 -34.16 -17.95 -0.25
C PHE E 11 -32.69 -18.18 -0.50
N SER E 12 -31.94 -17.09 -0.57
CA SER E 12 -30.50 -17.18 -0.80
C SER E 12 -29.91 -17.96 0.37
N THR E 13 -30.59 -17.89 1.50
CA THR E 13 -30.17 -18.59 2.72
C THR E 13 -30.30 -20.09 2.50
N VAL E 14 -31.41 -20.46 1.88
CA VAL E 14 -31.70 -21.83 1.57
C VAL E 14 -30.78 -22.34 0.45
N GLN E 15 -30.82 -21.64 -0.69
CA GLN E 15 -30.00 -22.00 -1.84
C GLN E 15 -28.54 -22.14 -1.44
N GLU E 16 -28.14 -21.44 -0.40
CA GLU E 16 -26.78 -21.49 0.08
C GLU E 16 -26.50 -22.90 0.55
N LYS E 17 -27.39 -23.41 1.40
CA LYS E 17 -27.25 -24.75 1.94
C LYS E 17 -27.37 -25.82 0.88
N VAL E 18 -28.31 -25.59 -0.05
CA VAL E 18 -28.63 -26.53 -1.15
C VAL E 18 -27.62 -26.63 -2.30
N ALA E 19 -27.32 -25.50 -2.91
CA ALA E 19 -26.41 -25.45 -4.06
C ALA E 19 -25.14 -26.26 -3.86
N GLY E 20 -24.75 -26.96 -4.93
CA GLY E 20 -23.55 -27.75 -4.88
C GLY E 20 -23.70 -29.17 -4.40
N LYS E 21 -24.57 -29.43 -3.44
CA LYS E 21 -24.74 -30.78 -2.92
C LYS E 21 -25.52 -31.67 -3.89
N ASP E 22 -25.74 -31.17 -5.11
CA ASP E 22 -26.47 -31.89 -6.14
C ASP E 22 -27.50 -32.93 -5.65
N VAL E 23 -28.61 -32.37 -5.16
CA VAL E 23 -29.73 -33.13 -4.67
C VAL E 23 -30.64 -33.41 -5.89
N LYS E 24 -31.23 -34.60 -5.95
CA LYS E 24 -32.13 -34.92 -7.04
C LYS E 24 -33.57 -34.57 -6.73
N ILE E 25 -34.20 -33.72 -7.53
CA ILE E 25 -35.60 -33.40 -7.30
C ILE E 25 -36.44 -33.75 -8.52
N VAL E 26 -37.45 -34.60 -8.31
CA VAL E 26 -38.36 -35.05 -9.38
C VAL E 26 -39.52 -34.10 -9.57
N PHE E 27 -39.76 -33.76 -10.84
CA PHE E 27 -40.87 -32.89 -11.21
C PHE E 27 -41.72 -33.75 -12.15
N PRO E 28 -42.84 -34.30 -11.65
CA PRO E 28 -43.69 -35.13 -12.49
C PRO E 28 -44.32 -34.41 -13.70
N GLU E 29 -44.66 -33.13 -13.59
CA GLU E 29 -45.27 -32.43 -14.74
C GLU E 29 -44.27 -31.96 -15.82
N GLY E 30 -43.77 -32.94 -16.56
CA GLY E 30 -42.76 -32.71 -17.60
C GLY E 30 -43.04 -31.76 -18.73
N LEU E 31 -44.30 -31.64 -19.11
CA LEU E 31 -44.65 -30.74 -20.20
C LEU E 31 -45.11 -29.34 -19.77
N ASP E 32 -45.01 -29.01 -18.48
CA ASP E 32 -45.43 -27.70 -18.01
C ASP E 32 -44.31 -26.70 -18.25
N GLU E 33 -44.60 -25.54 -18.86
CA GLU E 33 -43.52 -24.58 -19.07
C GLU E 33 -42.92 -23.97 -17.81
N ARG E 34 -43.75 -23.87 -16.76
CA ARG E 34 -43.26 -23.37 -15.48
C ARG E 34 -42.20 -24.36 -14.97
N ILE E 35 -42.55 -25.65 -14.96
CA ILE E 35 -41.59 -26.65 -14.55
C ILE E 35 -40.34 -26.66 -15.43
N LEU E 36 -40.52 -26.64 -16.76
CA LEU E 36 -39.40 -26.66 -17.69
C LEU E 36 -38.49 -25.43 -17.60
N GLU E 37 -39.06 -24.25 -17.39
CA GLU E 37 -38.26 -23.03 -17.25
C GLU E 37 -37.46 -23.06 -15.98
N ALA E 38 -38.09 -23.58 -14.95
CA ALA E 38 -37.47 -23.68 -13.65
C ALA E 38 -36.42 -24.76 -13.63
N VAL E 39 -36.77 -25.91 -14.19
CA VAL E 39 -35.86 -27.05 -14.26
C VAL E 39 -34.67 -26.70 -15.15
N SER E 40 -34.94 -25.95 -16.21
CA SER E 40 -33.91 -25.53 -17.15
C SER E 40 -32.89 -24.69 -16.39
N LYS E 41 -33.38 -23.69 -15.67
CA LYS E 41 -32.50 -22.82 -14.90
C LYS E 41 -31.75 -23.49 -13.74
N LEU E 42 -32.43 -24.34 -12.98
CA LEU E 42 -31.80 -25.04 -11.88
C LEU E 42 -30.58 -25.79 -12.35
N ALA E 43 -30.71 -26.56 -13.43
CA ALA E 43 -29.58 -27.33 -13.96
C ALA E 43 -28.58 -26.34 -14.56
N GLY E 44 -29.12 -25.25 -15.12
CA GLY E 44 -28.28 -24.25 -15.75
C GLY E 44 -27.24 -23.69 -14.82
N ASN E 45 -27.60 -23.52 -13.56
CA ASN E 45 -26.67 -22.98 -12.58
C ASN E 45 -26.09 -24.05 -11.68
N LYS E 46 -26.43 -25.30 -11.97
CA LYS E 46 -25.94 -26.45 -11.20
C LYS E 46 -26.32 -26.38 -9.72
N VAL E 47 -27.46 -25.76 -9.42
CA VAL E 47 -27.97 -25.65 -8.06
C VAL E 47 -28.24 -27.06 -7.52
N LEU E 48 -29.05 -27.78 -8.29
CA LEU E 48 -29.44 -29.16 -7.96
C LEU E 48 -29.62 -29.94 -9.26
N ASN E 49 -29.97 -31.22 -9.17
CA ASN E 49 -30.15 -32.05 -10.35
C ASN E 49 -31.60 -32.36 -10.62
N PRO E 50 -32.23 -31.62 -11.55
CA PRO E 50 -33.64 -31.85 -11.87
C PRO E 50 -33.85 -33.11 -12.69
N ILE E 51 -34.92 -33.83 -12.37
CA ILE E 51 -35.29 -35.06 -13.05
C ILE E 51 -36.73 -34.86 -13.48
N VAL E 52 -36.94 -34.59 -14.76
CA VAL E 52 -38.28 -34.37 -15.30
C VAL E 52 -38.90 -35.76 -15.59
N ILE E 53 -40.23 -35.87 -15.65
CA ILE E 53 -40.89 -37.16 -15.96
C ILE E 53 -41.86 -36.94 -17.13
N GLY E 54 -41.82 -37.81 -18.14
CA GLY E 54 -42.68 -37.69 -19.31
C GLY E 54 -41.96 -38.27 -20.53
N ASN E 55 -42.50 -38.07 -21.72
CA ASN E 55 -41.88 -38.59 -22.96
C ASN E 55 -40.74 -37.65 -23.40
N GLU E 56 -39.59 -38.23 -23.69
CA GLU E 56 -38.42 -37.44 -24.07
C GLU E 56 -38.55 -36.58 -25.32
N ASN E 57 -39.07 -37.15 -26.40
CA ASN E 57 -39.23 -36.36 -27.62
C ASN E 57 -40.17 -35.21 -27.41
N GLU E 58 -41.25 -35.45 -26.69
CA GLU E 58 -42.19 -34.39 -26.39
C GLU E 58 -41.53 -33.29 -25.56
N ILE E 59 -41.08 -33.66 -24.35
CA ILE E 59 -40.44 -32.72 -23.44
C ILE E 59 -39.38 -31.93 -24.20
N GLN E 60 -38.59 -32.66 -24.97
CA GLN E 60 -37.53 -32.06 -25.74
C GLN E 60 -38.10 -30.99 -26.72
N ALA E 61 -39.18 -31.31 -27.40
CA ALA E 61 -39.78 -30.37 -28.35
C ALA E 61 -40.42 -29.18 -27.67
N LYS E 62 -40.97 -29.42 -26.49
CA LYS E 62 -41.61 -28.35 -25.72
C LYS E 62 -40.52 -27.41 -25.21
N ALA E 63 -39.41 -27.96 -24.75
CA ALA E 63 -38.35 -27.10 -24.30
C ALA E 63 -37.89 -26.24 -25.50
N LYS E 64 -37.84 -26.83 -26.70
CA LYS E 64 -37.41 -26.06 -27.88
C LYS E 64 -38.32 -24.85 -28.12
N GLU E 65 -39.62 -25.01 -27.95
CA GLU E 65 -40.47 -23.84 -28.17
C GLU E 65 -40.49 -22.80 -27.03
N LEU E 66 -39.79 -23.08 -25.93
CA LEU E 66 -39.73 -22.13 -24.83
C LEU E 66 -38.30 -21.55 -24.81
N ASN E 67 -37.56 -21.81 -25.89
CA ASN E 67 -36.17 -21.38 -26.04
C ASN E 67 -35.35 -21.86 -24.89
N LEU E 68 -35.54 -23.13 -24.56
CA LEU E 68 -34.83 -23.75 -23.44
C LEU E 68 -33.95 -24.94 -23.84
N THR E 69 -32.96 -25.25 -23.02
CA THR E 69 -32.07 -26.37 -23.26
C THR E 69 -32.24 -27.27 -22.06
N LEU E 70 -32.32 -28.56 -22.26
CA LEU E 70 -32.47 -29.41 -21.11
C LEU E 70 -31.15 -29.92 -20.58
N GLY E 71 -30.22 -28.99 -20.49
CA GLY E 71 -28.88 -29.26 -19.99
C GLY E 71 -28.63 -30.36 -18.99
N GLY E 72 -28.50 -30.03 -17.73
CA GLY E 72 -28.21 -31.08 -16.77
C GLY E 72 -29.45 -31.76 -16.30
N VAL E 73 -30.49 -31.72 -17.12
CA VAL E 73 -31.79 -32.31 -16.81
C VAL E 73 -31.93 -33.74 -17.29
N LYS E 74 -32.33 -34.65 -16.41
CA LYS E 74 -32.53 -36.05 -16.76
C LYS E 74 -34.03 -36.27 -17.01
N ILE E 75 -34.37 -37.08 -18.01
CA ILE E 75 -35.79 -37.33 -18.30
C ILE E 75 -36.21 -38.80 -18.12
N TYR E 76 -37.25 -39.06 -17.34
CA TYR E 76 -37.71 -40.44 -17.13
C TYR E 76 -39.13 -40.59 -17.68
N ASP E 77 -39.35 -41.68 -18.44
CA ASP E 77 -40.65 -41.97 -19.06
C ASP E 77 -41.19 -43.28 -18.47
N PRO E 78 -42.29 -43.22 -17.71
CA PRO E 78 -42.84 -44.44 -17.13
C PRO E 78 -42.97 -45.62 -18.10
N HIS E 79 -43.21 -45.32 -19.37
CA HIS E 79 -43.39 -46.33 -20.42
C HIS E 79 -42.05 -46.84 -21.00
N THR E 80 -40.94 -46.41 -20.44
CA THR E 80 -39.62 -46.78 -20.98
C THR E 80 -38.67 -47.13 -19.86
N TYR E 81 -38.94 -46.53 -18.73
CA TYR E 81 -38.06 -46.76 -17.62
C TYR E 81 -37.68 -48.23 -17.53
N GLU E 82 -36.39 -48.53 -17.38
N GLU E 82 -36.37 -48.47 -17.37
CA GLU E 82 -35.98 -49.93 -17.31
CA GLU E 82 -35.80 -49.82 -17.27
C GLU E 82 -36.12 -50.62 -15.94
C GLU E 82 -35.89 -50.55 -15.93
N GLY E 83 -36.31 -49.85 -14.88
CA GLY E 83 -36.45 -50.47 -13.57
C GLY E 83 -37.91 -50.49 -13.12
N MET E 84 -38.78 -50.30 -14.10
CA MET E 84 -40.21 -50.22 -13.87
C MET E 84 -40.83 -51.43 -13.32
N GLU E 85 -40.14 -52.55 -13.43
CA GLU E 85 -40.64 -53.80 -12.95
C GLU E 85 -40.34 -53.83 -11.47
N ASP E 86 -39.14 -53.38 -11.12
CA ASP E 86 -38.73 -53.33 -9.73
C ASP E 86 -39.66 -52.40 -8.97
N LEU E 87 -40.01 -51.27 -9.59
CA LEU E 87 -40.91 -50.33 -8.94
C LEU E 87 -42.30 -50.93 -8.69
N VAL E 88 -42.87 -51.58 -9.70
CA VAL E 88 -44.17 -52.20 -9.53
C VAL E 88 -44.15 -53.12 -8.32
N GLN E 89 -43.12 -53.93 -8.19
CA GLN E 89 -43.12 -54.82 -7.05
C GLN E 89 -42.94 -54.10 -5.72
N ALA E 90 -42.16 -53.03 -5.72
CA ALA E 90 -41.96 -52.31 -4.50
C ALA E 90 -43.28 -51.71 -4.05
N PHE E 91 -44.04 -51.23 -5.04
CA PHE E 91 -45.32 -50.58 -4.78
C PHE E 91 -46.28 -51.53 -4.12
N VAL E 92 -46.51 -52.68 -4.76
CA VAL E 92 -47.45 -53.68 -4.23
C VAL E 92 -47.14 -54.09 -2.79
N GLU E 93 -45.85 -54.20 -2.48
CA GLU E 93 -45.38 -54.57 -1.15
C GLU E 93 -45.68 -53.45 -0.18
N ARG E 94 -45.40 -52.21 -0.60
CA ARG E 94 -45.65 -51.06 0.24
C ARG E 94 -47.15 -50.93 0.50
N ARG E 95 -47.96 -51.28 -0.50
CA ARG E 95 -49.40 -51.23 -0.36
C ARG E 95 -49.98 -52.49 0.29
N LYS E 96 -49.12 -53.19 1.02
CA LYS E 96 -49.44 -54.40 1.77
C LYS E 96 -50.64 -55.21 1.32
N GLY E 97 -50.74 -55.44 0.02
CA GLY E 97 -51.86 -56.20 -0.48
C GLY E 97 -53.03 -55.39 -1.02
N LYS E 98 -53.07 -54.09 -0.70
CA LYS E 98 -54.15 -53.21 -1.16
C LYS E 98 -54.11 -53.03 -2.69
N ALA E 99 -53.00 -53.41 -3.31
CA ALA E 99 -52.88 -53.27 -4.76
C ALA E 99 -52.47 -54.58 -5.45
N THR E 100 -53.22 -54.95 -6.48
CA THR E 100 -52.91 -56.14 -7.28
C THR E 100 -51.72 -55.75 -8.10
N GLU E 101 -51.24 -56.66 -8.93
CA GLU E 101 -50.10 -56.31 -9.75
C GLU E 101 -50.55 -55.47 -10.94
N GLU E 102 -51.74 -55.80 -11.46
CA GLU E 102 -52.30 -55.06 -12.59
C GLU E 102 -52.58 -53.64 -12.12
N GLN E 103 -53.01 -53.52 -10.87
CA GLN E 103 -53.30 -52.21 -10.31
C GLN E 103 -52.03 -51.37 -10.14
N ALA E 104 -51.01 -51.98 -9.52
CA ALA E 104 -49.75 -51.29 -9.29
C ALA E 104 -49.11 -50.83 -10.58
N ARG E 105 -49.22 -51.66 -11.61
CA ARG E 105 -48.63 -51.31 -12.89
C ARG E 105 -49.34 -50.13 -13.55
N LYS E 106 -50.68 -50.14 -13.50
CA LYS E 106 -51.48 -49.04 -14.03
C LYS E 106 -51.12 -47.79 -13.22
N ALA E 107 -51.10 -47.97 -11.90
CA ALA E 107 -50.80 -46.89 -10.96
C ALA E 107 -49.49 -46.21 -11.21
N LEU E 108 -48.48 -47.00 -11.56
CA LEU E 108 -47.19 -46.39 -11.75
C LEU E 108 -46.97 -45.76 -13.10
N LEU E 109 -47.97 -45.80 -13.96
CA LEU E 109 -47.78 -45.15 -15.23
C LEU E 109 -48.15 -43.65 -15.10
N ASP E 110 -48.67 -43.27 -13.93
CA ASP E 110 -49.08 -41.89 -13.59
C ASP E 110 -47.87 -41.09 -13.11
N GLU E 111 -47.52 -40.03 -13.81
CA GLU E 111 -46.35 -39.24 -13.46
C GLU E 111 -46.13 -39.06 -11.95
N ASN E 112 -47.16 -38.65 -11.22
CA ASN E 112 -47.03 -38.42 -9.76
C ASN E 112 -46.65 -39.68 -8.98
N TYR E 113 -47.29 -40.80 -9.28
CA TYR E 113 -46.97 -42.03 -8.57
C TYR E 113 -45.58 -42.56 -8.95
N PHE E 114 -45.22 -42.37 -10.21
CA PHE E 114 -43.96 -42.82 -10.70
C PHE E 114 -42.88 -41.99 -10.05
N GLY E 115 -43.03 -40.67 -10.07
CA GLY E 115 -42.02 -39.85 -9.43
C GLY E 115 -41.94 -40.14 -7.94
N THR E 116 -43.06 -40.52 -7.32
CA THR E 116 -43.03 -40.79 -5.90
C THR E 116 -42.28 -42.07 -5.59
N MET E 117 -42.55 -43.13 -6.35
CA MET E 117 -41.82 -44.38 -6.15
C MET E 117 -40.30 -44.13 -6.31
N LEU E 118 -39.94 -43.17 -7.14
CA LEU E 118 -38.54 -42.88 -7.37
C LEU E 118 -37.97 -42.27 -6.10
N VAL E 119 -38.66 -41.29 -5.54
CA VAL E 119 -38.16 -40.68 -4.32
C VAL E 119 -38.05 -41.76 -3.26
N TYR E 120 -39.08 -42.60 -3.19
CA TYR E 120 -39.15 -43.69 -2.24
C TYR E 120 -38.04 -44.76 -2.31
N LYS E 121 -37.45 -44.99 -3.49
CA LYS E 121 -36.38 -46.00 -3.62
C LYS E 121 -34.96 -45.38 -3.79
N GLY E 122 -34.79 -44.15 -3.33
CA GLY E 122 -33.47 -43.54 -3.44
C GLY E 122 -33.05 -43.00 -4.81
N LEU E 123 -33.83 -43.28 -5.84
CA LEU E 123 -33.49 -42.79 -7.16
C LEU E 123 -33.60 -41.29 -7.26
N ALA E 124 -34.31 -40.69 -6.31
CA ALA E 124 -34.49 -39.24 -6.26
C ALA E 124 -34.61 -38.85 -4.80
N ASP E 125 -34.40 -37.57 -4.52
CA ASP E 125 -34.42 -37.10 -3.15
C ASP E 125 -35.71 -36.44 -2.67
N GLY E 126 -36.45 -35.87 -3.59
CA GLY E 126 -37.68 -35.23 -3.20
C GLY E 126 -38.48 -34.96 -4.43
N LEU E 127 -39.77 -34.76 -4.26
CA LEU E 127 -40.63 -34.53 -5.40
C LEU E 127 -41.26 -33.18 -5.29
N VAL E 128 -41.67 -32.61 -6.41
CA VAL E 128 -42.32 -31.32 -6.47
C VAL E 128 -43.23 -31.38 -7.65
N SER E 129 -44.51 -31.23 -7.39
CA SER E 129 -45.53 -31.26 -8.42
C SER E 129 -46.61 -30.32 -7.97
N GLY E 130 -47.78 -30.39 -8.61
CA GLY E 130 -48.87 -29.53 -8.22
C GLY E 130 -49.20 -28.42 -9.18
N ALA E 131 -48.25 -28.06 -10.05
CA ALA E 131 -48.48 -27.00 -11.04
C ALA E 131 -49.56 -27.39 -12.07
N ALA E 132 -50.04 -28.63 -12.03
CA ALA E 132 -51.09 -29.07 -12.94
C ALA E 132 -51.92 -30.26 -12.39
N HIS E 133 -52.09 -30.30 -11.07
CA HIS E 133 -52.85 -31.35 -10.38
C HIS E 133 -53.35 -30.71 -9.10
N SER E 134 -54.42 -31.26 -8.55
CA SER E 134 -54.97 -30.74 -7.31
C SER E 134 -54.00 -31.09 -6.19
N THR E 135 -54.10 -30.44 -5.03
CA THR E 135 -53.19 -30.72 -3.92
C THR E 135 -53.35 -32.16 -3.42
N ALA E 136 -54.54 -32.69 -3.60
CA ALA E 136 -54.81 -34.06 -3.18
C ALA E 136 -53.94 -35.05 -3.94
N ASP E 137 -53.93 -34.92 -5.26
CA ASP E 137 -53.18 -35.79 -6.16
C ASP E 137 -51.69 -35.85 -5.92
N THR E 138 -51.18 -34.87 -5.20
CA THR E 138 -49.76 -34.82 -4.88
C THR E 138 -49.58 -35.49 -3.53
N VAL E 139 -50.33 -35.00 -2.54
CA VAL E 139 -50.24 -35.53 -1.18
C VAL E 139 -50.72 -36.97 -1.11
N ARG E 140 -51.54 -37.38 -2.06
CA ARG E 140 -52.06 -38.74 -2.01
C ARG E 140 -50.97 -39.81 -2.05
N PRO E 141 -50.35 -40.02 -3.23
CA PRO E 141 -49.31 -41.04 -3.25
C PRO E 141 -48.22 -40.73 -2.21
N ALA E 142 -48.06 -39.45 -1.90
CA ALA E 142 -47.07 -39.05 -0.92
C ALA E 142 -47.39 -39.75 0.38
N LEU E 143 -48.67 -40.03 0.59
CA LEU E 143 -49.07 -40.68 1.82
C LEU E 143 -49.20 -42.19 1.75
N GLN E 144 -49.53 -42.71 0.57
CA GLN E 144 -49.67 -44.15 0.45
C GLN E 144 -48.28 -44.77 0.31
N ILE E 145 -47.39 -44.11 -0.43
CA ILE E 145 -46.05 -44.62 -0.69
C ILE E 145 -45.01 -44.15 0.29
N ILE E 146 -44.60 -42.90 0.18
CA ILE E 146 -43.64 -42.33 1.14
C ILE E 146 -44.52 -42.16 2.37
N LYS E 147 -44.01 -42.27 3.57
CA LYS E 147 -45.00 -42.04 4.63
C LYS E 147 -44.55 -40.98 5.62
N THR E 148 -45.23 -40.87 6.77
CA THR E 148 -44.86 -39.86 7.76
C THR E 148 -43.66 -40.33 8.60
N LYS E 149 -42.84 -39.39 9.07
CA LYS E 149 -41.65 -39.72 9.86
C LYS E 149 -41.99 -40.41 11.16
N GLU E 150 -40.94 -40.67 11.93
CA GLU E 150 -41.01 -41.32 13.23
C GLU E 150 -42.34 -41.20 13.99
N GLY E 151 -42.41 -40.18 14.85
CA GLY E 151 -43.60 -39.98 15.66
C GLY E 151 -44.59 -38.97 15.13
N VAL E 152 -44.73 -38.93 13.80
CA VAL E 152 -45.67 -38.01 13.19
C VAL E 152 -46.77 -38.84 12.57
N LYS E 153 -48.01 -38.40 12.76
CA LYS E 153 -49.13 -39.11 12.21
C LYS E 153 -49.70 -38.45 10.97
N LYS E 154 -49.66 -37.12 10.90
CA LYS E 154 -50.19 -36.42 9.74
C LYS E 154 -49.31 -35.33 9.21
N THR E 155 -49.63 -34.87 8.01
CA THR E 155 -48.85 -33.79 7.41
C THR E 155 -49.63 -32.53 7.59
N SER E 156 -48.91 -31.43 7.49
CA SER E 156 -49.49 -30.12 7.65
C SER E 156 -48.74 -29.17 6.72
N GLY E 157 -49.39 -28.08 6.33
CA GLY E 157 -48.73 -27.12 5.47
C GLY E 157 -48.37 -25.80 6.11
N VAL E 158 -47.07 -25.53 6.33
CA VAL E 158 -46.63 -24.27 6.93
C VAL E 158 -46.43 -23.26 5.80
N PHE E 159 -46.36 -21.99 6.15
CA PHE E 159 -46.14 -20.89 5.21
C PHE E 159 -45.09 -19.96 5.73
N ILE E 160 -43.98 -19.78 5.04
CA ILE E 160 -43.04 -18.83 5.57
C ILE E 160 -43.60 -17.46 5.22
N MET E 161 -43.67 -16.57 6.22
CA MET E 161 -44.17 -15.21 6.01
C MET E 161 -43.02 -14.23 6.15
N ALA E 162 -43.01 -13.19 5.32
CA ALA E 162 -41.92 -12.22 5.46
C ALA E 162 -42.22 -10.85 4.90
N ARG E 163 -41.76 -9.86 5.66
CA ARG E 163 -41.93 -8.48 5.28
C ARG E 163 -40.64 -7.86 5.72
N GLY E 164 -39.85 -7.38 4.77
CA GLY E 164 -38.58 -6.77 5.11
C GLY E 164 -37.78 -7.66 6.03
N GLU E 165 -37.61 -7.23 7.28
CA GLU E 165 -36.82 -7.97 8.25
C GLU E 165 -37.68 -8.97 9.02
N GLU E 166 -39.01 -8.86 8.91
CA GLU E 166 -39.91 -9.77 9.61
C GLU E 166 -40.09 -11.14 8.94
N GLN E 167 -39.90 -12.20 9.73
CA GLN E 167 -40.03 -13.56 9.23
C GLN E 167 -40.72 -14.48 10.21
N TYR E 168 -41.88 -15.03 9.81
CA TYR E 168 -42.66 -15.93 10.68
C TYR E 168 -43.11 -17.18 9.94
N VAL E 169 -43.55 -18.18 10.70
CA VAL E 169 -44.03 -19.44 10.15
C VAL E 169 -45.50 -19.57 10.54
N PHE E 170 -46.38 -19.89 9.60
CA PHE E 170 -47.81 -20.05 9.94
C PHE E 170 -48.25 -21.53 9.83
N ALA E 171 -48.70 -22.10 10.96
CA ALA E 171 -49.11 -23.49 11.08
C ALA E 171 -50.39 -23.92 10.42
N ASP E 172 -50.24 -25.00 9.67
CA ASP E 172 -51.28 -25.60 8.85
C ASP E 172 -52.43 -24.74 8.42
N CYS E 173 -52.19 -24.07 7.28
CA CYS E 173 -53.15 -23.18 6.64
C CYS E 173 -53.53 -23.79 5.28
N ALA E 174 -53.28 -25.09 5.10
CA ALA E 174 -53.56 -25.77 3.83
C ALA E 174 -54.09 -27.20 3.86
N ILE E 175 -53.52 -28.08 4.67
CA ILE E 175 -53.94 -29.49 4.71
C ILE E 175 -55.07 -29.89 5.67
N ASN E 176 -54.73 -30.02 6.96
CA ASN E 176 -55.68 -30.43 8.01
C ASN E 176 -56.86 -29.47 8.23
N ILE E 177 -58.09 -29.94 8.02
CA ILE E 177 -59.26 -29.07 8.16
C ILE E 177 -59.66 -28.75 9.60
N ALA E 178 -59.91 -29.75 10.45
CA ALA E 178 -60.31 -29.49 11.84
C ALA E 178 -59.46 -30.26 12.83
N PRO E 179 -58.19 -29.87 12.99
CA PRO E 179 -57.29 -30.57 13.92
C PRO E 179 -57.79 -30.65 15.33
N ASP E 180 -57.33 -31.66 16.05
CA ASP E 180 -57.71 -31.81 17.43
C ASP E 180 -56.46 -31.59 18.26
N SER E 181 -56.59 -31.64 19.57
CA SER E 181 -55.46 -31.44 20.44
C SER E 181 -54.20 -32.18 20.00
N GLN E 182 -54.33 -33.45 19.66
CA GLN E 182 -53.15 -34.24 19.24
C GLN E 182 -52.49 -33.63 18.01
N ASP E 183 -53.30 -33.34 16.99
CA ASP E 183 -52.83 -32.80 15.73
C ASP E 183 -52.19 -31.43 15.91
N LEU E 184 -52.85 -30.54 16.64
CA LEU E 184 -52.29 -29.21 16.89
C LEU E 184 -50.93 -29.32 17.55
N ALA E 185 -50.80 -30.17 18.57
CA ALA E 185 -49.54 -30.33 19.30
C ALA E 185 -48.43 -30.76 18.35
N GLU E 186 -48.79 -31.61 17.40
CA GLU E 186 -47.87 -32.08 16.38
C GLU E 186 -47.54 -30.91 15.43
N ILE E 187 -48.55 -30.37 14.75
CA ILE E 187 -48.34 -29.22 13.89
C ILE E 187 -47.41 -28.15 14.53
N ALA E 188 -47.51 -28.00 15.85
CA ALA E 188 -46.66 -27.06 16.57
C ALA E 188 -45.21 -27.52 16.51
N ILE E 189 -44.93 -28.70 17.05
CA ILE E 189 -43.58 -29.25 17.08
C ILE E 189 -42.91 -29.38 15.71
N GLU E 190 -43.70 -29.80 14.72
CA GLU E 190 -43.22 -29.98 13.36
C GLU E 190 -42.94 -28.63 12.70
N SER E 191 -43.82 -27.66 12.91
CA SER E 191 -43.63 -26.32 12.33
C SER E 191 -42.38 -25.66 12.91
N ALA E 192 -42.07 -26.01 14.16
CA ALA E 192 -40.90 -25.45 14.85
C ALA E 192 -39.62 -25.99 14.22
N ASN E 193 -39.69 -27.22 13.72
CA ASN E 193 -38.54 -27.85 13.08
C ASN E 193 -38.30 -27.25 11.67
N THR E 194 -39.39 -27.08 10.92
CA THR E 194 -39.36 -26.49 9.59
C THR E 194 -38.78 -25.07 9.71
N ALA E 195 -39.26 -24.34 10.71
CA ALA E 195 -38.80 -23.00 10.94
C ALA E 195 -37.27 -22.94 11.09
N LYS E 196 -36.66 -24.03 11.57
CA LYS E 196 -35.21 -24.11 11.77
C LYS E 196 -34.50 -23.99 10.43
N MET E 197 -35.03 -24.70 9.46
CA MET E 197 -34.49 -24.74 8.13
C MET E 197 -34.25 -23.33 7.58
N PHE E 198 -35.15 -22.38 7.88
CA PHE E 198 -34.96 -21.01 7.41
C PHE E 198 -34.16 -20.16 8.39
N ASP E 199 -33.40 -20.82 9.26
CA ASP E 199 -32.57 -20.12 10.24
C ASP E 199 -33.39 -19.21 11.17
N ILE E 200 -34.54 -19.71 11.63
CA ILE E 200 -35.40 -18.98 12.55
C ILE E 200 -35.34 -19.71 13.91
N GLU E 201 -35.44 -18.96 15.00
CA GLU E 201 -35.41 -19.55 16.34
C GLU E 201 -36.84 -19.74 16.85
N PRO E 202 -37.32 -20.98 16.85
CA PRO E 202 -38.66 -21.39 17.29
C PRO E 202 -39.16 -20.77 18.58
N ARG E 203 -40.38 -20.25 18.52
CA ARG E 203 -41.07 -19.65 19.66
C ARG E 203 -42.50 -19.76 19.21
N VAL E 204 -43.10 -20.87 19.61
CA VAL E 204 -44.47 -21.22 19.24
C VAL E 204 -45.55 -20.59 20.10
N ALA E 205 -46.65 -20.22 19.45
CA ALA E 205 -47.78 -19.61 20.12
C ALA E 205 -49.04 -20.30 19.60
N MET E 206 -49.62 -21.22 20.36
CA MET E 206 -50.81 -21.89 19.89
C MET E 206 -51.92 -20.87 19.95
N LEU E 207 -52.38 -20.37 18.81
CA LEU E 207 -53.44 -19.36 18.79
C LEU E 207 -54.85 -19.89 19.07
N SER E 208 -55.71 -18.94 19.50
CA SER E 208 -57.13 -19.13 19.80
C SER E 208 -57.81 -17.77 19.95
N PHE E 209 -59.08 -17.73 20.40
CA PHE E 209 -59.79 -16.44 20.55
C PHE E 209 -59.81 -15.93 21.99
N SER E 210 -58.90 -16.43 22.81
CA SER E 210 -58.82 -16.05 24.20
C SER E 210 -57.43 -16.40 24.70
N THR E 211 -56.90 -15.59 25.62
CA THR E 211 -55.58 -15.85 26.15
C THR E 211 -55.65 -16.57 27.50
N LYS E 212 -54.75 -17.52 27.70
CA LYS E 212 -54.67 -18.36 28.89
C LYS E 212 -55.85 -18.31 29.86
N GLY E 213 -57.06 -18.67 29.41
CA GLY E 213 -58.18 -18.67 30.32
C GLY E 213 -59.39 -17.83 29.96
N SER E 214 -59.16 -16.64 29.36
CA SER E 214 -60.25 -15.72 28.96
C SER E 214 -61.60 -16.43 28.81
N ALA E 215 -61.87 -17.01 27.64
CA ALA E 215 -63.11 -17.75 27.41
C ALA E 215 -62.80 -19.22 27.63
N LYS E 216 -63.79 -19.99 28.04
CA LYS E 216 -63.53 -21.40 28.24
C LYS E 216 -64.63 -22.23 27.60
N SER E 217 -64.30 -22.78 26.43
CA SER E 217 -65.22 -23.62 25.67
C SER E 217 -64.37 -24.80 25.21
N ASP E 218 -64.93 -25.65 24.36
CA ASP E 218 -64.18 -26.80 23.86
C ASP E 218 -63.04 -26.26 23.00
N GLU E 219 -63.37 -25.21 22.26
CA GLU E 219 -62.44 -24.55 21.37
C GLU E 219 -61.14 -24.12 22.04
N THR E 220 -61.27 -23.47 23.18
CA THR E 220 -60.11 -23.01 23.93
C THR E 220 -59.44 -24.19 24.64
N GLU E 221 -60.24 -25.17 25.01
CA GLU E 221 -59.74 -26.36 25.69
C GLU E 221 -58.80 -27.10 24.73
N LYS E 222 -59.34 -27.41 23.54
CA LYS E 222 -58.62 -28.10 22.47
C LYS E 222 -57.19 -27.56 22.38
N VAL E 223 -57.09 -26.25 22.16
CA VAL E 223 -55.81 -25.58 22.04
C VAL E 223 -54.98 -25.71 23.32
N ALA E 224 -55.63 -25.51 24.45
CA ALA E 224 -54.97 -25.60 25.75
C ALA E 224 -54.40 -26.98 25.98
N ASP E 225 -55.22 -28.01 25.72
CA ASP E 225 -54.80 -29.39 25.88
C ASP E 225 -53.65 -29.65 24.94
N ALA E 226 -53.76 -29.11 23.73
CA ALA E 226 -52.72 -29.26 22.74
C ALA E 226 -51.38 -28.85 23.33
N VAL E 227 -51.37 -27.69 23.99
CA VAL E 227 -50.16 -27.13 24.60
C VAL E 227 -49.52 -28.04 25.63
N LYS E 228 -50.34 -28.80 26.35
CA LYS E 228 -49.85 -29.73 27.37
C LYS E 228 -49.10 -30.86 26.65
N ILE E 229 -49.78 -31.42 25.66
CA ILE E 229 -49.21 -32.49 24.87
C ILE E 229 -47.89 -32.06 24.25
N ALA E 230 -47.90 -30.88 23.65
CA ALA E 230 -46.73 -30.37 23.00
C ALA E 230 -45.58 -30.14 23.97
N LYS E 231 -45.87 -29.45 25.07
CA LYS E 231 -44.87 -29.15 26.09
C LYS E 231 -44.39 -30.46 26.68
N GLU E 232 -45.30 -31.43 26.76
CA GLU E 232 -44.97 -32.75 27.30
C GLU E 232 -43.94 -33.41 26.39
N LYS E 233 -44.31 -33.64 25.14
CA LYS E 233 -43.42 -34.24 24.16
C LYS E 233 -42.11 -33.47 23.97
N ALA E 234 -42.22 -32.18 23.64
CA ALA E 234 -41.04 -31.35 23.41
C ALA E 234 -40.78 -30.31 24.51
N PRO E 235 -40.21 -30.73 25.64
CA PRO E 235 -39.89 -29.89 26.80
C PRO E 235 -39.03 -28.63 26.57
N GLU E 236 -38.12 -28.71 25.61
CA GLU E 236 -37.22 -27.59 25.31
C GLU E 236 -37.78 -26.63 24.27
N LEU E 237 -38.87 -27.01 23.63
CA LEU E 237 -39.47 -26.15 22.62
C LEU E 237 -40.19 -24.95 23.27
N THR E 238 -39.66 -23.74 23.06
CA THR E 238 -40.27 -22.55 23.62
C THR E 238 -41.65 -22.35 23.03
N LEU E 239 -42.68 -22.78 23.75
CA LEU E 239 -44.04 -22.61 23.29
C LEU E 239 -45.03 -22.60 24.45
N ASP E 240 -45.88 -21.58 24.49
CA ASP E 240 -46.90 -21.53 25.51
C ASP E 240 -48.19 -21.50 24.75
N GLY E 241 -49.27 -21.90 25.40
CA GLY E 241 -50.53 -21.96 24.69
C GLY E 241 -51.86 -21.38 25.10
N GLU E 242 -52.57 -21.05 24.04
CA GLU E 242 -53.88 -20.47 24.06
C GLU E 242 -53.71 -18.96 24.18
N PHE E 243 -53.14 -18.38 23.14
CA PHE E 243 -52.91 -16.95 23.03
C PHE E 243 -53.79 -16.35 21.96
N GLN E 244 -54.12 -15.08 22.11
CA GLN E 244 -54.89 -14.38 21.10
C GLN E 244 -53.72 -13.81 20.29
N PHE E 245 -53.96 -13.32 19.09
CA PHE E 245 -52.82 -12.82 18.33
C PHE E 245 -52.08 -11.76 19.13
N ASP E 246 -52.83 -10.86 19.79
CA ASP E 246 -52.26 -9.78 20.62
C ASP E 246 -51.13 -10.28 21.47
N ALA E 247 -51.50 -11.16 22.39
CA ALA E 247 -50.55 -11.74 23.32
C ALA E 247 -49.38 -12.42 22.62
N ALA E 248 -49.63 -12.98 21.45
CA ALA E 248 -48.57 -13.65 20.75
C ALA E 248 -47.68 -12.67 20.00
N PHE E 249 -48.27 -11.59 19.48
CA PHE E 249 -47.51 -10.62 18.69
C PHE E 249 -46.93 -9.34 19.32
N VAL E 250 -47.67 -8.70 20.23
CA VAL E 250 -47.21 -7.46 20.89
C VAL E 250 -46.92 -7.63 22.39
N PRO E 251 -45.64 -7.43 22.83
CA PRO E 251 -45.13 -7.55 24.20
C PRO E 251 -45.90 -6.83 25.30
N SER E 252 -46.45 -5.66 24.98
CA SER E 252 -47.25 -4.91 25.92
C SER E 252 -48.39 -5.81 26.36
N VAL E 253 -49.19 -6.28 25.40
CA VAL E 253 -50.33 -7.14 25.67
C VAL E 253 -49.92 -8.44 26.37
N ALA E 254 -48.68 -8.88 26.15
CA ALA E 254 -48.19 -10.13 26.73
C ALA E 254 -48.19 -10.14 28.25
N GLU E 255 -47.56 -9.13 28.84
CA GLU E 255 -47.48 -9.02 30.29
C GLU E 255 -48.85 -8.75 30.90
N LYS E 256 -49.69 -7.98 30.21
CA LYS E 256 -51.04 -7.69 30.70
C LYS E 256 -51.90 -8.97 30.72
N LYS E 257 -52.20 -9.52 29.54
CA LYS E 257 -53.03 -10.73 29.41
C LYS E 257 -52.46 -12.08 29.91
N ALA E 258 -51.13 -12.24 29.99
CA ALA E 258 -50.62 -13.51 30.48
C ALA E 258 -49.14 -13.56 30.70
N PRO E 259 -48.65 -12.90 31.75
CA PRO E 259 -47.21 -12.92 32.02
C PRO E 259 -46.90 -14.31 32.52
N ASP E 260 -45.67 -14.55 32.96
CA ASP E 260 -45.30 -15.88 33.44
C ASP E 260 -45.61 -16.87 32.33
N SER E 261 -45.00 -16.62 31.17
CA SER E 261 -45.18 -17.45 30.00
C SER E 261 -43.96 -17.24 29.14
N GLU E 262 -43.42 -18.34 28.59
CA GLU E 262 -42.23 -18.28 27.74
C GLU E 262 -42.41 -17.27 26.62
N ILE E 263 -43.57 -17.29 26.00
CA ILE E 263 -43.85 -16.38 24.92
C ILE E 263 -44.13 -14.99 25.45
N LYS E 264 -43.18 -14.08 25.31
CA LYS E 264 -43.36 -12.73 25.78
C LYS E 264 -43.73 -11.82 24.63
N GLY E 265 -44.85 -12.16 23.97
CA GLY E 265 -45.34 -11.38 22.85
C GLY E 265 -44.30 -11.28 21.77
N ASP E 266 -43.47 -12.33 21.69
CA ASP E 266 -42.40 -12.43 20.69
C ASP E 266 -42.44 -13.75 19.90
N ALA E 267 -43.64 -14.24 19.60
CA ALA E 267 -43.81 -15.49 18.86
C ALA E 267 -43.50 -15.29 17.37
N ASN E 268 -42.87 -16.30 16.76
CA ASN E 268 -42.49 -16.24 15.36
C ASN E 268 -42.89 -17.52 14.62
N VAL E 269 -43.74 -18.28 15.26
CA VAL E 269 -44.22 -19.55 14.73
C VAL E 269 -45.61 -19.61 15.29
N PHE E 270 -46.62 -19.30 14.49
CA PHE E 270 -48.00 -19.28 14.99
C PHE E 270 -48.86 -20.47 14.60
N VAL E 271 -49.18 -21.36 15.54
CA VAL E 271 -50.01 -22.52 15.21
C VAL E 271 -51.49 -22.19 15.30
N PHE E 272 -52.19 -22.12 14.17
CA PHE E 272 -53.61 -21.80 14.20
C PHE E 272 -54.44 -22.95 14.71
N PRO E 273 -55.62 -22.65 15.27
CA PRO E 273 -56.54 -23.66 15.81
C PRO E 273 -57.33 -24.47 14.78
N SER E 274 -57.45 -23.93 13.57
CA SER E 274 -58.20 -24.62 12.52
C SER E 274 -57.84 -24.18 11.11
N LEU E 275 -58.24 -24.94 10.11
CA LEU E 275 -57.96 -24.55 8.73
C LEU E 275 -58.71 -23.27 8.35
N GLU E 276 -59.89 -23.02 8.92
CA GLU E 276 -60.64 -21.78 8.60
C GLU E 276 -59.87 -20.57 9.12
N ALA E 277 -59.27 -20.72 10.29
CA ALA E 277 -58.51 -19.64 10.89
C ALA E 277 -57.13 -19.42 10.25
N GLY E 278 -56.45 -20.51 9.89
CA GLY E 278 -55.12 -20.40 9.29
C GLY E 278 -55.03 -20.03 7.82
N ASN E 279 -56.04 -20.43 7.04
CA ASN E 279 -56.06 -20.13 5.62
C ASN E 279 -56.47 -18.67 5.48
N ILE E 280 -57.53 -18.28 6.16
CA ILE E 280 -57.95 -16.88 6.12
C ILE E 280 -56.86 -16.01 6.77
N GLY E 281 -56.17 -16.60 7.75
CA GLY E 281 -55.12 -15.91 8.47
C GLY E 281 -53.88 -15.50 7.70
N TYR E 282 -53.21 -16.43 7.01
CA TYR E 282 -52.00 -16.10 6.26
C TYR E 282 -52.40 -15.17 5.11
N LYS E 283 -53.58 -15.38 4.56
CA LYS E 283 -54.07 -14.55 3.46
C LYS E 283 -54.38 -13.11 3.89
N ILE E 284 -54.79 -12.90 5.13
CA ILE E 284 -55.03 -11.53 5.59
C ILE E 284 -53.65 -10.90 5.86
N ALA E 285 -52.74 -11.68 6.42
CA ALA E 285 -51.39 -11.17 6.67
C ALA E 285 -50.72 -10.77 5.35
N GLN E 286 -51.05 -11.48 4.27
CA GLN E 286 -50.48 -11.20 2.96
C GLN E 286 -51.12 -9.99 2.29
N ARG E 287 -52.39 -10.11 1.89
CA ARG E 287 -53.07 -9.02 1.19
C ARG E 287 -53.33 -7.70 1.96
N LEU E 288 -53.32 -7.74 3.29
CA LEU E 288 -53.50 -6.52 4.10
C LEU E 288 -52.18 -6.11 4.73
N GLY E 289 -51.51 -7.06 5.38
CA GLY E 289 -50.23 -6.74 6.01
C GLY E 289 -49.07 -6.63 5.04
N ASN E 290 -49.36 -6.80 3.76
CA ASN E 290 -48.37 -6.71 2.70
C ASN E 290 -47.16 -7.56 3.05
N PHE E 291 -47.42 -8.81 3.38
CA PHE E 291 -46.35 -9.73 3.70
C PHE E 291 -46.20 -10.65 2.51
N GLU E 292 -44.97 -11.09 2.25
CA GLU E 292 -44.70 -12.01 1.17
C GLU E 292 -44.96 -13.40 1.77
N ALA E 293 -45.68 -14.26 1.06
CA ALA E 293 -45.98 -15.58 1.59
C ALA E 293 -45.55 -16.77 0.70
N VAL E 294 -44.69 -17.63 1.21
CA VAL E 294 -44.21 -18.78 0.46
C VAL E 294 -45.22 -19.93 0.58
N GLY E 295 -45.91 -20.24 -0.53
CA GLY E 295 -46.93 -21.28 -0.61
C GLY E 295 -46.84 -22.45 0.34
N PRO E 296 -47.84 -23.36 0.37
CA PRO E 296 -47.81 -24.51 1.29
C PRO E 296 -46.63 -25.45 1.19
N ILE E 297 -45.88 -25.52 2.28
CA ILE E 297 -44.72 -26.38 2.39
C ILE E 297 -45.11 -27.52 3.32
N LEU E 298 -45.29 -28.73 2.79
CA LEU E 298 -45.65 -29.88 3.63
C LEU E 298 -44.52 -30.21 4.62
N GLN E 299 -44.82 -30.95 5.68
CA GLN E 299 -43.78 -31.27 6.64
C GLN E 299 -44.05 -32.58 7.34
N GLY E 300 -42.98 -33.16 7.88
CA GLY E 300 -43.13 -34.42 8.60
C GLY E 300 -43.23 -35.71 7.79
N LEU E 301 -42.98 -35.67 6.49
CA LEU E 301 -43.02 -36.86 5.67
C LEU E 301 -41.68 -37.55 5.75
N ASN E 302 -41.56 -38.80 5.31
CA ASN E 302 -40.26 -39.48 5.32
C ASN E 302 -39.34 -38.86 4.28
N MET E 303 -39.91 -38.35 3.19
CA MET E 303 -39.08 -37.70 2.16
C MET E 303 -39.79 -36.46 1.67
N PRO E 304 -39.03 -35.41 1.35
CA PRO E 304 -39.60 -34.14 0.87
C PRO E 304 -40.60 -34.28 -0.30
N VAL E 305 -41.78 -33.71 -0.13
CA VAL E 305 -42.78 -33.70 -1.19
C VAL E 305 -43.53 -32.39 -1.06
N ASN E 306 -43.51 -31.56 -2.08
CA ASN E 306 -44.21 -30.29 -1.94
C ASN E 306 -45.20 -30.01 -3.03
N ASP E 307 -46.13 -29.11 -2.75
CA ASP E 307 -47.14 -28.82 -3.73
C ASP E 307 -47.20 -27.38 -4.20
N LEU E 308 -47.19 -27.21 -5.52
CA LEU E 308 -47.28 -25.89 -6.17
C LEU E 308 -48.74 -25.67 -6.48
N SER E 309 -49.09 -24.41 -6.70
CA SER E 309 -50.47 -24.09 -7.01
C SER E 309 -50.56 -24.00 -8.52
N ARG E 310 -51.59 -24.60 -9.12
CA ARG E 310 -51.78 -24.46 -10.57
C ARG E 310 -51.69 -22.94 -10.73
N GLY E 311 -51.26 -22.46 -11.87
CA GLY E 311 -51.13 -21.01 -11.98
C GLY E 311 -50.04 -20.43 -11.06
N CYS E 312 -48.96 -21.18 -10.87
CA CYS E 312 -47.87 -20.71 -10.05
C CYS E 312 -46.95 -19.90 -10.93
N ASN E 313 -45.84 -19.46 -10.36
CA ASN E 313 -44.85 -18.66 -11.08
C ASN E 313 -43.75 -19.63 -11.52
N ALA E 314 -42.98 -19.26 -12.55
CA ALA E 314 -41.90 -20.14 -12.99
C ALA E 314 -40.85 -20.07 -11.90
N GLU E 315 -40.83 -18.94 -11.18
CA GLU E 315 -39.87 -18.76 -10.12
C GLU E 315 -40.37 -19.45 -8.86
N ASP E 316 -41.68 -19.60 -8.75
CA ASP E 316 -42.23 -20.30 -7.59
C ASP E 316 -41.76 -21.74 -7.57
N VAL E 317 -41.71 -22.34 -8.75
CA VAL E 317 -41.24 -23.71 -8.89
C VAL E 317 -39.77 -23.71 -8.45
N TYR E 318 -39.02 -22.74 -8.95
CA TYR E 318 -37.61 -22.65 -8.61
C TYR E 318 -37.39 -22.65 -7.09
N ASN E 319 -38.15 -21.80 -6.39
CA ASN E 319 -37.99 -21.71 -4.93
C ASN E 319 -38.51 -22.93 -4.15
N LEU E 320 -39.66 -23.46 -4.57
CA LEU E 320 -40.20 -24.62 -3.90
C LEU E 320 -39.16 -25.71 -4.02
N ALA E 321 -38.53 -25.79 -5.18
CA ALA E 321 -37.50 -26.80 -5.41
C ALA E 321 -36.37 -26.58 -4.39
N LEU E 322 -35.97 -25.31 -4.21
CA LEU E 322 -34.92 -24.99 -3.26
C LEU E 322 -35.35 -25.49 -1.85
N ILE E 323 -36.56 -25.11 -1.45
CA ILE E 323 -37.07 -25.53 -0.15
C ILE E 323 -37.08 -27.06 -0.03
N THR E 324 -37.59 -27.73 -1.06
CA THR E 324 -37.66 -29.18 -1.05
C THR E 324 -36.28 -29.85 -0.97
N ALA E 325 -35.31 -29.31 -1.70
CA ALA E 325 -33.98 -29.87 -1.68
C ALA E 325 -33.41 -29.66 -0.28
N ALA E 326 -33.85 -28.57 0.36
CA ALA E 326 -33.37 -28.24 1.70
C ALA E 326 -33.89 -29.28 2.67
N GLN E 327 -35.19 -29.58 2.58
CA GLN E 327 -35.79 -30.56 3.47
C GLN E 327 -35.11 -31.92 3.34
N ALA E 328 -34.54 -32.19 2.17
CA ALA E 328 -33.90 -33.48 1.96
C ALA E 328 -32.53 -33.54 2.60
N LEU E 329 -31.77 -32.45 2.44
CA LEU E 329 -30.43 -32.34 3.00
C LEU E 329 -30.50 -32.68 4.48
N MET F 7 -49.03 -5.19 -7.69
CA MET F 7 -48.31 -4.55 -8.84
C MET F 7 -48.43 -5.38 -10.12
N ALA F 8 -48.03 -6.65 -10.06
CA ALA F 8 -48.07 -7.55 -11.21
C ALA F 8 -49.21 -7.20 -12.18
N ASP F 9 -50.36 -6.90 -11.62
CA ASP F 9 -51.58 -6.53 -12.37
C ASP F 9 -51.37 -5.27 -13.22
N LEU F 10 -50.45 -4.44 -12.74
CA LEU F 10 -50.11 -3.17 -13.39
C LEU F 10 -49.27 -3.40 -14.66
N PHE F 11 -48.48 -4.47 -14.65
CA PHE F 11 -47.61 -4.84 -15.77
C PHE F 11 -48.35 -5.54 -16.90
N SER F 12 -49.34 -6.34 -16.55
CA SER F 12 -50.14 -7.05 -17.53
C SER F 12 -50.90 -6.03 -18.37
N THR F 13 -51.11 -4.87 -17.74
CA THR F 13 -51.78 -3.73 -18.36
C THR F 13 -50.85 -3.23 -19.48
N VAL F 14 -49.60 -3.01 -19.11
CA VAL F 14 -48.58 -2.56 -20.04
C VAL F 14 -48.42 -3.63 -21.11
N GLN F 15 -48.02 -4.84 -20.69
CA GLN F 15 -47.80 -5.94 -21.63
C GLN F 15 -48.99 -6.15 -22.52
N GLU F 16 -50.12 -5.62 -22.09
CA GLU F 16 -51.31 -5.75 -22.89
C GLU F 16 -51.14 -4.92 -24.17
N LYS F 17 -50.76 -3.67 -23.97
CA LYS F 17 -50.58 -2.74 -25.09
C LYS F 17 -49.39 -3.13 -25.95
N VAL F 18 -48.31 -3.54 -25.30
CA VAL F 18 -47.06 -3.92 -25.96
C VAL F 18 -47.05 -5.21 -26.79
N ALA F 19 -47.39 -6.33 -26.15
CA ALA F 19 -47.39 -7.64 -26.80
C ALA F 19 -48.02 -7.66 -28.19
N GLY F 20 -47.35 -8.34 -29.11
CA GLY F 20 -47.84 -8.45 -30.47
C GLY F 20 -47.35 -7.38 -31.45
N LYS F 21 -47.25 -6.13 -31.01
CA LYS F 21 -46.81 -5.03 -31.89
C LYS F 21 -45.32 -5.09 -32.28
N ASP F 22 -44.66 -6.20 -31.94
CA ASP F 22 -43.23 -6.42 -32.21
C ASP F 22 -42.32 -5.18 -32.30
N VAL F 23 -42.13 -4.58 -31.14
CA VAL F 23 -41.31 -3.41 -30.96
C VAL F 23 -39.90 -3.98 -30.81
N LYS F 24 -38.89 -3.25 -31.25
CA LYS F 24 -37.53 -3.76 -31.07
C LYS F 24 -36.92 -3.06 -29.86
N ILE F 25 -36.28 -3.81 -28.98
CA ILE F 25 -35.64 -3.20 -27.84
C ILE F 25 -34.22 -3.69 -27.78
N VAL F 26 -33.30 -2.73 -27.65
CA VAL F 26 -31.88 -3.05 -27.59
C VAL F 26 -31.41 -3.23 -26.15
N PHE F 27 -30.62 -4.26 -25.93
CA PHE F 27 -30.05 -4.56 -24.62
C PHE F 27 -28.52 -4.62 -24.81
N PRO F 28 -27.84 -3.49 -24.62
CA PRO F 28 -26.40 -3.46 -24.78
C PRO F 28 -25.63 -4.54 -23.99
N GLU F 29 -26.11 -4.89 -22.81
CA GLU F 29 -25.39 -5.88 -22.00
C GLU F 29 -25.67 -7.30 -22.45
N GLY F 30 -25.12 -7.60 -23.62
CA GLY F 30 -25.31 -8.91 -24.21
C GLY F 30 -24.84 -10.13 -23.47
N LEU F 31 -23.76 -10.05 -22.70
CA LEU F 31 -23.30 -11.22 -21.98
C LEU F 31 -23.89 -11.39 -20.56
N ASP F 32 -24.82 -10.51 -20.16
CA ASP F 32 -25.40 -10.55 -18.83
C ASP F 32 -26.54 -11.56 -18.71
N GLU F 33 -26.46 -12.50 -17.77
CA GLU F 33 -27.53 -13.51 -17.65
C GLU F 33 -28.89 -12.97 -17.31
N ARG F 34 -28.95 -11.83 -16.67
CA ARG F 34 -30.26 -11.29 -16.38
C ARG F 34 -30.87 -10.90 -17.73
N ILE F 35 -30.11 -10.18 -18.55
CA ILE F 35 -30.58 -9.76 -19.87
C ILE F 35 -30.89 -10.97 -20.76
N LEU F 36 -29.98 -11.94 -20.84
CA LEU F 36 -30.23 -13.11 -21.68
C LEU F 36 -31.49 -13.86 -21.26
N GLU F 37 -31.65 -14.13 -19.97
CA GLU F 37 -32.83 -14.83 -19.52
C GLU F 37 -34.08 -14.08 -19.89
N ALA F 38 -34.05 -12.77 -19.72
CA ALA F 38 -35.21 -11.95 -20.04
C ALA F 38 -35.46 -11.83 -21.54
N VAL F 39 -34.36 -11.79 -22.30
CA VAL F 39 -34.43 -11.67 -23.75
C VAL F 39 -34.90 -13.00 -24.34
N SER F 40 -34.33 -14.09 -23.84
CA SER F 40 -34.73 -15.41 -24.29
C SER F 40 -36.24 -15.56 -24.11
N LYS F 41 -36.76 -15.18 -22.95
CA LYS F 41 -38.19 -15.30 -22.68
C LYS F 41 -39.03 -14.27 -23.46
N LEU F 42 -38.56 -13.02 -23.60
CA LEU F 42 -39.33 -12.03 -24.35
C LEU F 42 -39.54 -12.53 -25.77
N ALA F 43 -38.49 -13.09 -26.34
CA ALA F 43 -38.52 -13.62 -27.70
C ALA F 43 -39.32 -14.90 -27.74
N GLY F 44 -39.24 -15.66 -26.65
CA GLY F 44 -39.97 -16.92 -26.55
C GLY F 44 -41.49 -16.81 -26.64
N ASN F 45 -42.07 -15.81 -25.99
CA ASN F 45 -43.52 -15.62 -26.00
C ASN F 45 -43.89 -14.57 -27.03
N LYS F 46 -42.92 -14.14 -27.83
CA LYS F 46 -43.12 -13.15 -28.87
C LYS F 46 -43.74 -11.84 -28.40
N VAL F 47 -43.42 -11.43 -27.17
CA VAL F 47 -43.94 -10.18 -26.62
C VAL F 47 -43.45 -9.01 -27.47
N LEU F 48 -42.13 -8.99 -27.68
CA LEU F 48 -41.46 -7.96 -28.46
C LEU F 48 -40.24 -8.60 -29.16
N ASN F 49 -39.48 -7.79 -29.90
CA ASN F 49 -38.30 -8.26 -30.62
C ASN F 49 -37.00 -7.80 -29.97
N PRO F 50 -36.37 -8.66 -29.17
CA PRO F 50 -35.13 -8.23 -28.53
C PRO F 50 -33.96 -8.22 -29.48
N ILE F 51 -33.09 -7.24 -29.28
CA ILE F 51 -31.84 -7.09 -30.03
C ILE F 51 -30.73 -7.00 -28.96
N VAL F 52 -29.94 -8.07 -28.80
CA VAL F 52 -28.86 -8.07 -27.84
C VAL F 52 -27.62 -7.46 -28.53
N ILE F 53 -26.59 -7.02 -27.79
CA ILE F 53 -25.37 -6.45 -28.39
C ILE F 53 -24.10 -7.12 -27.86
N GLY F 54 -23.23 -7.58 -28.74
CA GLY F 54 -22.02 -8.25 -28.28
C GLY F 54 -21.53 -9.29 -29.26
N ASN F 55 -20.46 -9.99 -28.92
CA ASN F 55 -19.96 -11.03 -29.81
C ASN F 55 -20.93 -12.24 -29.90
N GLU F 56 -21.36 -12.56 -31.13
CA GLU F 56 -22.30 -13.64 -31.33
C GLU F 56 -21.86 -14.98 -30.76
N ASN F 57 -20.67 -15.43 -31.10
CA ASN F 57 -20.22 -16.71 -30.57
C ASN F 57 -20.29 -16.75 -29.06
N GLU F 58 -19.85 -15.67 -28.44
CA GLU F 58 -19.83 -15.55 -26.99
C GLU F 58 -21.23 -15.63 -26.41
N ILE F 59 -22.05 -14.68 -26.82
CA ILE F 59 -23.41 -14.64 -26.34
C ILE F 59 -24.07 -16.00 -26.58
N GLN F 60 -23.77 -16.62 -27.72
CA GLN F 60 -24.38 -17.90 -28.06
C GLN F 60 -24.00 -18.94 -27.03
N ALA F 61 -22.73 -18.98 -26.67
CA ALA F 61 -22.27 -19.98 -25.71
C ALA F 61 -22.79 -19.67 -24.31
N LYS F 62 -22.84 -18.40 -23.96
CA LYS F 62 -23.32 -17.99 -22.66
C LYS F 62 -24.75 -18.46 -22.48
N ALA F 63 -25.57 -18.25 -23.51
CA ALA F 63 -26.95 -18.66 -23.44
C ALA F 63 -27.04 -20.16 -23.29
N LYS F 64 -26.08 -20.91 -23.84
CA LYS F 64 -26.15 -22.36 -23.74
C LYS F 64 -25.88 -22.79 -22.31
N GLU F 65 -24.94 -22.12 -21.63
CA GLU F 65 -24.65 -22.53 -20.26
C GLU F 65 -25.75 -22.09 -19.30
N LEU F 66 -26.66 -21.23 -19.78
CA LEU F 66 -27.79 -20.77 -18.99
C LEU F 66 -29.01 -21.59 -19.42
N ASN F 67 -28.75 -22.65 -20.19
CA ASN F 67 -29.82 -23.50 -20.70
C ASN F 67 -30.89 -22.69 -21.45
N LEU F 68 -30.42 -21.67 -22.16
CA LEU F 68 -31.27 -20.80 -22.94
C LEU F 68 -31.05 -20.98 -24.44
N THR F 69 -31.94 -20.38 -25.21
CA THR F 69 -31.88 -20.45 -26.66
C THR F 69 -32.22 -19.06 -27.09
N LEU F 70 -31.51 -18.57 -28.10
CA LEU F 70 -31.75 -17.21 -28.54
C LEU F 70 -32.72 -17.02 -29.69
N GLY F 71 -33.83 -17.75 -29.56
CA GLY F 71 -34.92 -17.74 -30.52
C GLY F 71 -35.08 -16.54 -31.41
N GLY F 72 -36.11 -15.75 -31.19
CA GLY F 72 -36.29 -14.59 -32.06
C GLY F 72 -35.34 -13.47 -31.69
N VAL F 73 -34.20 -13.82 -31.13
CA VAL F 73 -33.24 -12.82 -30.68
C VAL F 73 -32.19 -12.43 -31.70
N LYS F 74 -32.10 -11.14 -32.02
CA LYS F 74 -31.09 -10.68 -32.97
C LYS F 74 -29.86 -10.18 -32.21
N ILE F 75 -28.67 -10.46 -32.76
CA ILE F 75 -27.42 -10.05 -32.13
C ILE F 75 -26.57 -9.15 -33.03
N TYR F 76 -26.25 -7.96 -32.56
CA TYR F 76 -25.41 -7.01 -33.29
C TYR F 76 -24.07 -6.90 -32.54
N ASP F 77 -22.97 -6.85 -33.27
CA ASP F 77 -21.62 -6.75 -32.67
C ASP F 77 -20.91 -5.54 -33.30
N PRO F 78 -20.66 -4.47 -32.51
CA PRO F 78 -19.99 -3.26 -33.01
C PRO F 78 -18.76 -3.52 -33.89
N HIS F 79 -18.13 -4.68 -33.71
CA HIS F 79 -16.99 -5.08 -34.52
C HIS F 79 -17.32 -5.88 -35.79
N THR F 80 -18.57 -5.83 -36.28
CA THR F 80 -18.92 -6.59 -37.47
C THR F 80 -20.04 -5.89 -38.20
N TYR F 81 -20.79 -5.10 -37.44
CA TYR F 81 -21.89 -4.35 -38.01
C TYR F 81 -21.26 -3.55 -39.13
N GLU F 82 -21.38 -3.98 -40.38
CA GLU F 82 -20.72 -3.23 -41.44
C GLU F 82 -21.29 -1.81 -41.69
N GLY F 83 -22.48 -1.53 -41.14
CA GLY F 83 -23.11 -0.21 -41.30
C GLY F 83 -22.56 0.82 -40.31
N MET F 84 -21.53 0.38 -39.58
CA MET F 84 -20.84 1.17 -38.56
C MET F 84 -20.50 2.56 -39.00
N GLU F 85 -19.85 2.68 -40.15
CA GLU F 85 -19.43 3.96 -40.66
C GLU F 85 -20.53 4.96 -40.89
N ASP F 86 -21.65 4.48 -41.38
CA ASP F 86 -22.76 5.38 -41.58
C ASP F 86 -23.20 5.82 -40.20
N LEU F 87 -23.09 4.90 -39.23
CA LEU F 87 -23.41 5.20 -37.84
C LEU F 87 -22.37 6.22 -37.34
N VAL F 88 -21.10 5.91 -37.56
CA VAL F 88 -20.03 6.81 -37.15
C VAL F 88 -20.29 8.20 -37.74
N GLN F 89 -20.61 8.28 -39.03
CA GLN F 89 -20.86 9.57 -39.63
C GLN F 89 -22.11 10.28 -39.05
N ALA F 90 -23.16 9.51 -38.76
CA ALA F 90 -24.39 10.09 -38.22
C ALA F 90 -24.10 10.68 -36.87
N PHE F 91 -23.20 10.01 -36.15
CA PHE F 91 -22.81 10.41 -34.83
C PHE F 91 -22.09 11.76 -34.89
N VAL F 92 -20.98 11.80 -35.63
CA VAL F 92 -20.18 13.03 -35.77
C VAL F 92 -21.07 14.20 -36.15
N GLU F 93 -22.06 13.92 -36.96
CA GLU F 93 -22.97 14.95 -37.40
C GLU F 93 -23.83 15.41 -36.25
N ARG F 94 -24.34 14.46 -35.48
CA ARG F 94 -25.20 14.79 -34.35
C ARG F 94 -24.40 15.51 -33.25
N ARG F 95 -23.12 15.14 -33.14
CA ARG F 95 -22.19 15.75 -32.17
C ARG F 95 -21.60 17.08 -32.65
N LYS F 96 -22.26 17.73 -33.60
CA LYS F 96 -21.87 19.04 -34.14
C LYS F 96 -20.42 19.51 -33.99
N GLY F 97 -19.48 18.72 -34.47
CA GLY F 97 -18.08 19.10 -34.41
C GLY F 97 -17.34 18.72 -33.14
N LYS F 98 -18.09 18.30 -32.12
CA LYS F 98 -17.51 17.88 -30.84
C LYS F 98 -16.80 16.51 -30.95
N ALA F 99 -16.95 15.83 -32.08
CA ALA F 99 -16.30 14.55 -32.22
C ALA F 99 -15.55 14.37 -33.54
N THR F 100 -14.34 13.85 -33.45
CA THR F 100 -13.55 13.56 -34.64
C THR F 100 -14.11 12.27 -35.24
N GLU F 101 -13.61 11.88 -36.39
CA GLU F 101 -14.10 10.66 -36.97
C GLU F 101 -13.48 9.58 -36.09
N GLU F 102 -12.20 9.73 -35.75
CA GLU F 102 -11.50 8.73 -34.93
C GLU F 102 -12.13 8.62 -33.58
N GLN F 103 -12.68 9.71 -33.08
CA GLN F 103 -13.33 9.66 -31.78
C GLN F 103 -14.66 8.94 -31.89
N ALA F 104 -15.50 9.37 -32.81
CA ALA F 104 -16.80 8.74 -32.97
C ALA F 104 -16.61 7.25 -33.17
N ARG F 105 -15.69 6.86 -34.05
CA ARG F 105 -15.47 5.46 -34.30
C ARG F 105 -15.25 4.73 -32.97
N LYS F 106 -14.30 5.22 -32.18
CA LYS F 106 -14.00 4.62 -30.87
C LYS F 106 -15.21 4.60 -29.93
N ALA F 107 -15.94 5.71 -29.88
CA ALA F 107 -17.12 5.82 -29.03
C ALA F 107 -18.16 4.76 -29.37
N LEU F 108 -18.47 4.62 -30.66
CA LEU F 108 -19.47 3.65 -31.07
C LEU F 108 -19.03 2.21 -30.89
N LEU F 109 -17.79 1.97 -30.43
CA LEU F 109 -17.37 0.60 -30.23
C LEU F 109 -17.85 0.16 -28.84
N ASP F 110 -18.50 1.10 -28.14
CA ASP F 110 -19.07 0.90 -26.80
C ASP F 110 -20.53 0.44 -26.89
N GLU F 111 -20.83 -0.70 -26.29
CA GLU F 111 -22.18 -1.23 -26.35
C GLU F 111 -23.28 -0.22 -26.12
N ASN F 112 -23.15 0.62 -25.11
CA ASN F 112 -24.22 1.57 -24.86
C ASN F 112 -24.41 2.57 -26.01
N TYR F 113 -23.31 3.14 -26.47
CA TYR F 113 -23.36 4.10 -27.57
C TYR F 113 -23.91 3.43 -28.85
N PHE F 114 -23.41 2.22 -29.14
CA PHE F 114 -23.83 1.49 -30.32
C PHE F 114 -25.34 1.35 -30.31
N GLY F 115 -25.86 0.69 -29.29
CA GLY F 115 -27.29 0.49 -29.17
C GLY F 115 -28.07 1.78 -29.17
N THR F 116 -27.45 2.88 -28.79
CA THR F 116 -28.19 4.14 -28.77
C THR F 116 -28.21 4.70 -30.16
N MET F 117 -27.14 4.49 -30.92
CA MET F 117 -27.11 4.95 -32.30
C MET F 117 -28.22 4.17 -33.03
N LEU F 118 -28.30 2.87 -32.74
CA LEU F 118 -29.30 2.02 -33.35
C LEU F 118 -30.69 2.54 -33.10
N VAL F 119 -31.01 2.85 -31.85
CA VAL F 119 -32.34 3.39 -31.53
C VAL F 119 -32.56 4.68 -32.31
N TYR F 120 -31.49 5.50 -32.36
CA TYR F 120 -31.48 6.79 -33.06
C TYR F 120 -31.78 6.74 -34.55
N LYS F 121 -31.18 5.80 -35.26
CA LYS F 121 -31.40 5.68 -36.69
C LYS F 121 -32.53 4.69 -37.02
N GLY F 122 -33.55 4.62 -36.16
CA GLY F 122 -34.66 3.71 -36.42
C GLY F 122 -34.44 2.19 -36.45
N LEU F 123 -33.20 1.72 -36.32
CA LEU F 123 -32.94 0.27 -36.32
C LEU F 123 -33.37 -0.50 -35.07
N ALA F 124 -33.95 0.23 -34.12
CA ALA F 124 -34.46 -0.31 -32.87
C ALA F 124 -35.36 0.80 -32.33
N ASP F 125 -36.30 0.45 -31.44
CA ASP F 125 -37.22 1.45 -30.92
C ASP F 125 -36.94 1.98 -29.50
N GLY F 126 -36.16 1.24 -28.74
CA GLY F 126 -35.85 1.68 -27.40
C GLY F 126 -34.69 0.90 -26.83
N LEU F 127 -33.99 1.50 -25.91
CA LEU F 127 -32.86 0.84 -25.31
C LEU F 127 -33.15 0.53 -23.86
N VAL F 128 -32.44 -0.45 -23.33
CA VAL F 128 -32.57 -0.88 -21.94
C VAL F 128 -31.21 -1.44 -21.50
N SER F 129 -30.53 -0.68 -20.66
CA SER F 129 -29.22 -1.08 -20.16
C SER F 129 -29.26 -0.78 -18.70
N GLY F 130 -28.10 -0.86 -18.05
CA GLY F 130 -28.03 -0.57 -16.64
C GLY F 130 -27.58 -1.71 -15.77
N ALA F 131 -28.01 -2.92 -16.12
CA ALA F 131 -27.66 -4.10 -15.35
C ALA F 131 -26.15 -4.27 -15.04
N ALA F 132 -25.28 -3.53 -15.74
CA ALA F 132 -23.84 -3.65 -15.48
C ALA F 132 -23.07 -2.36 -15.82
N HIS F 133 -23.76 -1.22 -15.75
CA HIS F 133 -23.19 0.11 -16.02
C HIS F 133 -23.83 1.09 -15.05
N SER F 134 -23.11 2.15 -14.66
CA SER F 134 -23.68 3.16 -13.74
C SER F 134 -24.83 3.83 -14.49
N THR F 135 -25.74 4.47 -13.77
CA THR F 135 -26.85 5.11 -14.46
C THR F 135 -26.40 6.24 -15.35
N ALA F 136 -25.20 6.73 -15.11
CA ALA F 136 -24.68 7.83 -15.91
C ALA F 136 -24.39 7.31 -17.32
N ASP F 137 -23.68 6.18 -17.38
CA ASP F 137 -23.29 5.54 -18.63
C ASP F 137 -24.46 5.13 -19.51
N THR F 138 -25.66 5.22 -18.98
CA THR F 138 -26.84 4.89 -19.76
C THR F 138 -27.47 6.17 -20.23
N VAL F 139 -27.69 7.10 -19.32
CA VAL F 139 -28.30 8.36 -19.68
C VAL F 139 -27.38 9.28 -20.52
N ARG F 140 -26.05 9.13 -20.36
CA ARG F 140 -25.10 9.96 -21.09
C ARG F 140 -25.38 9.99 -22.59
N PRO F 141 -25.06 8.89 -23.32
CA PRO F 141 -25.31 8.85 -24.78
C PRO F 141 -26.78 9.06 -25.13
N ALA F 142 -27.65 8.75 -24.19
CA ALA F 142 -29.06 8.95 -24.41
C ALA F 142 -29.27 10.46 -24.54
N LEU F 143 -28.36 11.24 -23.95
CA LEU F 143 -28.50 12.69 -24.02
C LEU F 143 -27.66 13.31 -25.13
N GLN F 144 -26.49 12.75 -25.40
CA GLN F 144 -25.67 13.29 -26.46
C GLN F 144 -26.33 12.92 -27.80
N ILE F 145 -26.69 11.64 -27.98
CA ILE F 145 -27.32 11.15 -29.22
C ILE F 145 -28.84 11.40 -29.38
N ILE F 146 -29.66 10.54 -28.79
CA ILE F 146 -31.11 10.74 -28.83
C ILE F 146 -31.24 11.97 -28.00
N LYS F 147 -32.21 12.82 -28.25
CA LYS F 147 -32.24 13.99 -27.37
C LYS F 147 -33.60 14.15 -26.73
N THR F 148 -33.82 15.22 -25.97
CA THR F 148 -35.12 15.41 -25.32
C THR F 148 -36.17 15.91 -26.33
N LYS F 149 -37.40 15.48 -26.11
CA LYS F 149 -38.50 15.85 -26.99
C LYS F 149 -38.70 17.36 -27.10
N GLU F 150 -39.82 17.73 -27.70
CA GLU F 150 -40.22 19.11 -27.94
C GLU F 150 -39.81 20.16 -26.89
N GLY F 151 -40.73 20.47 -25.99
CA GLY F 151 -40.45 21.47 -24.97
C GLY F 151 -39.81 20.97 -23.71
N VAL F 152 -39.07 19.87 -23.80
CA VAL F 152 -38.40 19.31 -22.62
C VAL F 152 -36.91 19.62 -22.63
N LYS F 153 -36.38 20.07 -21.51
CA LYS F 153 -34.97 20.36 -21.45
C LYS F 153 -34.18 19.27 -20.74
N LYS F 154 -34.80 18.55 -19.80
CA LYS F 154 -34.06 17.52 -19.13
C LYS F 154 -34.90 16.27 -18.94
N THR F 155 -34.25 15.22 -18.46
CA THR F 155 -34.98 14.00 -18.22
C THR F 155 -35.07 13.89 -16.72
N SER F 156 -35.99 13.05 -16.27
CA SER F 156 -36.19 12.86 -14.84
C SER F 156 -36.60 11.42 -14.69
N GLY F 157 -36.35 10.83 -13.53
CA GLY F 157 -36.74 9.44 -13.32
C GLY F 157 -37.89 9.24 -12.37
N VAL F 158 -39.05 8.84 -12.91
CA VAL F 158 -40.25 8.59 -12.11
C VAL F 158 -40.25 7.14 -11.62
N PHE F 159 -41.05 6.88 -10.59
CA PHE F 159 -41.17 5.53 -10.03
C PHE F 159 -42.65 5.22 -9.88
N ILE F 160 -43.09 4.07 -10.36
CA ILE F 160 -44.49 3.69 -10.18
C ILE F 160 -44.53 2.98 -8.85
N MET F 161 -45.37 3.49 -7.95
CA MET F 161 -45.48 2.92 -6.62
C MET F 161 -46.80 2.24 -6.51
N ALA F 162 -46.82 1.09 -5.85
CA ALA F 162 -48.06 0.37 -5.72
C ALA F 162 -48.10 -0.57 -4.55
N ARG F 163 -49.29 -0.64 -3.96
CA ARG F 163 -49.55 -1.52 -2.84
C ARG F 163 -51.00 -1.96 -3.05
N GLY F 164 -51.18 -3.22 -3.44
CA GLY F 164 -52.52 -3.69 -3.70
C GLY F 164 -53.20 -2.82 -4.72
N GLU F 165 -54.20 -2.06 -4.28
CA GLU F 165 -54.97 -1.18 -5.17
C GLU F 165 -54.40 0.23 -5.31
N GLU F 166 -53.47 0.59 -4.43
CA GLU F 166 -52.87 1.91 -4.45
C GLU F 166 -51.74 2.02 -5.47
N GLN F 167 -51.86 3.02 -6.34
CA GLN F 167 -50.86 3.25 -7.37
C GLN F 167 -50.53 4.74 -7.46
N TYR F 168 -49.25 5.07 -7.30
CA TYR F 168 -48.82 6.46 -7.38
C TYR F 168 -47.55 6.60 -8.20
N VAL F 169 -47.30 7.82 -8.66
CA VAL F 169 -46.09 8.15 -9.44
C VAL F 169 -45.23 9.08 -8.58
N PHE F 170 -43.91 8.85 -8.54
CA PHE F 170 -43.02 9.70 -7.75
C PHE F 170 -42.03 10.45 -8.69
N ALA F 171 -42.10 11.78 -8.68
CA ALA F 171 -41.29 12.67 -9.55
C ALA F 171 -39.81 12.81 -9.22
N ASP F 172 -39.00 12.55 -10.25
CA ASP F 172 -37.54 12.55 -10.22
C ASP F 172 -36.88 12.25 -8.88
N CYS F 173 -36.68 10.94 -8.65
CA CYS F 173 -36.05 10.45 -7.43
C CYS F 173 -34.75 9.75 -7.82
N ALA F 174 -34.28 10.02 -9.04
CA ALA F 174 -33.05 9.39 -9.57
C ALA F 174 -32.07 10.17 -10.49
N ILE F 175 -32.53 11.21 -11.18
CA ILE F 175 -31.66 11.97 -12.07
C ILE F 175 -31.23 13.38 -11.62
N ASN F 176 -32.12 14.36 -11.80
CA ASN F 176 -31.85 15.75 -11.44
C ASN F 176 -31.58 15.98 -9.95
N ILE F 177 -30.37 16.44 -9.62
CA ILE F 177 -30.02 16.68 -8.21
C ILE F 177 -30.76 17.86 -7.58
N ALA F 178 -30.49 19.06 -8.08
CA ALA F 178 -31.14 20.22 -7.51
C ALA F 178 -31.95 20.97 -8.54
N PRO F 179 -33.14 20.45 -8.87
CA PRO F 179 -34.00 21.11 -9.85
C PRO F 179 -34.45 22.48 -9.38
N ASP F 180 -34.76 23.35 -10.32
CA ASP F 180 -35.24 24.69 -9.99
C ASP F 180 -36.69 24.82 -10.45
N SER F 181 -37.33 25.96 -10.20
CA SER F 181 -38.73 26.18 -10.58
C SER F 181 -39.05 25.67 -11.98
N GLN F 182 -38.15 25.91 -12.91
CA GLN F 182 -38.35 25.49 -14.30
C GLN F 182 -38.36 23.98 -14.47
N ASP F 183 -37.38 23.35 -13.82
CA ASP F 183 -37.22 21.90 -13.85
C ASP F 183 -38.42 21.21 -13.18
N LEU F 184 -38.73 21.61 -11.95
CA LEU F 184 -39.87 21.05 -11.21
C LEU F 184 -41.16 21.12 -12.05
N ALA F 185 -41.44 22.29 -12.62
CA ALA F 185 -42.63 22.46 -13.44
C ALA F 185 -42.64 21.44 -14.57
N GLU F 186 -41.47 21.19 -15.11
CA GLU F 186 -41.31 20.23 -16.18
C GLU F 186 -41.55 18.83 -15.62
N ILE F 187 -40.76 18.43 -14.62
CA ILE F 187 -40.89 17.11 -13.98
C ILE F 187 -42.36 16.80 -13.68
N ALA F 188 -43.11 17.83 -13.28
CA ALA F 188 -44.52 17.65 -13.00
C ALA F 188 -45.24 17.25 -14.29
N ILE F 189 -45.32 18.15 -15.26
CA ILE F 189 -46.03 17.87 -16.52
C ILE F 189 -45.64 16.57 -17.23
N GLU F 190 -44.36 16.26 -17.21
CA GLU F 190 -43.87 15.05 -17.85
C GLU F 190 -44.27 13.81 -17.04
N SER F 191 -44.18 13.90 -15.71
CA SER F 191 -44.55 12.77 -14.87
C SER F 191 -46.04 12.45 -15.05
N ALA F 192 -46.86 13.49 -15.19
CA ALA F 192 -48.29 13.31 -15.38
C ALA F 192 -48.53 12.55 -16.67
N ASN F 193 -47.70 12.84 -17.67
CA ASN F 193 -47.85 12.16 -18.95
C ASN F 193 -47.47 10.70 -18.78
N THR F 194 -46.33 10.48 -18.13
CA THR F 194 -45.86 9.14 -17.88
C THR F 194 -46.95 8.36 -17.15
N ALA F 195 -47.58 9.00 -16.19
CA ALA F 195 -48.65 8.37 -15.40
C ALA F 195 -49.82 7.92 -16.26
N LYS F 196 -49.99 8.50 -17.44
CA LYS F 196 -51.07 8.11 -18.34
C LYS F 196 -50.84 6.68 -18.88
N MET F 197 -49.59 6.40 -19.23
CA MET F 197 -49.20 5.10 -19.76
C MET F 197 -49.68 3.93 -18.90
N PHE F 198 -49.61 4.06 -17.58
CA PHE F 198 -50.07 2.99 -16.68
C PHE F 198 -51.56 3.17 -16.35
N ASP F 199 -52.26 3.91 -17.20
CA ASP F 199 -53.69 4.12 -17.00
C ASP F 199 -54.07 4.77 -15.67
N ILE F 200 -53.31 5.77 -15.24
CA ILE F 200 -53.59 6.51 -14.01
C ILE F 200 -54.10 7.88 -14.44
N GLU F 201 -55.00 8.47 -13.65
CA GLU F 201 -55.51 9.79 -14.00
C GLU F 201 -54.75 10.88 -13.22
N PRO F 202 -53.88 11.63 -13.92
CA PRO F 202 -53.05 12.69 -13.36
C PRO F 202 -53.72 13.63 -12.37
N ARG F 203 -53.04 13.82 -11.25
CA ARG F 203 -53.45 14.72 -10.20
C ARG F 203 -52.14 14.95 -9.48
N VAL F 204 -51.45 15.99 -9.90
CA VAL F 204 -50.14 16.36 -9.39
C VAL F 204 -50.19 17.17 -8.11
N ALA F 205 -49.18 16.98 -7.28
CA ALA F 205 -49.06 17.71 -6.03
C ALA F 205 -47.58 18.02 -5.86
N MET F 206 -47.19 19.28 -6.06
CA MET F 206 -45.79 19.67 -5.91
C MET F 206 -45.49 19.70 -4.41
N LEU F 207 -44.73 18.73 -3.92
CA LEU F 207 -44.44 18.65 -2.50
C LEU F 207 -43.41 19.64 -2.00
N SER F 208 -43.47 19.91 -0.70
CA SER F 208 -42.53 20.81 0.00
C SER F 208 -42.77 20.64 1.49
N PHE F 209 -42.07 21.42 2.31
CA PHE F 209 -42.23 21.30 3.75
C PHE F 209 -43.26 22.27 4.32
N SER F 210 -44.11 22.82 3.47
CA SER F 210 -45.13 23.72 3.94
C SER F 210 -46.24 23.70 2.90
N THR F 211 -47.46 23.95 3.34
CA THR F 211 -48.58 23.96 2.41
C THR F 211 -48.98 25.40 2.09
N LYS F 212 -49.31 25.64 0.82
CA LYS F 212 -49.70 26.95 0.29
C LYS F 212 -49.46 28.18 1.19
N GLY F 213 -48.22 28.39 1.63
CA GLY F 213 -47.95 29.56 2.44
C GLY F 213 -47.29 29.32 3.78
N SER F 214 -47.69 28.26 4.50
CA SER F 214 -47.16 27.91 5.83
C SER F 214 -45.85 28.63 6.17
N ALA F 215 -44.74 28.11 5.65
CA ALA F 215 -43.44 28.73 5.88
C ALA F 215 -43.10 29.44 4.58
N LYS F 216 -42.33 30.50 4.64
CA LYS F 216 -41.96 31.20 3.42
C LYS F 216 -40.48 31.46 3.33
N SER F 217 -39.80 30.62 2.53
CA SER F 217 -38.37 30.73 2.29
C SER F 217 -38.18 30.58 0.79
N ASP F 218 -36.93 30.44 0.34
CA ASP F 218 -36.68 30.28 -1.09
C ASP F 218 -37.21 28.93 -1.57
N GLU F 219 -36.94 27.92 -0.75
CA GLU F 219 -37.36 26.55 -1.03
C GLU F 219 -38.85 26.45 -1.32
N THR F 220 -39.66 27.06 -0.47
CA THR F 220 -41.09 27.02 -0.68
C THR F 220 -41.45 27.84 -1.90
N GLU F 221 -40.68 28.91 -2.13
CA GLU F 221 -40.94 29.78 -3.27
C GLU F 221 -40.70 28.99 -4.57
N LYS F 222 -39.53 28.36 -4.63
CA LYS F 222 -39.13 27.53 -5.75
C LYS F 222 -40.32 26.69 -6.18
N VAL F 223 -40.79 25.84 -5.28
CA VAL F 223 -41.92 24.97 -5.54
C VAL F 223 -43.15 25.78 -5.91
N ALA F 224 -43.36 26.88 -5.21
CA ALA F 224 -44.52 27.75 -5.45
C ALA F 224 -44.46 28.31 -6.84
N ASP F 225 -43.29 28.80 -7.22
CA ASP F 225 -43.04 29.38 -8.55
C ASP F 225 -43.22 28.30 -9.60
N ALA F 226 -42.78 27.09 -9.25
CA ALA F 226 -42.91 25.95 -10.13
C ALA F 226 -44.38 25.71 -10.53
N VAL F 227 -45.27 25.79 -9.54
CA VAL F 227 -46.70 25.58 -9.75
C VAL F 227 -47.32 26.55 -10.75
N LYS F 228 -46.90 27.80 -10.72
CA LYS F 228 -47.41 28.83 -11.64
C LYS F 228 -46.98 28.50 -13.07
N ILE F 229 -45.69 28.28 -13.26
CA ILE F 229 -45.11 27.96 -14.56
C ILE F 229 -45.84 26.75 -15.16
N ALA F 230 -46.04 25.73 -14.33
CA ALA F 230 -46.72 24.49 -14.75
C ALA F 230 -48.20 24.73 -15.08
N LYS F 231 -48.92 25.41 -14.18
CA LYS F 231 -50.33 25.72 -14.38
C LYS F 231 -50.48 26.59 -15.62
N GLU F 232 -49.45 27.39 -15.87
CA GLU F 232 -49.41 28.28 -17.01
C GLU F 232 -49.27 27.43 -18.27
N LYS F 233 -48.16 26.69 -18.36
CA LYS F 233 -47.91 25.83 -19.51
C LYS F 233 -49.06 24.85 -19.75
N ALA F 234 -49.39 24.05 -18.74
CA ALA F 234 -50.42 23.03 -18.84
C ALA F 234 -51.68 23.34 -17.99
N PRO F 235 -52.54 24.23 -18.49
CA PRO F 235 -53.78 24.64 -17.82
C PRO F 235 -54.75 23.53 -17.35
N GLU F 236 -54.97 22.52 -18.20
CA GLU F 236 -55.89 21.42 -17.89
C GLU F 236 -55.39 20.37 -16.88
N LEU F 237 -54.09 20.29 -16.69
CA LEU F 237 -53.50 19.33 -15.78
C LEU F 237 -53.93 19.72 -14.38
N THR F 238 -54.53 18.77 -13.68
CA THR F 238 -54.99 19.00 -12.30
C THR F 238 -53.79 18.95 -11.37
N LEU F 239 -53.27 20.12 -11.00
CA LEU F 239 -52.12 20.17 -10.11
C LEU F 239 -52.01 21.47 -9.35
N ASP F 240 -52.14 21.40 -8.04
CA ASP F 240 -52.00 22.59 -7.23
C ASP F 240 -50.66 22.42 -6.54
N GLY F 241 -50.10 23.50 -6.00
CA GLY F 241 -48.79 23.31 -5.42
C GLY F 241 -48.35 23.89 -4.11
N GLU F 242 -47.30 23.24 -3.63
CA GLU F 242 -46.64 23.54 -2.38
C GLU F 242 -47.46 22.95 -1.24
N PHE F 243 -47.60 21.63 -1.28
CA PHE F 243 -48.33 20.87 -0.27
C PHE F 243 -47.30 20.10 0.53
N GLN F 244 -47.67 19.74 1.75
CA GLN F 244 -46.78 18.90 2.52
C GLN F 244 -47.39 17.56 2.12
N PHE F 245 -46.82 16.44 2.55
CA PHE F 245 -47.41 15.18 2.14
C PHE F 245 -48.87 15.07 2.62
N ASP F 246 -49.12 15.49 3.85
CA ASP F 246 -50.46 15.45 4.41
C ASP F 246 -51.48 15.93 3.41
N ALA F 247 -51.45 17.24 3.19
CA ALA F 247 -52.36 17.90 2.27
C ALA F 247 -52.54 17.14 0.96
N ALA F 248 -51.45 16.56 0.50
CA ALA F 248 -51.45 15.82 -0.76
C ALA F 248 -52.07 14.45 -0.62
N PHE F 249 -51.86 13.83 0.54
CA PHE F 249 -52.36 12.46 0.79
C PHE F 249 -53.71 12.25 1.52
N VAL F 250 -53.95 12.96 2.63
CA VAL F 250 -55.20 12.80 3.40
C VAL F 250 -56.22 13.94 3.28
N PRO F 251 -57.40 13.67 2.66
CA PRO F 251 -58.50 14.63 2.43
C PRO F 251 -58.88 15.47 3.63
N SER F 252 -58.70 14.89 4.82
CA SER F 252 -59.01 15.58 6.07
C SER F 252 -58.14 16.81 6.17
N VAL F 253 -56.84 16.59 6.02
CA VAL F 253 -55.87 17.67 6.07
C VAL F 253 -56.01 18.67 4.92
N ALA F 254 -56.52 18.21 3.78
CA ALA F 254 -56.70 19.05 2.60
C ALA F 254 -57.61 20.25 2.84
N GLU F 255 -58.85 20.00 3.25
CA GLU F 255 -59.78 21.10 3.51
C GLU F 255 -59.33 21.98 4.69
N LYS F 256 -58.52 21.43 5.59
CA LYS F 256 -58.02 22.22 6.73
C LYS F 256 -56.91 23.17 6.29
N LYS F 257 -55.74 22.64 5.96
CA LYS F 257 -54.60 23.46 5.53
C LYS F 257 -54.70 24.17 4.17
N ALA F 258 -55.64 23.80 3.31
CA ALA F 258 -55.70 24.47 2.02
C ALA F 258 -56.84 24.09 1.11
N PRO F 259 -58.08 24.44 1.48
CA PRO F 259 -59.22 24.10 0.63
C PRO F 259 -59.12 25.04 -0.56
N ASP F 260 -60.09 24.99 -1.47
CA ASP F 260 -60.05 25.83 -2.67
C ASP F 260 -58.74 25.51 -3.40
N SER F 261 -58.57 24.21 -3.68
CA SER F 261 -57.39 23.70 -4.37
C SER F 261 -57.82 22.47 -5.14
N GLU F 262 -57.43 22.41 -6.40
CA GLU F 262 -57.77 21.28 -7.23
C GLU F 262 -57.50 19.98 -6.48
N ILE F 263 -56.35 19.92 -5.83
CA ILE F 263 -55.96 18.74 -5.08
C ILE F 263 -56.61 18.65 -3.72
N LYS F 264 -57.67 17.85 -3.61
CA LYS F 264 -58.38 17.67 -2.35
C LYS F 264 -57.83 16.46 -1.58
N GLY F 265 -56.55 16.52 -1.21
CA GLY F 265 -55.92 15.40 -0.52
C GLY F 265 -55.96 14.09 -1.30
N ASP F 266 -56.12 14.17 -2.62
CA ASP F 266 -56.21 12.99 -3.48
C ASP F 266 -55.16 12.93 -4.60
N ALA F 267 -53.92 13.31 -4.29
CA ALA F 267 -52.85 13.30 -5.29
C ALA F 267 -52.34 11.88 -5.59
N ASN F 268 -52.10 11.59 -6.86
CA ASN F 268 -51.63 10.26 -7.28
C ASN F 268 -50.34 10.37 -8.10
N VAL F 269 -49.74 11.56 -8.04
CA VAL F 269 -48.51 11.88 -8.74
C VAL F 269 -47.82 12.94 -7.86
N PHE F 270 -46.78 12.54 -7.14
CA PHE F 270 -46.11 13.48 -6.23
C PHE F 270 -44.75 13.96 -6.73
N VAL F 271 -44.66 15.24 -7.09
CA VAL F 271 -43.39 15.80 -7.55
C VAL F 271 -42.56 16.30 -6.39
N PHE F 272 -41.44 15.64 -6.11
CA PHE F 272 -40.60 16.07 -5.02
C PHE F 272 -39.82 17.32 -5.38
N PRO F 273 -39.45 18.11 -4.37
CA PRO F 273 -38.70 19.35 -4.61
C PRO F 273 -37.21 19.18 -4.89
N SER F 274 -36.67 18.01 -4.59
CA SER F 274 -35.25 17.78 -4.81
C SER F 274 -34.92 16.30 -4.71
N LEU F 275 -33.79 15.92 -5.28
CA LEU F 275 -33.35 14.53 -5.27
C LEU F 275 -33.17 13.95 -3.88
N GLU F 276 -32.68 14.75 -2.93
CA GLU F 276 -32.50 14.23 -1.59
C GLU F 276 -33.85 13.82 -1.00
N ALA F 277 -34.88 14.57 -1.37
CA ALA F 277 -36.26 14.32 -0.92
C ALA F 277 -36.92 13.22 -1.75
N GLY F 278 -36.75 13.27 -3.05
CA GLY F 278 -37.35 12.27 -3.90
C GLY F 278 -36.76 10.87 -3.76
N ASN F 279 -35.46 10.77 -3.60
CA ASN F 279 -34.85 9.46 -3.47
C ASN F 279 -35.16 8.86 -2.09
N ILE F 280 -34.87 9.58 -1.02
CA ILE F 280 -35.16 9.04 0.30
C ILE F 280 -36.68 8.77 0.38
N GLY F 281 -37.44 9.53 -0.37
CA GLY F 281 -38.89 9.39 -0.36
C GLY F 281 -39.41 8.05 -0.82
N TYR F 282 -39.21 7.74 -2.09
CA TYR F 282 -39.69 6.49 -2.64
C TYR F 282 -39.15 5.32 -1.83
N LYS F 283 -37.94 5.47 -1.31
CA LYS F 283 -37.34 4.40 -0.53
C LYS F 283 -37.99 4.16 0.82
N ILE F 284 -38.48 5.23 1.44
CA ILE F 284 -39.14 5.08 2.71
C ILE F 284 -40.48 4.45 2.37
N ALA F 285 -41.08 4.91 1.27
CA ALA F 285 -42.37 4.40 0.82
C ALA F 285 -42.29 2.91 0.59
N GLN F 286 -41.14 2.47 0.12
CA GLN F 286 -40.92 1.07 -0.16
C GLN F 286 -40.63 0.24 1.09
N ARG F 287 -39.49 0.47 1.71
CA ARG F 287 -39.10 -0.27 2.91
C ARG F 287 -39.92 -0.07 4.17
N LEU F 288 -40.68 1.00 4.22
CA LEU F 288 -41.52 1.20 5.38
C LEU F 288 -42.99 1.02 4.99
N GLY F 289 -43.38 1.54 3.84
CA GLY F 289 -44.76 1.43 3.40
C GLY F 289 -45.09 0.12 2.71
N ASN F 290 -44.08 -0.74 2.66
CA ASN F 290 -44.22 -2.04 2.02
C ASN F 290 -44.92 -1.83 0.70
N PHE F 291 -44.46 -0.82 -0.01
CA PHE F 291 -45.01 -0.51 -1.31
C PHE F 291 -44.04 -1.12 -2.29
N GLU F 292 -44.57 -1.60 -3.41
CA GLU F 292 -43.76 -2.18 -4.47
C GLU F 292 -43.34 -1.00 -5.33
N ALA F 293 -42.05 -0.91 -5.62
CA ALA F 293 -41.54 0.21 -6.41
C ALA F 293 -40.85 -0.19 -7.73
N VAL F 294 -41.34 0.37 -8.83
CA VAL F 294 -40.77 0.09 -10.14
C VAL F 294 -39.61 1.07 -10.47
N GLY F 295 -38.37 0.55 -10.46
CA GLY F 295 -37.14 1.31 -10.74
C GLY F 295 -37.17 2.59 -11.58
N PRO F 296 -36.08 3.38 -11.61
CA PRO F 296 -36.10 4.62 -12.41
C PRO F 296 -36.51 4.48 -13.87
N ILE F 297 -37.59 5.16 -14.22
CA ILE F 297 -38.11 5.16 -15.58
C ILE F 297 -37.90 6.55 -16.14
N LEU F 298 -36.87 6.74 -16.97
CA LEU F 298 -36.59 8.04 -17.58
C LEU F 298 -37.79 8.51 -18.41
N GLN F 299 -37.85 9.79 -18.71
CA GLN F 299 -39.00 10.28 -19.44
C GLN F 299 -38.66 11.57 -20.14
N GLY F 300 -39.46 11.87 -21.17
CA GLY F 300 -39.24 13.10 -21.91
C GLY F 300 -38.24 13.03 -23.03
N LEU F 301 -37.59 11.87 -23.23
CA LEU F 301 -36.60 11.68 -24.30
C LEU F 301 -37.28 11.50 -25.67
N ASN F 302 -36.51 11.61 -26.76
CA ASN F 302 -37.03 11.44 -28.13
C ASN F 302 -37.41 9.96 -28.34
N MET F 303 -36.65 9.04 -27.76
CA MET F 303 -36.95 7.61 -27.86
C MET F 303 -36.65 6.96 -26.52
N PRO F 304 -37.49 6.02 -26.13
CA PRO F 304 -37.42 5.27 -24.88
C PRO F 304 -36.03 4.78 -24.53
N VAL F 305 -35.56 5.13 -23.34
CA VAL F 305 -34.27 4.66 -22.83
C VAL F 305 -34.53 4.50 -21.35
N ASN F 306 -34.14 3.36 -20.78
CA ASN F 306 -34.33 3.09 -19.36
C ASN F 306 -33.20 2.36 -18.69
N ASP F 307 -33.03 2.65 -17.40
CA ASP F 307 -31.92 2.09 -16.64
C ASP F 307 -32.28 1.07 -15.55
N LEU F 308 -31.66 -0.12 -15.63
CA LEU F 308 -31.86 -1.17 -14.64
C LEU F 308 -30.75 -0.94 -13.64
N SER F 309 -30.91 -1.47 -12.43
CA SER F 309 -29.89 -1.30 -11.40
C SER F 309 -28.92 -2.47 -11.43
N ARG F 310 -27.62 -2.25 -11.22
CA ARG F 310 -26.69 -3.41 -11.20
C ARG F 310 -27.40 -4.30 -10.19
N GLY F 311 -27.19 -5.61 -10.25
CA GLY F 311 -27.89 -6.44 -9.28
C GLY F 311 -29.41 -6.37 -9.38
N CYS F 312 -29.96 -6.22 -10.58
CA CYS F 312 -31.41 -6.19 -10.72
C CYS F 312 -31.91 -7.63 -10.80
N ASN F 313 -33.18 -7.78 -11.10
CA ASN F 313 -33.79 -9.10 -11.20
C ASN F 313 -33.90 -9.47 -12.67
N ALA F 314 -33.89 -10.77 -12.97
CA ALA F 314 -34.02 -11.20 -14.37
C ALA F 314 -35.41 -10.82 -14.85
N GLU F 315 -36.35 -10.68 -13.92
CA GLU F 315 -37.69 -10.32 -14.31
C GLU F 315 -37.84 -8.81 -14.36
N ASP F 316 -36.92 -8.12 -13.70
CA ASP F 316 -36.93 -6.66 -13.71
C ASP F 316 -36.61 -6.22 -15.13
N VAL F 317 -35.64 -6.90 -15.75
CA VAL F 317 -35.23 -6.63 -17.11
C VAL F 317 -36.44 -6.85 -18.00
N TYR F 318 -37.15 -7.94 -17.75
CA TYR F 318 -38.33 -8.23 -18.52
C TYR F 318 -39.35 -7.10 -18.44
N ASN F 319 -39.64 -6.63 -17.22
CA ASN F 319 -40.61 -5.58 -17.04
C ASN F 319 -40.18 -4.22 -17.57
N LEU F 320 -38.93 -3.82 -17.31
CA LEU F 320 -38.45 -2.53 -17.80
C LEU F 320 -38.68 -2.54 -19.31
N ALA F 321 -38.36 -3.68 -19.93
CA ALA F 321 -38.51 -3.86 -21.36
C ALA F 321 -39.98 -3.60 -21.78
N LEU F 322 -40.92 -4.12 -21.00
CA LEU F 322 -42.32 -3.91 -21.31
C LEU F 322 -42.64 -2.43 -21.23
N ILE F 323 -42.20 -1.78 -20.15
CA ILE F 323 -42.44 -0.37 -19.98
C ILE F 323 -41.79 0.40 -21.12
N THR F 324 -40.53 0.10 -21.41
CA THR F 324 -39.79 0.77 -22.46
C THR F 324 -40.50 0.66 -23.81
N ALA F 325 -40.95 -0.55 -24.14
CA ALA F 325 -41.61 -0.77 -25.43
C ALA F 325 -42.92 -0.03 -25.43
N ALA F 326 -43.45 0.22 -24.24
CA ALA F 326 -44.70 0.93 -24.09
C ALA F 326 -44.46 2.38 -24.49
N GLN F 327 -43.45 2.99 -23.86
CA GLN F 327 -43.06 4.38 -24.11
C GLN F 327 -42.84 4.64 -25.60
N ALA F 328 -42.37 3.61 -26.30
CA ALA F 328 -42.08 3.70 -27.73
C ALA F 328 -43.36 3.71 -28.55
N LEU F 329 -44.25 2.77 -28.24
CA LEU F 329 -45.54 2.67 -28.93
C LEU F 329 -46.21 4.03 -28.98
S SO4 G . 14.55 -27.68 43.48
O1 SO4 G . 13.60 -29.06 43.62
O2 SO4 G . 13.58 -26.55 43.38
O3 SO4 G . 15.38 -27.55 44.55
O4 SO4 G . 15.20 -27.83 42.16
C1 UVW H . -1.13 -9.97 39.90
O1 UVW H . -1.40 -11.08 40.47
C1M UVW H . -0.43 -9.74 38.86
O2 UVW H . -1.79 -8.64 40.55
P UVW H . -0.85 -8.34 41.74
O1P UVW H . -0.91 -6.91 42.16
O2P UVW H . -1.34 -9.17 42.87
O3P UVW H . 0.68 -8.81 41.56
C1 UVW I . 5.27 -23.40 37.58
O1 UVW I . 4.30 -23.97 38.20
C1M UVW I . 6.08 -23.89 36.73
O2 UVW I . 5.52 -21.84 37.94
P UVW I . 4.54 -21.16 36.99
O1P UVW I . 4.27 -19.74 37.38
O2P UVW I . 5.20 -21.10 35.67
O3P UVW I . 3.19 -21.99 36.65
C1 UVW J . 20.38 -9.32 19.90
O1 UVW J . 20.65 -10.49 20.36
C1M UVW J . 20.87 -8.17 20.22
O2 UVW J . 19.27 -9.28 18.70
P UVW J . 17.97 -9.80 19.39
O1P UVW J . 17.00 -8.70 19.71
O2P UVW J . 17.33 -10.67 18.39
O3P UVW J . 18.13 -10.86 20.64
C1 UVW K . 19.93 -14.17 24.52
O1 UVW K . 19.39 -13.11 24.95
C1M UVW K . 19.42 -15.35 24.41
O2 UVW K . 21.49 -14.02 24.06
P UVW K . 21.47 -12.63 23.48
O1P UVW K . 21.27 -11.61 24.50
O2P UVW K . 22.80 -12.41 22.92
O3P UVW K . 20.51 -12.43 22.21
C1 UVW L . 1.89 -3.74 -4.09
O1 UVW L . 0.76 -3.69 -3.44
C1M UVW L . 2.13 -3.48 -5.32
O2 UVW L . 3.21 -4.20 -3.23
P UVW L . 3.05 -5.77 -3.12
O1P UVW L . 4.33 -6.47 -2.81
O2P UVW L . 2.11 -5.99 -1.95
O3P UVW L . 2.25 -6.53 -4.34
C1 UVW M . 4.61 -30.47 -15.15
O1 UVW M . 3.42 -30.92 -15.14
C1M UVW M . 5.13 -29.57 -14.44
O2 UVW M . 5.63 -31.15 -16.21
P UVW M . 4.98 -30.75 -17.53
O1P UVW M . 5.90 -30.92 -18.66
O2P UVW M . 3.86 -31.68 -17.71
O3P UVW M . 4.28 -29.33 -17.57
C1 UVW N . -9.21 -27.07 -10.21
O1 UVW N . -9.49 -28.31 -10.25
C1M UVW N . -9.66 -26.18 -9.44
O2 UVW N . -8.15 -26.55 -11.33
P UVW N . -6.79 -26.88 -10.67
O1P UVW N . -5.69 -26.98 -11.65
O2P UVW N . -6.48 -25.74 -9.80
O3P UVW N . -6.75 -28.10 -9.63
C1 UVW O . -2.48 -7.04 -6.46
O1 UVW O . -2.67 -7.70 -7.52
C1M UVW O . -2.21 -7.46 -5.29
O2 UVW O . -2.67 -5.43 -6.60
P UVW O . -1.33 -4.94 -7.11
O1P UVW O . -1.48 -4.23 -8.35
O2P UVW O . -0.86 -3.96 -6.16
O3P UVW O . -0.10 -5.96 -7.13
S SO4 P . 30.98 35.29 -37.52
O1 SO4 P . 32.37 36.01 -38.12
O2 SO4 P . 30.73 36.05 -36.26
O3 SO4 P . 29.96 35.38 -38.43
O4 SO4 P . 31.36 33.89 -37.18
C1 UVW Q . 17.25 43.82 -19.81
O1 UVW Q . 17.93 44.51 -20.66
C1M UVW Q . 17.64 42.90 -19.01
O2 UVW Q . 15.67 44.17 -19.70
P UVW Q . 15.10 43.51 -20.94
O1P UVW Q . 13.67 43.14 -20.80
O2P UVW Q . 15.25 44.56 -21.98
O3P UVW Q . 15.95 42.27 -21.54
C1 UVW R . 29.88 39.48 -27.21
O1 UVW R . 30.25 40.71 -27.39
C1M UVW R . 30.56 38.42 -27.28
O2 UVW R . 28.33 39.25 -26.83
P UVW R . 28.37 39.57 -25.31
O1P UVW R . 26.98 39.77 -24.71
O2P UVW R . 28.93 38.33 -24.67
O3P UVW R . 29.42 40.74 -24.84
C1 UVW S . 25.40 16.17 -15.43
O1 UVW S . 26.03 16.51 -16.51
C1M UVW S . 24.25 15.66 -15.29
O2 UVW S . 26.20 16.44 -14.04
P UVW S . 26.25 17.96 -13.99
O1P UVW S . 26.50 18.44 -12.62
O2P UVW S . 27.42 18.36 -14.83
O3P UVW S . 25.04 18.77 -14.69
C1 UVW T . 27.91 19.64 -20.25
O1 UVW T . 26.82 20.27 -20.08
C1M UVW T . 29.10 20.12 -20.20
O2 UVW T . 27.79 18.05 -20.63
P UVW T . 26.84 17.44 -19.59
O1P UVW T . 26.13 16.29 -20.14
O2P UVW T . 27.68 16.93 -18.52
O3P UVW T . 25.84 18.40 -18.77
C1 UVW U . 32.57 20.32 14.09
O1 UVW U . 32.54 21.58 14.36
C1M UVW U . 32.49 19.33 14.88
O2 UVW U . 32.73 19.92 12.52
P UVW U . 34.07 20.58 12.13
O1P UVW U . 34.61 20.02 10.89
O2P UVW U . 33.78 22.00 11.89
O3P UVW U . 35.18 20.66 13.28
C1 UVW V . 62.02 19.29 9.62
O1 UVW V . 62.86 20.24 9.87
C1M UVW V . 60.98 19.33 8.91
O2 UVW V . 62.32 17.84 10.32
P UVW V . 62.32 18.23 11.84
O1P UVW V . 62.29 17.05 12.75
O2P UVW V . 63.61 18.93 12.06
O3P UVW V . 61.25 19.38 12.27
C1 UVW W . 55.62 32.67 14.57
O1 UVW W . 56.66 32.26 15.14
C1M UVW W . 55.27 33.85 14.30
O2 UVW W . 54.58 31.52 14.13
P UVW W . 55.47 30.72 13.18
O1P UVW W . 55.95 29.46 13.78
O2P UVW W . 54.63 30.35 12.06
O3P UVW W . 56.63 31.55 12.42
C1 UVW X . 36.38 24.17 16.86
O1 UVW X . 37.58 23.77 16.86
C1M UVW X . 35.84 25.02 16.08
O2 UVW X . 35.41 23.57 18.03
P UVW X . 35.01 22.19 17.52
O1P UVW X . 34.45 21.39 18.57
O2P UVW X . 33.95 22.40 16.56
O3P UVW X . 36.06 21.38 16.65
S SO4 Y . -57.82 -49.87 -10.85
O1 SO4 Y . -58.68 -50.97 -9.91
O2 SO4 Y . -56.54 -49.59 -10.14
O3 SO4 Y . -57.59 -50.40 -12.06
O4 SO4 Y . -58.67 -48.65 -10.80
C1 UVW Z . -43.64 -46.16 7.86
O1 UVW Z . -44.32 -47.04 7.22
C1M UVW Z . -43.92 -44.93 8.09
O2 UVW Z . -42.22 -46.66 8.46
P UVW Z . -41.33 -46.71 7.20
O1P UVW Z . -39.86 -46.81 7.46
O2P UVW Z . -41.72 -47.96 6.51
O3P UVW Z . -41.64 -45.54 6.11
C1 UVW AA . -57.27 -47.33 0.62
O1 UVW AA . -56.94 -48.54 0.86
C1M UVW AA . -58.41 -46.79 0.66
O2 UVW AA . -56.07 -46.34 0.17
P UVW AA . -55.40 -46.07 1.53
O1P UVW AA . -54.13 -45.34 1.39
O2P UVW AA . -56.28 -45.16 2.28
O3P UVW AA . -55.30 -47.32 2.53
C1 UVW BA . -59.60 -8.24 23.96
O1 UVW BA . -59.67 -9.31 24.66
C1M UVW BA . -59.21 -7.08 24.31
O2 UVW BA . -60.01 -8.38 22.39
P UVW BA . -61.53 -8.67 22.43
O1P UVW BA . -62.14 -8.53 21.09
O2P UVW BA . -61.69 -10.09 22.82
O3P UVW BA . -62.39 -7.90 23.56
C1 UVW CA . -56.26 -26.84 -5.62
O1 UVW CA . -56.08 -28.08 -5.75
C1M UVW CA . -56.86 -26.21 -4.66
O2 UVW CA . -55.75 -25.93 -6.90
P UVW CA . -54.55 -25.13 -6.40
O1P UVW CA . -53.82 -24.59 -7.48
O2P UVW CA . -55.05 -23.96 -5.71
O3P UVW CA . -53.61 -25.79 -5.32
C1 UVW DA . -33.69 18.26 -30.57
O1 UVW DA . -33.02 19.22 -31.14
C1M UVW DA . -33.53 17.73 -29.42
O2 UVW DA . -34.90 17.64 -31.46
P UVW DA . -34.12 16.71 -32.40
O1P UVW DA . -35.00 16.03 -33.36
O2P UVW DA . -33.20 17.57 -33.18
O3P UVW DA . -33.12 15.68 -31.68
C1 UVW EA . -19.46 17.52 -24.14
O1 UVW EA . -19.26 18.55 -24.90
C1M UVW EA . -18.76 17.08 -23.20
O2 UVW EA . -20.81 16.65 -24.42
P UVW EA . -21.88 17.74 -24.40
O1P UVW EA . -22.51 17.92 -25.73
O2P UVW EA . -22.95 17.24 -23.50
O3P UVW EA . -21.50 19.16 -23.73
C1 UVW FA . -25.73 3.48 -10.18
O1 UVW FA . -26.48 4.14 -10.96
C1M UVW FA . -24.77 3.89 -9.47
O2 UVW FA . -25.99 1.88 -10.11
P UVW FA . -27.34 1.73 -9.41
O1P UVW FA . -27.57 0.35 -9.03
O2P UVW FA . -27.28 2.46 -8.15
O3P UVW FA . -28.62 2.37 -10.11
#